data_5IMH
#
_entry.id   5IMH
#
_cell.length_a   192.337
_cell.length_b   137.088
_cell.length_c   101.297
_cell.angle_alpha   90.00
_cell.angle_beta   100.75
_cell.angle_gamma   90.00
#
_symmetry.space_group_name_H-M   'C 1 2 1'
#
loop_
_entity.id
_entity.type
_entity.pdbx_description
1 polymer Dipeptidase
2 non-polymer 'COBALT (II) ION'
3 non-polymer 1,2-ETHANEDIOL
4 non-polymer 'ACETATE ION'
5 water water
#
_entity_poly.entity_id   1
_entity_poly.type   'polypeptide(L)'
_entity_poly.pdbx_seq_one_letter_code
;MEKRIKGSCTSILVGKKASIDGSTLISRNDPGHEALDPQRFVVVNPEDQPRDYTSVISKVNVKLPDDPQRYTSIPNSILT
NGIWPAAGINSSNVAMSATETITTNSRVQGLDPFVENGLGEEDLVTVVLPYVKSAREGVKRLGSLLEEYGTYEPNGISFA
DNEEVWWLETIGGHHWAAVRIPDDAYVVAPNRMNIDQFDFDSDDTLCSSDLKDLIDNNNLNPDFENYNLRHIFGSASIKD
TVYNNPRTWYGQKFFSPDDTADDPMEQDLPFICHANRKISVEDVKFVLSSHFENTKYDVYGSGSQSDKTLFRPIGINRNH
NVHILQIRNNVPTEIAGIHWLAYGANTFNTVVPFYANVNDTPVQYKNATGKFDLNNMYWLSCTTALLGDTDYDFYVDMRN
DYELDAMSAYRKIQNDTDADISGQKDIEKYLENANKKLADVAFEKQNKLLGDMVTTGSNNMKLRYNLND
;
_entity_poly.pdbx_strand_id   A,B,C,D,E
#
loop_
_chem_comp.id
_chem_comp.type
_chem_comp.name
_chem_comp.formula
ACT non-polymer 'ACETATE ION' 'C2 H3 O2 -1'
CO non-polymer 'COBALT (II) ION' 'Co 2'
EDO non-polymer 1,2-ETHANEDIOL 'C2 H6 O2'
#
# COMPACT_ATOMS: atom_id res chain seq x y z
N LYS A 3 3.42 44.39 -4.70
CA LYS A 3 4.29 43.23 -4.65
C LYS A 3 5.59 43.45 -5.42
N ARG A 4 6.62 42.67 -5.12
CA ARG A 4 7.86 42.82 -5.87
C ARG A 4 8.74 41.57 -6.11
N ILE A 5 10.03 41.84 -6.01
CA ILE A 5 11.13 41.01 -6.49
C ILE A 5 11.62 39.94 -5.50
N LYS A 6 12.22 38.88 -6.05
CA LYS A 6 13.14 37.90 -5.40
C LYS A 6 12.71 36.41 -5.34
N GLY A 7 13.71 35.52 -5.42
CA GLY A 7 13.51 34.09 -5.61
C GLY A 7 13.96 33.12 -4.52
N SER A 8 14.03 31.84 -4.89
CA SER A 8 14.21 30.72 -3.96
C SER A 8 15.64 30.28 -3.69
N CYS A 9 16.00 30.22 -2.40
CA CYS A 9 17.39 30.04 -1.99
C CYS A 9 17.46 29.01 -0.86
N THR A 10 18.51 28.19 -0.84
CA THR A 10 18.73 27.28 0.29
C THR A 10 20.15 27.50 0.82
N SER A 11 20.25 27.67 2.13
CA SER A 11 21.50 27.94 2.80
C SER A 11 21.87 26.78 3.67
N ILE A 12 23.15 26.41 3.66
CA ILE A 12 23.64 25.38 4.56
C ILE A 12 24.81 25.93 5.32
N LEU A 13 24.74 25.80 6.65
CA LEU A 13 25.79 26.27 7.56
C LEU A 13 26.40 25.11 8.27
N VAL A 14 27.73 25.10 8.37
CA VAL A 14 28.45 24.04 9.06
C VAL A 14 29.48 24.61 10.06
N GLY A 15 29.38 24.19 11.32
CA GLY A 15 30.33 24.59 12.35
C GLY A 15 31.66 23.89 12.23
N LYS A 16 32.69 24.49 12.83
CA LYS A 16 34.07 24.03 12.60
C LYS A 16 34.36 22.61 13.07
N LYS A 17 33.58 22.05 14.00
CA LYS A 17 33.83 20.66 14.33
C LYS A 17 32.92 19.74 13.53
N ALA A 18 31.98 20.30 12.78
CA ALA A 18 31.04 19.48 12.03
C ALA A 18 31.59 19.11 10.63
N SER A 19 32.59 19.85 10.15
CA SER A 19 33.14 19.62 8.82
C SER A 19 34.30 18.62 8.81
N ILE A 20 34.64 18.12 7.64
CA ILE A 20 35.66 17.08 7.53
C ILE A 20 37.08 17.66 7.72
N ASP A 21 37.24 18.96 7.50
CA ASP A 21 38.55 19.57 7.54
C ASP A 21 38.70 20.68 8.60
N GLY A 22 37.71 20.81 9.50
CA GLY A 22 37.81 21.79 10.57
C GLY A 22 37.53 23.24 10.15
N SER A 23 37.07 23.42 8.92
CA SER A 23 36.68 24.75 8.47
C SER A 23 35.25 25.09 8.92
N THR A 24 34.92 26.37 8.83
CA THR A 24 33.51 26.78 8.88
C THR A 24 33.05 26.89 7.43
N LEU A 25 31.78 26.56 7.20
CA LEU A 25 31.16 26.64 5.89
C LEU A 25 29.84 27.38 5.98
N ILE A 26 29.67 28.37 5.11
CA ILE A 26 28.35 28.93 4.84
C ILE A 26 28.13 28.88 3.35
N SER A 27 26.91 28.62 2.93
CA SER A 27 26.65 28.38 1.52
C SER A 27 25.27 28.83 1.09
N ARG A 28 25.06 28.88 -0.23
CA ARG A 28 23.79 29.28 -0.77
C ARG A 28 23.68 28.80 -2.21
N ASN A 29 22.46 28.54 -2.66
CA ASN A 29 22.24 28.42 -4.09
C ASN A 29 21.33 29.56 -4.52
N ASP A 30 21.45 29.97 -5.78
CA ASP A 30 20.93 31.27 -6.22
C ASP A 30 20.07 31.18 -7.47
N PRO A 31 18.81 31.66 -7.43
CA PRO A 31 18.12 31.88 -8.70
C PRO A 31 18.32 33.31 -9.27
N GLY A 32 18.54 33.41 -10.57
CA GLY A 32 18.55 34.67 -11.31
C GLY A 32 17.15 35.11 -11.69
N HIS A 33 16.90 36.42 -11.79
CA HIS A 33 15.57 36.97 -12.17
C HIS A 33 15.29 37.21 -13.62
N GLU A 34 16.31 37.75 -14.27
CA GLU A 34 16.34 37.71 -15.70
C GLU A 34 17.21 36.47 -15.79
N ALA A 35 18.03 36.30 -16.80
CA ALA A 35 18.43 34.92 -17.02
C ALA A 35 19.79 34.57 -17.64
N LEU A 36 20.73 35.50 -17.64
CA LEU A 36 22.05 35.13 -18.12
C LEU A 36 22.94 35.12 -16.88
N ASP A 37 23.73 34.06 -16.73
CA ASP A 37 24.43 33.76 -15.47
C ASP A 37 25.98 33.63 -15.53
N PRO A 38 26.67 34.59 -16.17
CA PRO A 38 28.14 34.56 -16.16
C PRO A 38 28.58 34.75 -14.74
N GLN A 39 29.35 33.82 -14.21
CA GLN A 39 29.67 33.91 -12.81
C GLN A 39 31.00 34.61 -12.65
N ARG A 40 30.97 35.67 -11.84
CA ARG A 40 32.09 36.57 -11.67
C ARG A 40 32.35 36.73 -10.19
N PHE A 41 33.58 37.02 -9.83
CA PHE A 41 33.86 37.43 -8.47
C PHE A 41 34.82 38.62 -8.50
N VAL A 42 34.56 39.57 -7.62
CA VAL A 42 35.06 40.93 -7.73
C VAL A 42 35.73 41.36 -6.43
N VAL A 43 36.80 42.15 -6.51
CA VAL A 43 37.39 42.71 -5.31
C VAL A 43 37.00 44.18 -5.14
N VAL A 44 36.56 44.52 -3.93
CA VAL A 44 36.17 45.87 -3.62
C VAL A 44 37.18 46.45 -2.64
N ASN A 45 38.07 47.28 -3.15
CA ASN A 45 39.13 47.87 -2.34
C ASN A 45 38.59 49.06 -1.56
N PRO A 46 39.19 49.39 -0.40
CA PRO A 46 38.76 50.50 0.47
C PRO A 46 38.48 51.76 -0.33
N GLU A 47 39.25 51.92 -1.39
CA GLU A 47 39.04 52.92 -2.44
C GLU A 47 37.60 53.08 -2.82
N ASP A 48 37.10 51.99 -3.38
CA ASP A 48 35.82 51.87 -4.05
C ASP A 48 34.63 51.83 -3.12
N GLN A 49 34.90 51.94 -1.82
CA GLN A 49 33.81 51.86 -0.88
C GLN A 49 33.34 53.28 -0.54
N PRO A 50 32.05 53.55 -0.81
CA PRO A 50 31.42 54.84 -0.50
C PRO A 50 31.51 55.15 1.00
N ARG A 51 31.59 56.42 1.38
CA ARG A 51 31.46 56.72 2.80
C ARG A 51 30.06 57.29 3.03
N ASP A 52 29.47 57.78 1.94
CA ASP A 52 28.07 58.20 1.98
C ASP A 52 27.30 57.33 1.03
N TYR A 53 26.79 56.23 1.58
CA TYR A 53 26.17 55.20 0.78
C TYR A 53 24.68 55.50 0.62
N THR A 54 24.17 55.17 -0.56
CA THR A 54 22.75 55.34 -0.87
C THR A 54 22.14 53.97 -1.21
N SER A 55 21.14 53.56 -0.42
CA SER A 55 20.51 52.25 -0.59
C SER A 55 19.96 52.03 -1.99
N VAL A 56 19.95 50.78 -2.42
CA VAL A 56 19.65 50.43 -3.80
C VAL A 56 18.22 50.75 -4.20
N ILE A 57 17.26 50.17 -3.48
CA ILE A 57 15.86 50.38 -3.84
C ILE A 57 15.32 51.67 -3.22
N SER A 58 15.53 51.85 -1.92
CA SER A 58 14.89 52.95 -1.22
C SER A 58 15.57 54.31 -1.37
N LYS A 59 16.81 54.33 -1.86
CA LYS A 59 17.60 55.55 -2.03
C LYS A 59 17.90 56.31 -0.74
N VAL A 60 17.69 55.70 0.42
CA VAL A 60 18.02 56.37 1.68
C VAL A 60 19.53 56.50 1.80
N ASN A 61 20.02 57.55 2.48
CA ASN A 61 21.45 57.73 2.58
C ASN A 61 21.96 57.21 3.91
N VAL A 62 22.96 56.34 3.81
CA VAL A 62 23.55 55.69 4.97
C VAL A 62 24.97 56.13 5.19
N LYS A 63 25.28 56.55 6.40
CA LYS A 63 26.63 56.97 6.70
C LYS A 63 27.45 55.76 7.14
N LEU A 64 28.51 55.48 6.40
CA LEU A 64 29.35 54.32 6.73
C LEU A 64 30.64 54.82 7.35
N PRO A 65 31.24 54.02 8.23
CA PRO A 65 32.56 54.29 8.82
C PRO A 65 33.66 54.57 7.77
N ASP A 66 34.78 55.16 8.19
CA ASP A 66 35.74 55.65 7.20
C ASP A 66 36.89 54.64 6.99
N ASP A 67 36.85 53.53 7.71
CA ASP A 67 37.91 52.52 7.62
C ASP A 67 37.50 51.18 7.01
N PRO A 68 36.92 51.19 5.79
CA PRO A 68 36.42 49.93 5.22
C PRO A 68 37.51 48.93 4.89
N GLN A 69 37.24 47.65 5.10
CA GLN A 69 38.18 46.60 4.74
C GLN A 69 37.99 46.24 3.32
N ARG A 70 39.08 45.83 2.67
CA ARG A 70 38.98 45.19 1.35
C ARG A 70 38.10 43.96 1.49
N TYR A 71 37.24 43.71 0.51
CA TYR A 71 36.47 42.50 0.53
C TYR A 71 36.30 42.00 -0.87
N THR A 72 36.18 40.69 -1.01
CA THR A 72 35.85 40.10 -2.30
C THR A 72 34.35 39.92 -2.35
N SER A 73 33.76 40.15 -3.52
CA SER A 73 32.32 40.14 -3.64
C SER A 73 31.86 39.17 -4.70
N ILE A 74 30.67 38.62 -4.51
CA ILE A 74 29.98 37.85 -5.53
C ILE A 74 28.68 38.57 -5.88
N PRO A 75 28.64 39.14 -7.09
CA PRO A 75 27.53 39.95 -7.61
C PRO A 75 26.27 39.11 -7.92
N ASN A 76 25.24 39.69 -8.53
CA ASN A 76 23.95 39.02 -8.82
C ASN A 76 23.20 39.33 -10.11
N SER A 77 21.87 39.20 -9.99
CA SER A 77 20.87 39.33 -11.04
C SER A 77 20.78 40.66 -11.81
N ILE A 78 19.59 40.92 -12.37
CA ILE A 78 19.19 42.26 -12.79
C ILE A 78 18.47 42.86 -11.58
N LEU A 79 18.66 44.17 -11.40
CA LEU A 79 18.52 44.86 -10.14
C LEU A 79 17.91 46.21 -10.50
N THR A 80 17.79 47.15 -9.57
CA THR A 80 17.37 48.48 -9.96
C THR A 80 18.50 49.50 -9.73
N ASN A 81 19.65 49.04 -9.25
CA ASN A 81 20.80 49.93 -9.10
C ASN A 81 22.15 49.28 -8.77
N GLY A 82 22.79 48.81 -9.84
CA GLY A 82 24.17 48.35 -9.83
C GLY A 82 24.21 46.92 -9.34
N ILE A 83 25.29 46.21 -9.63
CA ILE A 83 25.28 44.81 -9.30
C ILE A 83 25.79 44.55 -7.87
N TRP A 84 24.92 44.88 -6.92
CA TRP A 84 25.16 44.69 -5.48
C TRP A 84 25.74 43.32 -5.08
N PRO A 85 26.61 43.32 -4.07
CA PRO A 85 27.21 42.10 -3.54
C PRO A 85 26.22 41.23 -2.76
N ALA A 86 26.15 39.95 -3.12
CA ALA A 86 25.21 39.06 -2.47
C ALA A 86 25.84 38.36 -1.27
N ALA A 87 27.17 38.28 -1.32
CA ALA A 87 27.96 37.55 -0.34
C ALA A 87 29.41 37.96 -0.50
N GLY A 88 30.24 37.68 0.50
CA GLY A 88 31.64 38.00 0.40
C GLY A 88 32.47 37.62 1.61
N ILE A 89 33.79 37.73 1.43
CA ILE A 89 34.74 37.49 2.49
C ILE A 89 35.65 38.72 2.58
N ASN A 90 35.75 39.31 3.75
CA ASN A 90 36.60 40.48 3.88
C ASN A 90 38.02 40.06 4.25
N SER A 91 38.89 41.03 4.41
CA SER A 91 40.32 40.80 4.59
C SER A 91 40.68 40.30 5.98
N SER A 92 39.71 40.34 6.88
CA SER A 92 39.80 39.72 8.21
C SER A 92 39.26 38.29 8.22
N ASN A 93 39.04 37.71 7.04
CA ASN A 93 38.46 36.37 6.98
C ASN A 93 37.10 36.28 7.69
N VAL A 94 36.26 37.30 7.51
CA VAL A 94 34.86 37.18 7.92
C VAL A 94 33.99 36.92 6.67
N ALA A 95 33.16 35.89 6.71
CA ALA A 95 32.24 35.58 5.61
C ALA A 95 30.81 36.04 5.93
N MET A 96 30.10 36.51 4.92
CA MET A 96 28.72 36.94 5.08
C MET A 96 27.93 36.58 3.81
N SER A 97 26.68 36.18 3.96
CA SER A 97 25.82 35.92 2.81
C SER A 97 24.40 36.38 3.10
N ALA A 98 23.86 37.21 2.21
CA ALA A 98 22.58 37.85 2.45
C ALA A 98 21.63 37.65 1.30
N THR A 99 21.35 36.40 0.97
CA THR A 99 20.44 36.12 -0.12
C THR A 99 19.32 35.19 0.24
N GLU A 100 18.94 35.16 1.50
CA GLU A 100 17.94 34.21 1.91
C GLU A 100 16.69 34.93 2.40
N THR A 101 15.75 35.18 1.51
CA THR A 101 14.46 35.71 1.93
C THR A 101 13.74 34.71 2.85
N ILE A 102 13.23 35.15 4.00
CA ILE A 102 12.48 34.25 4.88
C ILE A 102 11.02 34.66 4.99
N THR A 103 10.35 34.30 6.07
CA THR A 103 8.92 34.63 6.20
C THR A 103 8.58 35.43 7.46
N THR A 104 7.32 35.82 7.55
CA THR A 104 6.82 36.59 8.66
C THR A 104 5.34 36.22 8.92
N ASN A 105 4.67 36.99 9.77
CA ASN A 105 3.22 36.84 9.96
C ASN A 105 2.61 38.18 10.30
N SER A 106 1.29 38.28 10.20
CA SER A 106 0.63 39.58 10.33
C SER A 106 0.52 40.12 11.76
N ARG A 107 0.71 39.26 12.76
CA ARG A 107 0.61 39.74 14.14
C ARG A 107 1.81 40.63 14.50
N VAL A 108 3.03 40.19 14.19
CA VAL A 108 4.20 41.03 14.45
C VAL A 108 4.26 42.21 13.47
N GLN A 109 3.83 42.00 12.24
CA GLN A 109 3.82 43.09 11.26
C GLN A 109 2.85 44.18 11.69
N GLY A 110 1.80 43.81 12.42
CA GLY A 110 0.89 44.80 12.95
C GLY A 110 1.53 45.63 14.05
N LEU A 111 2.65 45.16 14.60
CA LEU A 111 3.35 45.90 15.65
C LEU A 111 4.59 46.61 15.13
N ASP A 112 5.38 45.93 14.31
CA ASP A 112 6.61 46.52 13.75
C ASP A 112 6.65 46.27 12.25
N PRO A 113 5.88 47.05 11.48
CA PRO A 113 5.73 46.85 10.03
C PRO A 113 7.02 47.05 9.25
N PHE A 114 7.13 46.37 8.10
CA PHE A 114 8.13 46.69 7.10
C PHE A 114 8.16 48.19 6.89
N VAL A 115 9.36 48.71 6.79
CA VAL A 115 9.53 50.11 6.51
C VAL A 115 9.91 50.29 5.05
N GLU A 116 9.00 50.89 4.28
CA GLU A 116 9.14 51.01 2.84
C GLU A 116 10.41 51.75 2.43
N ASN A 117 10.91 52.64 3.30
CA ASN A 117 12.16 53.32 3.01
C ASN A 117 13.36 52.69 3.72
N GLY A 118 13.26 51.41 4.04
CA GLY A 118 14.32 50.70 4.75
C GLY A 118 15.40 50.08 3.89
N LEU A 119 16.34 49.39 4.52
CA LEU A 119 17.35 48.68 3.78
C LEU A 119 16.74 47.42 3.22
N GLY A 120 17.34 46.91 2.16
CA GLY A 120 16.92 45.64 1.62
C GLY A 120 18.17 44.78 1.66
N GLU A 121 18.04 43.54 1.25
CA GLU A 121 19.15 42.60 1.30
C GLU A 121 20.24 43.05 0.33
N GLU A 122 19.86 43.84 -0.68
CA GLU A 122 20.83 44.32 -1.64
C GLU A 122 21.87 45.23 -0.96
N ASP A 123 21.50 45.80 0.16
CA ASP A 123 22.41 46.72 0.82
C ASP A 123 23.29 46.02 1.85
N LEU A 124 22.87 44.85 2.34
CA LEU A 124 23.39 44.37 3.62
C LEU A 124 24.88 44.07 3.65
N VAL A 125 25.41 43.35 2.67
CA VAL A 125 26.85 43.06 2.66
C VAL A 125 27.68 44.34 2.65
N THR A 126 27.30 45.27 1.76
CA THR A 126 28.02 46.54 1.55
C THR A 126 28.12 47.35 2.83
N VAL A 127 27.03 47.42 3.58
CA VAL A 127 27.01 48.25 4.78
C VAL A 127 27.45 47.51 6.04
N VAL A 128 27.67 46.21 5.95
CA VAL A 128 28.07 45.45 7.15
C VAL A 128 29.48 44.87 7.07
N LEU A 129 29.74 44.07 6.03
CA LEU A 129 30.96 43.26 5.98
C LEU A 129 32.30 44.03 6.11
N PRO A 130 32.44 45.23 5.48
CA PRO A 130 33.76 45.87 5.53
C PRO A 130 34.18 46.44 6.91
N TYR A 131 33.29 46.47 7.88
CA TYR A 131 33.54 47.19 9.12
C TYR A 131 33.55 46.30 10.33
N VAL A 132 33.68 44.98 10.12
CA VAL A 132 33.66 44.04 11.23
C VAL A 132 34.79 43.03 11.09
N LYS A 133 35.27 42.54 12.23
CA LYS A 133 36.41 41.61 12.25
C LYS A 133 36.04 40.26 12.82
N SER A 134 34.76 40.03 13.03
CA SER A 134 34.29 38.72 13.46
C SER A 134 32.85 38.51 13.02
N ALA A 135 32.45 37.24 12.96
CA ALA A 135 31.07 36.92 12.62
C ALA A 135 30.09 37.57 13.61
N ARG A 136 30.42 37.50 14.90
CA ARG A 136 29.55 38.04 15.95
C ARG A 136 29.41 39.58 15.84
N GLU A 137 30.49 40.27 15.45
CA GLU A 137 30.42 41.71 15.16
C GLU A 137 29.51 41.96 13.97
N GLY A 138 29.54 41.06 13.00
CA GLY A 138 28.65 41.15 11.85
C GLY A 138 27.20 41.13 12.31
N VAL A 139 26.90 40.25 13.24
CA VAL A 139 25.58 40.19 13.84
C VAL A 139 25.24 41.52 14.53
N LYS A 140 26.09 42.00 15.41
CA LYS A 140 25.74 43.22 16.18
C LYS A 140 25.61 44.45 15.27
N ARG A 141 26.48 44.55 14.27
CA ARG A 141 26.41 45.72 13.40
C ARG A 141 25.11 45.68 12.55
N LEU A 142 24.81 44.54 11.97
CA LEU A 142 23.59 44.42 11.21
C LEU A 142 22.36 44.70 12.09
N GLY A 143 22.32 44.13 13.29
CA GLY A 143 21.20 44.38 14.18
C GLY A 143 20.99 45.86 14.45
N SER A 144 22.09 46.54 14.75
CA SER A 144 22.08 47.98 15.01
C SER A 144 21.61 48.80 13.79
N LEU A 145 21.97 48.36 12.59
CA LEU A 145 21.55 49.05 11.37
C LEU A 145 20.06 48.82 11.06
N LEU A 146 19.54 47.65 11.40
CA LEU A 146 18.11 47.39 11.21
C LEU A 146 17.31 48.28 12.14
N GLU A 147 17.79 48.42 13.36
CA GLU A 147 17.17 49.29 14.34
C GLU A 147 17.14 50.75 13.84
N GLU A 148 18.20 51.16 13.18
CA GLU A 148 18.33 52.55 12.78
C GLU A 148 17.62 52.89 11.46
N TYR A 149 17.77 52.05 10.44
CA TYR A 149 17.23 52.41 9.14
C TYR A 149 16.00 51.60 8.79
N GLY A 150 15.78 50.54 9.57
CA GLY A 150 14.68 49.63 9.27
C GLY A 150 14.91 48.87 7.97
N THR A 151 13.95 48.02 7.63
CA THR A 151 14.04 47.24 6.42
C THR A 151 12.64 47.01 5.91
N TYR A 152 12.52 46.82 4.60
CA TYR A 152 11.22 46.59 3.99
C TYR A 152 11.01 45.10 3.72
N GLU A 153 11.96 44.27 4.17
CA GLU A 153 11.99 42.80 3.86
C GLU A 153 12.15 41.85 5.05
N PRO A 154 11.74 40.58 4.88
CA PRO A 154 12.14 39.52 5.81
C PRO A 154 13.41 38.77 5.34
N ASN A 155 14.52 38.90 6.05
CA ASN A 155 15.76 38.28 5.57
C ASN A 155 16.49 37.39 6.57
N GLY A 156 17.23 36.43 6.03
CA GLY A 156 18.17 35.60 6.76
C GLY A 156 19.60 35.81 6.27
N ILE A 157 20.51 36.00 7.20
CA ILE A 157 21.88 36.37 6.85
C ILE A 157 22.83 35.45 7.62
N SER A 158 23.82 34.91 6.93
CA SER A 158 24.80 34.03 7.55
C SER A 158 26.10 34.78 7.70
N PHE A 159 26.78 34.56 8.82
CA PHE A 159 28.10 35.11 9.05
C PHE A 159 29.01 33.98 9.51
N ALA A 160 30.28 34.02 9.11
CA ALA A 160 31.24 33.07 9.63
C ALA A 160 32.64 33.68 9.67
N ASP A 161 33.42 33.24 10.65
CA ASP A 161 34.87 33.44 10.66
C ASP A 161 35.45 32.08 10.97
N ASN A 162 36.74 32.00 11.28
CA ASN A 162 37.34 30.69 11.48
C ASN A 162 36.84 29.99 12.75
N GLU A 163 36.12 30.71 13.60
CA GLU A 163 35.64 30.13 14.86
C GLU A 163 34.15 29.81 14.87
N GLU A 164 33.36 30.75 14.37
CA GLU A 164 31.93 30.74 14.63
C GLU A 164 31.12 30.93 13.37
N VAL A 165 29.90 30.42 13.40
CA VAL A 165 28.91 30.63 12.35
C VAL A 165 27.66 31.20 13.01
N TRP A 166 27.13 32.28 12.47
CA TRP A 166 25.92 32.86 13.02
C TRP A 166 24.83 32.96 11.96
N TRP A 167 23.59 32.77 12.38
CA TRP A 167 22.45 32.97 11.51
C TRP A 167 21.58 34.07 12.13
N LEU A 168 21.41 35.17 11.39
CA LEU A 168 20.58 36.29 11.82
C LEU A 168 19.30 36.32 11.01
N GLU A 169 18.18 36.56 11.70
CA GLU A 169 16.90 36.73 11.00
C GLU A 169 16.28 38.07 11.36
N THR A 170 15.86 38.81 10.34
CA THR A 170 15.19 40.08 10.58
C THR A 170 13.73 39.81 10.88
N ILE A 171 13.18 40.66 11.75
CA ILE A 171 11.88 40.47 12.35
C ILE A 171 11.14 41.77 12.28
N GLY A 172 10.12 41.83 11.43
CA GLY A 172 9.45 43.09 11.18
C GLY A 172 10.41 44.13 10.59
N GLY A 173 10.05 45.39 10.78
CA GLY A 173 10.80 46.52 10.27
C GLY A 173 12.12 46.80 10.97
N HIS A 174 12.23 46.48 12.26
CA HIS A 174 13.41 46.90 13.04
C HIS A 174 14.02 45.85 13.95
N HIS A 175 13.32 44.73 14.14
CA HIS A 175 13.79 43.73 15.11
C HIS A 175 14.60 42.62 14.45
N TRP A 176 15.29 41.83 15.26
CA TRP A 176 16.15 40.78 14.77
C TRP A 176 16.52 39.83 15.87
N ALA A 177 17.00 38.65 15.49
CA ALA A 177 17.44 37.66 16.43
C ALA A 177 18.47 36.79 15.73
N ALA A 178 19.45 36.31 16.47
CA ALA A 178 20.51 35.54 15.84
C ALA A 178 21.03 34.42 16.75
N VAL A 179 21.53 33.36 16.11
CA VAL A 179 21.94 32.17 16.82
C VAL A 179 23.32 31.72 16.39
N ARG A 180 24.19 31.42 17.36
CA ARG A 180 25.48 30.84 17.01
C ARG A 180 25.29 29.34 16.75
N ILE A 181 25.60 28.90 15.53
CA ILE A 181 25.50 27.46 15.26
C ILE A 181 26.58 26.73 16.07
N PRO A 182 26.20 25.71 16.88
CA PRO A 182 27.26 24.99 17.61
C PRO A 182 28.32 24.40 16.68
N ASP A 183 29.53 24.27 17.22
CA ASP A 183 30.68 23.82 16.48
C ASP A 183 30.47 22.51 15.75
N ASP A 184 29.71 21.61 16.36
CA ASP A 184 29.59 20.27 15.81
C ASP A 184 28.26 20.13 15.08
N ALA A 185 27.62 21.24 14.79
CA ALA A 185 26.27 21.21 14.25
C ALA A 185 26.23 21.69 12.80
N TYR A 186 25.10 21.51 12.15
CA TYR A 186 24.89 22.08 10.83
C TYR A 186 23.46 22.56 10.73
N VAL A 187 23.18 23.40 9.73
CA VAL A 187 21.84 23.89 9.51
C VAL A 187 21.53 23.80 8.02
N VAL A 188 20.32 23.39 7.68
CA VAL A 188 19.73 23.54 6.34
C VAL A 188 18.57 24.52 6.45
N ALA A 189 18.62 25.65 5.76
CA ALA A 189 17.61 26.70 5.90
C ALA A 189 17.06 27.19 4.59
N PRO A 190 15.76 26.99 4.37
CA PRO A 190 15.10 27.48 3.16
C PRO A 190 14.53 28.88 3.37
N ASN A 191 13.63 29.30 2.49
CA ASN A 191 13.04 30.64 2.50
C ASN A 191 11.92 30.78 3.52
N ARG A 192 12.18 30.35 4.74
CA ARG A 192 11.18 30.33 5.78
C ARG A 192 11.94 30.68 7.05
N MET A 193 11.33 31.43 7.95
CA MET A 193 12.00 31.70 9.22
C MET A 193 12.37 30.38 9.94
N ASN A 194 13.61 30.27 10.39
CA ASN A 194 14.19 29.00 10.82
C ASN A 194 14.40 28.81 12.32
N ILE A 195 14.76 29.89 13.02
CA ILE A 195 15.14 29.83 14.42
C ILE A 195 13.99 29.32 15.26
N ASP A 196 14.22 28.24 16.00
CA ASP A 196 13.17 27.66 16.84
C ASP A 196 13.41 28.00 18.35
N GLN A 197 13.67 27.01 19.19
CA GLN A 197 13.87 27.27 20.62
C GLN A 197 14.95 28.35 20.89
N PHE A 198 14.61 29.34 21.71
CA PHE A 198 15.47 30.50 21.84
C PHE A 198 15.68 30.89 23.32
N ASP A 199 16.93 30.88 23.77
CA ASP A 199 17.31 31.29 25.13
C ASP A 199 17.90 32.71 25.07
N PHE A 200 17.17 33.67 25.59
CA PHE A 200 17.64 35.06 25.58
C PHE A 200 18.96 35.21 26.35
N ASP A 201 19.12 34.48 27.46
CA ASP A 201 20.34 34.53 28.31
C ASP A 201 21.62 34.09 27.67
N SER A 202 21.51 33.24 26.65
CA SER A 202 22.68 32.51 26.19
C SER A 202 23.70 33.38 25.50
N ASP A 203 24.95 32.96 25.62
CA ASP A 203 26.05 33.54 24.86
C ASP A 203 25.90 33.20 23.41
N ASP A 204 25.20 32.10 23.15
CA ASP A 204 25.03 31.61 21.80
C ASP A 204 23.91 32.36 21.09
N THR A 205 23.32 33.37 21.75
CA THR A 205 22.26 34.15 21.10
C THR A 205 22.42 35.66 21.23
N LEU A 206 21.84 36.37 20.27
CA LEU A 206 21.81 37.81 20.28
C LEU A 206 20.48 38.25 19.72
N CYS A 207 19.98 39.39 20.17
CA CYS A 207 18.73 39.93 19.65
C CYS A 207 18.47 41.37 20.06
N SER A 208 17.50 42.00 19.39
CA SER A 208 16.94 43.27 19.81
C SER A 208 16.80 43.28 21.32
N SER A 209 17.21 44.37 21.99
CA SER A 209 17.20 44.37 23.45
C SER A 209 15.76 44.31 23.97
N ASP A 210 14.77 44.72 23.17
CA ASP A 210 13.36 44.67 23.57
C ASP A 210 12.57 43.43 23.07
N LEU A 211 13.24 42.46 22.46
CA LEU A 211 12.52 41.36 21.79
C LEU A 211 11.63 40.55 22.78
N LYS A 212 12.18 40.12 23.92
CA LYS A 212 11.40 39.36 24.88
C LYS A 212 10.17 40.17 25.38
N ASP A 213 10.37 41.44 25.71
CA ASP A 213 9.26 42.29 26.17
C ASP A 213 8.25 42.51 25.06
N LEU A 214 8.74 42.69 23.84
CA LEU A 214 7.89 42.83 22.67
C LEU A 214 6.93 41.63 22.57
N ILE A 215 7.46 40.43 22.81
CA ILE A 215 6.66 39.21 22.76
C ILE A 215 5.70 39.12 23.94
N ASP A 216 6.26 39.22 25.15
CA ASP A 216 5.48 39.06 26.39
C ASP A 216 4.32 40.08 26.51
N ASN A 217 4.57 41.33 26.13
CA ASN A 217 3.58 42.40 26.32
C ASN A 217 2.54 42.52 25.21
N ASN A 218 2.69 41.75 24.13
CA ASN A 218 1.77 41.93 23.03
C ASN A 218 1.06 40.66 22.60
N ASN A 219 1.06 39.66 23.49
CA ASN A 219 0.40 38.37 23.21
C ASN A 219 0.85 37.74 21.88
N LEU A 220 2.14 37.78 21.60
CA LEU A 220 2.67 37.22 20.37
C LEU A 220 2.97 35.73 20.48
N ASN A 221 3.16 35.23 21.70
CA ASN A 221 3.60 33.86 21.92
C ASN A 221 2.44 32.86 21.89
N PRO A 222 2.45 31.96 20.89
CA PRO A 222 1.36 30.98 20.78
C PRO A 222 1.57 29.77 21.70
N ASP A 223 2.75 29.65 22.30
CA ASP A 223 3.05 28.45 23.05
C ASP A 223 2.81 28.62 24.55
N PHE A 224 2.46 27.50 25.19
CA PHE A 224 2.19 27.49 26.62
C PHE A 224 3.48 27.73 27.40
N GLU A 225 4.57 27.14 26.92
CA GLU A 225 5.86 27.34 27.58
C GLU A 225 6.94 27.76 26.59
N ASN A 226 7.91 28.50 27.10
CA ASN A 226 9.12 28.84 26.35
C ASN A 226 8.90 29.71 25.13
N TYR A 227 9.97 29.84 24.36
CA TYR A 227 10.01 30.75 23.24
C TYR A 227 10.55 30.04 22.03
N ASN A 228 9.70 29.95 21.01
CA ASN A 228 10.09 29.42 19.72
C ASN A 228 9.89 30.55 18.74
N LEU A 229 10.99 31.12 18.26
CA LEU A 229 10.90 32.39 17.54
C LEU A 229 10.13 32.25 16.22
N ARG A 230 10.28 31.14 15.51
CA ARG A 230 9.55 31.06 14.26
C ARG A 230 8.05 30.75 14.52
N HIS A 231 7.72 30.11 15.64
CA HIS A 231 6.32 30.05 16.06
C HIS A 231 5.76 31.45 16.30
N ILE A 232 6.57 32.30 16.95
CA ILE A 232 6.18 33.63 17.36
C ILE A 232 6.15 34.62 16.19
N PHE A 233 7.23 34.63 15.42
CA PHE A 233 7.48 35.66 14.41
C PHE A 233 7.39 35.19 12.95
N GLY A 234 7.34 33.88 12.75
CA GLY A 234 7.45 33.33 11.43
C GLY A 234 6.15 32.77 10.90
N SER A 235 6.26 31.77 10.03
CA SER A 235 5.10 31.19 9.39
C SER A 235 5.10 29.68 9.53
N ALA A 236 3.90 29.12 9.50
CA ALA A 236 3.73 27.71 9.24
C ALA A 236 2.55 27.62 8.25
N SER A 237 2.79 28.01 7.01
CA SER A 237 1.71 28.10 6.02
C SER A 237 1.59 26.87 5.12
N ILE A 238 0.56 26.90 4.26
CA ILE A 238 0.43 25.89 3.22
C ILE A 238 1.60 25.94 2.25
N LYS A 239 2.02 27.15 1.87
CA LYS A 239 3.15 27.32 0.96
C LYS A 239 4.45 26.73 1.55
N ASP A 240 4.63 26.83 2.86
CA ASP A 240 5.80 26.25 3.51
C ASP A 240 5.92 24.75 3.32
N THR A 241 4.79 24.02 3.39
CA THR A 241 4.84 22.57 3.39
C THR A 241 5.35 22.00 2.08
N VAL A 242 5.18 22.73 0.97
CA VAL A 242 5.60 22.22 -0.33
C VAL A 242 6.80 22.98 -0.89
N TYR A 243 6.99 24.22 -0.47
CA TYR A 243 8.03 25.07 -1.05
C TYR A 243 9.30 25.17 -0.21
N ASN A 244 9.16 24.96 1.11
CA ASN A 244 10.28 25.16 2.04
C ASN A 244 10.70 23.91 2.81
N ASN A 245 9.78 23.38 3.61
CA ASN A 245 10.02 22.21 4.44
C ASN A 245 10.61 20.95 3.74
N PRO A 246 10.14 20.58 2.53
CA PRO A 246 10.79 19.41 1.90
C PRO A 246 12.29 19.65 1.63
N ARG A 247 12.68 20.90 1.39
CA ARG A 247 14.08 21.23 1.18
C ARG A 247 14.87 21.04 2.47
N THR A 248 14.28 21.48 3.58
CA THR A 248 14.91 21.25 4.88
C THR A 248 15.03 19.75 5.13
N TRP A 249 13.92 19.07 4.89
CA TRP A 249 13.80 17.65 5.15
C TRP A 249 14.84 16.87 4.36
N TYR A 250 14.96 17.21 3.08
CA TYR A 250 15.86 16.52 2.18
C TYR A 250 17.32 16.59 2.66
N GLY A 251 17.78 17.81 2.98
CA GLY A 251 19.09 18.00 3.56
C GLY A 251 19.27 17.23 4.86
N GLN A 252 18.26 17.25 5.73
CA GLN A 252 18.39 16.59 7.04
C GLN A 252 18.36 15.05 6.88
N LYS A 253 17.61 14.58 5.88
CA LYS A 253 17.61 13.15 5.56
C LYS A 253 18.99 12.68 5.11
N PHE A 254 19.72 13.52 4.38
CA PHE A 254 21.03 13.18 3.85
C PHE A 254 22.11 13.15 4.91
N PHE A 255 22.07 14.13 5.81
CA PHE A 255 23.09 14.26 6.86
C PHE A 255 22.74 13.52 8.13
N SER A 256 21.45 13.47 8.43
CA SER A 256 20.99 12.81 9.66
C SER A 256 19.86 11.84 9.39
N PRO A 257 20.14 10.76 8.64
CA PRO A 257 19.08 9.83 8.22
C PRO A 257 18.35 9.18 9.39
N ASP A 258 19.05 8.91 10.48
CA ASP A 258 18.46 8.22 11.63
C ASP A 258 17.80 9.16 12.68
N ASP A 259 17.83 10.48 12.45
CA ASP A 259 17.11 11.41 13.32
C ASP A 259 15.98 12.07 12.56
N THR A 260 15.80 11.68 11.31
CA THR A 260 14.83 12.40 10.51
C THR A 260 13.77 11.42 10.05
N ALA A 261 12.52 11.72 10.39
CA ALA A 261 11.38 10.90 10.01
C ALA A 261 11.10 11.13 8.52
N ASP A 262 9.93 10.74 8.03
CA ASP A 262 9.70 10.63 6.59
C ASP A 262 8.67 11.60 6.02
N ASP A 263 8.43 12.68 6.74
CA ASP A 263 7.45 13.64 6.29
C ASP A 263 8.13 14.94 5.84
N PRO A 264 8.29 15.10 4.51
CA PRO A 264 8.89 16.32 3.97
C PRO A 264 8.03 17.56 4.22
N MET A 265 6.82 17.38 4.70
CA MET A 265 5.96 18.53 4.90
C MET A 265 6.07 19.08 6.33
N GLU A 266 6.66 18.30 7.23
CA GLU A 266 6.81 18.67 8.65
C GLU A 266 7.17 20.14 8.91
N GLN A 267 6.33 20.83 9.68
CA GLN A 267 6.54 22.25 9.97
C GLN A 267 7.55 22.49 11.12
N ASP A 268 7.82 21.45 11.91
CA ASP A 268 8.69 21.60 13.07
C ASP A 268 9.95 20.75 12.97
N LEU A 269 10.55 20.64 11.78
CA LEU A 269 11.89 20.07 11.67
C LEU A 269 12.81 20.98 12.49
N PRO A 270 13.77 20.39 13.22
CA PRO A 270 14.65 21.22 14.07
C PRO A 270 15.50 22.17 13.23
N PHE A 271 15.90 23.27 13.84
CA PHE A 271 16.80 24.21 13.20
C PHE A 271 18.24 23.67 13.29
N ILE A 272 18.74 23.50 14.51
CA ILE A 272 20.06 22.90 14.70
C ILE A 272 20.09 21.38 14.56
N CYS A 273 21.06 20.86 13.81
CA CYS A 273 21.12 19.42 13.63
C CYS A 273 22.53 18.88 13.83
N HIS A 274 22.62 17.56 14.00
CA HIS A 274 23.89 16.88 14.12
C HIS A 274 23.95 15.74 13.13
N ALA A 275 24.90 15.84 12.22
CA ALA A 275 25.03 14.83 11.19
C ALA A 275 25.70 13.59 11.79
N ASN A 276 25.57 12.46 11.13
CA ASN A 276 26.21 11.23 11.60
C ASN A 276 27.67 11.08 11.09
N ARG A 277 28.22 12.15 10.52
CA ARG A 277 29.55 12.11 9.94
C ARG A 277 30.00 13.53 9.68
N LYS A 278 31.30 13.70 9.42
CA LYS A 278 31.78 15.03 9.11
C LYS A 278 31.42 15.41 7.68
N ILE A 279 31.18 16.70 7.49
CA ILE A 279 30.65 17.19 6.23
C ILE A 279 31.76 17.80 5.37
N SER A 280 31.77 17.42 4.09
CA SER A 280 32.76 17.88 3.13
C SER A 280 32.18 18.99 2.28
N VAL A 281 33.03 19.66 1.51
CA VAL A 281 32.56 20.63 0.52
C VAL A 281 31.70 19.89 -0.53
N GLU A 282 32.13 18.71 -0.96
CA GLU A 282 31.38 17.93 -1.95
C GLU A 282 29.95 17.61 -1.47
N ASP A 283 29.78 17.35 -0.16
CA ASP A 283 28.46 17.07 0.37
C ASP A 283 27.55 18.27 0.21
N VAL A 284 28.05 19.43 0.63
CA VAL A 284 27.27 20.65 0.64
C VAL A 284 26.90 20.96 -0.81
N LYS A 285 27.87 20.91 -1.72
CA LYS A 285 27.63 21.12 -3.14
C LYS A 285 26.52 20.21 -3.66
N PHE A 286 26.58 18.93 -3.31
CA PHE A 286 25.57 17.99 -3.76
C PHE A 286 24.16 18.37 -3.27
N VAL A 287 24.00 18.60 -1.97
CA VAL A 287 22.69 18.92 -1.42
C VAL A 287 22.09 20.18 -2.03
N LEU A 288 22.95 21.17 -2.24
CA LEU A 288 22.51 22.42 -2.82
C LEU A 288 22.21 22.28 -4.32
N SER A 289 22.60 21.14 -4.91
CA SER A 289 22.39 20.87 -6.33
C SER A 289 21.27 19.89 -6.64
N SER A 290 20.84 19.11 -5.64
CA SER A 290 20.10 17.89 -5.90
C SER A 290 18.61 17.87 -5.52
N HIS A 291 17.78 17.57 -6.50
CA HIS A 291 16.33 17.78 -6.46
C HIS A 291 15.49 16.62 -5.90
N PHE A 292 15.95 16.04 -4.77
CA PHE A 292 15.31 14.91 -4.04
C PHE A 292 15.47 13.52 -4.67
N GLU A 293 16.66 13.12 -5.14
CA GLU A 293 16.69 11.97 -6.05
C GLU A 293 17.24 10.69 -5.42
N ASN A 294 16.26 9.83 -5.16
CA ASN A 294 16.30 8.41 -4.84
C ASN A 294 14.91 8.05 -5.37
N THR A 295 14.28 6.94 -5.05
CA THR A 295 13.06 6.60 -5.80
C THR A 295 11.93 7.65 -5.60
N LYS A 296 12.00 8.34 -4.47
CA LYS A 296 10.96 9.29 -4.01
C LYS A 296 10.50 10.37 -4.99
N TYR A 297 11.30 11.42 -5.08
CA TYR A 297 10.91 12.64 -5.75
C TYR A 297 12.01 13.01 -6.74
N ASP A 298 11.92 12.51 -7.97
CA ASP A 298 12.90 12.90 -8.99
C ASP A 298 12.64 14.38 -9.21
N VAL A 299 13.38 14.99 -10.14
CA VAL A 299 12.76 16.08 -10.92
C VAL A 299 13.12 16.06 -12.43
N TYR A 300 12.52 15.19 -13.25
CA TYR A 300 11.85 13.96 -12.85
C TYR A 300 12.03 12.84 -13.96
N GLY A 301 11.48 11.63 -13.73
CA GLY A 301 11.67 10.43 -14.54
C GLY A 301 10.64 9.28 -14.51
N SER A 302 10.97 8.15 -13.88
CA SER A 302 10.26 6.85 -14.04
C SER A 302 9.02 6.41 -13.20
N GLY A 303 8.43 7.28 -12.38
CA GLY A 303 7.38 6.82 -11.45
C GLY A 303 7.88 7.10 -10.06
N SER A 304 7.11 7.77 -9.20
CA SER A 304 5.72 8.24 -9.38
C SER A 304 5.45 9.59 -10.08
N GLN A 305 4.18 9.95 -10.21
CA GLN A 305 3.82 11.37 -10.27
C GLN A 305 2.40 11.43 -9.68
N SER A 306 2.37 10.89 -8.46
CA SER A 306 1.28 11.08 -7.52
C SER A 306 1.98 11.57 -6.26
N ASP A 307 3.29 11.42 -6.27
CA ASP A 307 4.20 11.97 -5.29
C ASP A 307 4.76 13.28 -5.91
N LYS A 308 4.13 13.73 -7.00
CA LYS A 308 4.78 14.82 -7.78
C LYS A 308 4.15 15.93 -8.60
N THR A 309 5.06 16.90 -8.77
CA THR A 309 4.98 18.13 -9.54
C THR A 309 4.88 19.28 -8.53
N LEU A 310 4.36 18.93 -7.35
CA LEU A 310 4.05 19.92 -6.31
C LEU A 310 5.00 20.09 -5.08
N PHE A 311 6.25 19.62 -5.14
CA PHE A 311 7.28 20.00 -4.14
C PHE A 311 8.33 20.87 -4.85
N ARG A 312 9.22 21.54 -4.10
CA ARG A 312 10.15 22.52 -4.69
C ARG A 312 11.61 22.00 -4.63
N PRO A 313 12.17 21.74 -5.82
CA PRO A 313 13.53 21.30 -6.20
C PRO A 313 14.71 22.16 -5.63
N ILE A 314 15.76 21.55 -5.08
CA ILE A 314 17.02 22.28 -4.72
C ILE A 314 18.31 21.58 -5.12
N GLY A 315 19.17 22.30 -5.83
CA GLY A 315 19.00 23.72 -6.03
C GLY A 315 18.73 23.96 -7.47
N ILE A 316 17.75 23.21 -7.98
CA ILE A 316 17.33 23.29 -9.36
C ILE A 316 15.89 23.88 -9.55
N ASN A 317 15.70 24.97 -10.29
CA ASN A 317 14.41 25.14 -11.02
C ASN A 317 14.28 25.69 -12.48
N ARG A 318 15.20 26.48 -13.04
CA ARG A 318 16.47 26.80 -12.47
C ARG A 318 17.02 28.19 -12.67
N ASN A 319 17.81 28.55 -11.68
CA ASN A 319 19.13 29.07 -11.89
C ASN A 319 19.94 28.13 -11.00
N HIS A 320 21.19 27.87 -11.34
CA HIS A 320 21.91 26.88 -10.57
C HIS A 320 23.32 27.37 -10.32
N ASN A 321 23.44 28.14 -9.26
CA ASN A 321 24.70 28.65 -8.83
C ASN A 321 24.88 28.20 -7.39
N VAL A 322 25.82 27.31 -7.13
CA VAL A 322 26.12 26.99 -5.76
C VAL A 322 27.30 27.85 -5.35
N HIS A 323 27.22 28.48 -4.19
CA HIS A 323 28.27 29.34 -3.70
C HIS A 323 28.63 28.87 -2.30
N ILE A 324 29.90 28.53 -2.06
CA ILE A 324 30.28 28.07 -0.73
C ILE A 324 31.43 28.91 -0.17
N LEU A 325 31.20 29.53 0.98
CA LEU A 325 32.25 30.35 1.62
C LEU A 325 32.84 29.52 2.72
N GLN A 326 34.14 29.26 2.62
CA GLN A 326 34.82 28.42 3.58
C GLN A 326 35.93 29.22 4.29
N ILE A 327 35.94 29.22 5.62
CA ILE A 327 37.07 29.81 6.34
C ILE A 327 37.82 28.65 7.01
N ARG A 328 39.02 28.35 6.54
CA ARG A 328 39.72 27.14 6.97
C ARG A 328 40.52 27.32 8.26
N ASN A 329 40.94 26.22 8.87
CA ASN A 329 41.82 26.28 10.04
C ASN A 329 43.06 25.43 9.81
N ASN A 330 44.04 25.57 10.70
CA ASN A 330 45.29 24.84 10.56
C ASN A 330 46.00 25.12 9.22
N VAL A 331 45.80 26.33 8.73
CA VAL A 331 46.57 26.88 7.61
C VAL A 331 46.90 28.31 8.04
N PRO A 332 47.95 28.90 7.44
CA PRO A 332 48.16 30.30 7.81
C PRO A 332 46.91 31.11 7.45
N THR A 333 46.59 32.07 8.30
CA THR A 333 45.40 32.87 8.13
C THR A 333 45.31 33.54 6.71
N GLU A 334 46.45 33.82 6.06
CA GLU A 334 46.45 34.50 4.77
C GLU A 334 45.92 33.64 3.61
N ILE A 335 45.84 32.32 3.79
CA ILE A 335 45.32 31.44 2.74
C ILE A 335 44.12 30.66 3.21
N ALA A 336 43.49 31.13 4.28
CA ALA A 336 42.37 30.43 4.91
C ALA A 336 41.01 30.65 4.22
N GLY A 337 40.79 31.86 3.69
CA GLY A 337 39.51 32.22 3.12
C GLY A 337 39.36 31.71 1.70
N ILE A 338 38.35 30.87 1.47
CA ILE A 338 38.10 30.31 0.15
C ILE A 338 36.69 30.63 -0.33
N HIS A 339 36.61 31.18 -1.54
CA HIS A 339 35.34 31.39 -2.26
C HIS A 339 35.08 30.26 -3.21
N TRP A 340 34.28 29.25 -2.86
CA TRP A 340 33.92 28.21 -3.82
C TRP A 340 32.85 28.75 -4.76
N LEU A 341 33.27 29.13 -5.96
CA LEU A 341 32.38 29.85 -6.86
C LEU A 341 31.84 28.96 -7.97
N ALA A 342 30.57 29.13 -8.31
CA ALA A 342 29.91 28.25 -9.29
C ALA A 342 30.39 28.44 -10.73
N TYR A 343 30.44 27.32 -11.45
CA TYR A 343 30.83 27.25 -12.85
C TYR A 343 30.52 25.83 -13.33
N GLY A 344 29.40 25.60 -14.01
CA GLY A 344 28.47 26.59 -14.51
C GLY A 344 28.48 26.22 -15.97
N ALA A 345 27.33 25.93 -16.59
CA ALA A 345 26.02 25.93 -15.95
C ALA A 345 25.20 24.69 -16.32
N ASN A 346 23.89 24.86 -16.48
CA ASN A 346 22.95 23.75 -16.68
C ASN A 346 23.12 22.73 -15.55
N THR A 347 23.31 21.47 -15.92
CA THR A 347 23.53 20.40 -14.97
C THR A 347 25.02 20.07 -14.94
N PHE A 348 25.84 20.87 -15.60
CA PHE A 348 27.29 20.67 -15.61
C PHE A 348 28.01 21.73 -14.78
N ASN A 349 27.49 22.02 -13.59
CA ASN A 349 28.12 23.05 -12.77
C ASN A 349 29.10 22.45 -11.76
N THR A 350 30.19 23.17 -11.54
CA THR A 350 31.16 22.82 -10.52
C THR A 350 31.42 24.05 -9.64
N VAL A 351 32.08 23.84 -8.51
CA VAL A 351 32.52 24.98 -7.73
C VAL A 351 34.04 25.02 -7.72
N VAL A 352 34.59 26.20 -8.00
CA VAL A 352 36.03 26.40 -8.09
C VAL A 352 36.46 27.15 -6.83
N PRO A 353 37.46 26.59 -6.11
CA PRO A 353 37.91 27.17 -4.83
C PRO A 353 38.90 28.33 -4.97
N PHE A 354 38.42 29.53 -5.28
CA PHE A 354 39.32 30.67 -5.37
C PHE A 354 39.73 31.14 -3.99
N TYR A 355 41.00 31.47 -3.82
CA TYR A 355 41.46 32.10 -2.58
C TYR A 355 40.84 33.48 -2.53
N ALA A 356 40.29 33.84 -1.37
CA ALA A 356 39.62 35.13 -1.24
C ALA A 356 40.59 36.28 -0.99
N ASN A 357 41.77 35.96 -0.47
CA ASN A 357 42.74 36.96 -0.02
C ASN A 357 43.58 37.53 -1.15
N VAL A 358 42.97 38.26 -2.07
CA VAL A 358 43.68 38.75 -3.26
C VAL A 358 43.20 40.16 -3.52
N ASN A 359 43.96 40.93 -4.30
CA ASN A 359 43.57 42.29 -4.63
C ASN A 359 43.09 42.43 -6.06
N ASP A 360 43.29 41.39 -6.86
CA ASP A 360 42.86 41.42 -8.23
C ASP A 360 42.40 40.02 -8.65
N THR A 361 41.64 39.99 -9.74
CA THR A 361 40.96 38.81 -10.23
C THR A 361 41.54 38.36 -11.57
N PRO A 362 41.51 37.03 -11.86
CA PRO A 362 41.87 36.45 -13.17
C PRO A 362 41.21 37.21 -14.32
N VAL A 363 41.94 37.40 -15.43
CA VAL A 363 41.46 38.26 -16.53
C VAL A 363 40.06 37.90 -17.06
N GLN A 364 39.73 36.61 -17.05
CA GLN A 364 38.41 36.15 -17.46
C GLN A 364 37.23 36.88 -16.84
N TYR A 365 37.37 37.39 -15.61
CA TYR A 365 36.18 37.88 -14.91
C TYR A 365 36.05 39.39 -14.95
N LYS A 366 36.79 40.02 -15.85
CA LYS A 366 36.59 41.44 -16.13
C LYS A 366 36.51 41.71 -17.65
N ASN A 367 36.67 40.67 -18.47
CA ASN A 367 36.59 40.88 -19.92
C ASN A 367 35.12 40.81 -20.36
N ALA A 368 34.94 40.69 -21.68
CA ALA A 368 33.68 40.26 -22.30
C ALA A 368 33.97 38.93 -23.00
N THR A 369 33.09 37.91 -23.03
CA THR A 369 31.64 37.84 -22.70
C THR A 369 30.87 38.83 -23.56
N GLY A 370 31.35 38.94 -24.80
CA GLY A 370 30.64 39.66 -25.84
C GLY A 370 29.92 38.61 -26.66
N LYS A 371 30.18 38.57 -27.96
CA LYS A 371 29.55 37.62 -28.87
C LYS A 371 30.25 36.26 -28.83
N PHE A 372 29.53 35.20 -29.22
CA PHE A 372 29.99 33.82 -29.15
C PHE A 372 31.45 33.64 -29.53
N ASP A 373 32.19 33.00 -28.63
CA ASP A 373 33.62 32.73 -28.81
C ASP A 373 33.99 31.55 -27.92
N LEU A 374 34.46 30.46 -28.52
CA LEU A 374 34.70 29.24 -27.74
C LEU A 374 35.95 29.30 -26.89
N ASN A 375 36.71 30.39 -27.03
CA ASN A 375 37.84 30.62 -26.17
C ASN A 375 37.36 31.27 -24.87
N ASN A 376 36.09 31.61 -24.80
CA ASN A 376 35.49 32.26 -23.63
C ASN A 376 34.72 31.26 -22.76
N MET A 377 34.98 31.28 -21.46
CA MET A 377 34.40 30.31 -20.54
C MET A 377 32.86 30.30 -20.56
N TYR A 378 32.26 31.47 -20.70
CA TYR A 378 30.80 31.56 -20.68
C TYR A 378 30.23 30.80 -21.89
N TRP A 379 30.74 31.10 -23.08
CA TRP A 379 30.16 30.49 -24.29
C TRP A 379 30.49 29.00 -24.35
N LEU A 380 31.68 28.62 -23.88
CA LEU A 380 32.02 27.21 -23.80
C LEU A 380 31.01 26.48 -22.90
N SER A 381 30.70 27.06 -21.73
CA SER A 381 29.68 26.52 -20.81
C SER A 381 28.32 26.43 -21.44
N CYS A 382 27.88 27.49 -22.12
CA CYS A 382 26.60 27.47 -22.82
C CYS A 382 26.57 26.34 -23.87
N THR A 383 27.72 26.10 -24.52
CA THR A 383 27.80 25.06 -25.55
C THR A 383 27.58 23.72 -24.91
N THR A 384 28.36 23.46 -23.86
CA THR A 384 28.22 22.25 -23.03
C THR A 384 26.84 22.10 -22.43
N ALA A 385 26.27 23.21 -21.97
CA ALA A 385 24.93 23.19 -21.38
C ALA A 385 23.90 22.70 -22.40
N LEU A 386 23.86 23.37 -23.56
CA LEU A 386 22.90 23.05 -24.63
C LEU A 386 23.06 21.67 -25.21
N LEU A 387 24.31 21.25 -25.40
CA LEU A 387 24.58 19.94 -25.94
C LEU A 387 24.16 18.87 -24.94
N GLY A 388 24.07 19.28 -23.68
CA GLY A 388 23.75 18.38 -22.59
C GLY A 388 22.34 17.84 -22.65
N ASP A 389 21.41 18.66 -23.11
CA ASP A 389 20.01 18.24 -23.16
C ASP A 389 19.67 17.56 -24.49
N THR A 390 20.68 17.01 -25.16
CA THR A 390 20.50 16.30 -26.42
C THR A 390 19.80 14.98 -26.19
N ASP A 391 20.39 14.24 -25.27
CA ASP A 391 20.04 12.88 -24.96
C ASP A 391 20.54 12.74 -23.52
N TYR A 392 19.92 13.49 -22.59
CA TYR A 392 20.67 13.85 -21.39
C TYR A 392 21.03 12.67 -20.47
N ASP A 393 20.28 11.59 -20.51
CA ASP A 393 20.73 10.38 -19.82
C ASP A 393 21.53 9.44 -20.73
N PHE A 394 22.17 10.04 -21.72
CA PHE A 394 23.34 9.47 -22.37
C PHE A 394 24.57 10.21 -21.84
N TYR A 395 24.33 11.38 -21.26
CA TYR A 395 25.39 12.24 -20.73
C TYR A 395 25.38 12.30 -19.20
N VAL A 396 24.60 11.42 -18.57
CA VAL A 396 24.43 11.52 -17.13
C VAL A 396 25.60 10.89 -16.39
N ASP A 397 26.22 9.89 -17.00
CA ASP A 397 27.31 9.25 -16.31
C ASP A 397 28.64 9.96 -16.61
N MET A 398 28.71 10.64 -17.75
CA MET A 398 29.92 11.42 -18.03
C MET A 398 29.81 12.80 -17.39
N ARG A 399 28.64 13.09 -16.87
CA ARG A 399 28.49 14.31 -16.13
C ARG A 399 29.07 14.14 -14.75
N ASN A 400 28.89 12.96 -14.18
CA ASN A 400 29.34 12.75 -12.84
C ASN A 400 30.84 12.59 -12.81
N ASP A 401 31.39 12.08 -13.90
CA ASP A 401 32.83 11.91 -14.01
C ASP A 401 33.50 13.22 -14.26
N TYR A 402 32.80 14.09 -14.98
CA TYR A 402 33.30 15.42 -15.23
C TYR A 402 33.52 16.19 -13.94
N GLU A 403 32.47 16.22 -13.11
CA GLU A 403 32.50 16.95 -11.85
C GLU A 403 33.55 16.35 -10.91
N LEU A 404 33.58 15.04 -10.83
CA LEU A 404 34.58 14.37 -10.02
C LEU A 404 35.99 14.75 -10.47
N ASP A 405 36.22 14.71 -11.78
CA ASP A 405 37.55 14.94 -12.34
C ASP A 405 37.96 16.42 -12.18
N ALA A 406 37.00 17.31 -12.34
CA ALA A 406 37.27 18.72 -12.20
C ALA A 406 37.56 19.09 -10.72
N MET A 407 36.72 18.63 -9.78
CA MET A 407 36.96 18.87 -8.34
C MET A 407 38.34 18.38 -8.00
N SER A 408 38.67 17.19 -8.52
CA SER A 408 39.96 16.57 -8.23
C SER A 408 41.11 17.47 -8.66
N ALA A 409 40.98 18.08 -9.84
CA ALA A 409 42.00 18.95 -10.39
C ALA A 409 42.11 20.27 -9.60
N TYR A 410 40.96 20.80 -9.18
CA TYR A 410 40.91 22.00 -8.34
C TYR A 410 41.60 21.76 -6.99
N ARG A 411 41.31 20.61 -6.39
CA ARG A 411 41.85 20.28 -5.07
C ARG A 411 43.36 20.05 -5.13
N LYS A 412 43.83 19.50 -6.24
CA LYS A 412 45.25 19.32 -6.44
C LYS A 412 45.95 20.69 -6.37
N ILE A 413 45.38 21.67 -7.05
CA ILE A 413 45.97 23.00 -7.04
C ILE A 413 45.88 23.62 -5.65
N GLN A 414 44.73 23.49 -5.01
CA GLN A 414 44.61 24.02 -3.66
C GLN A 414 45.66 23.34 -2.74
N ASN A 415 45.76 22.02 -2.80
CA ASN A 415 46.70 21.29 -1.94
C ASN A 415 48.16 21.68 -2.23
N ASP A 416 48.54 21.75 -3.51
CA ASP A 416 49.92 22.11 -3.85
C ASP A 416 50.25 23.53 -3.39
N THR A 417 49.29 24.42 -3.54
CA THR A 417 49.45 25.82 -3.16
C THR A 417 49.58 25.95 -1.65
N ASP A 418 48.66 25.31 -0.93
CA ASP A 418 48.72 25.29 0.52
C ASP A 418 50.07 24.73 0.98
N ALA A 419 50.53 23.64 0.36
CA ALA A 419 51.68 22.89 0.84
C ALA A 419 53.01 23.61 0.64
N ASP A 420 53.00 24.66 -0.17
CA ASP A 420 54.26 25.36 -0.52
C ASP A 420 54.26 26.82 -0.06
N ILE A 421 53.43 27.14 0.93
CA ILE A 421 53.21 28.55 1.32
C ILE A 421 54.37 29.13 2.13
N SER A 422 55.10 28.27 2.84
CA SER A 422 55.98 28.71 3.92
C SER A 422 57.13 29.68 3.56
N GLY A 423 57.71 29.61 2.37
CA GLY A 423 58.81 30.52 2.08
C GLY A 423 58.49 31.63 1.10
N GLN A 424 57.21 31.97 0.98
CA GLN A 424 56.75 32.85 -0.07
C GLN A 424 56.85 34.31 0.34
N LYS A 425 57.40 35.15 -0.52
CA LYS A 425 57.66 36.54 -0.13
C LYS A 425 56.53 37.43 -0.54
N ASP A 426 55.70 36.97 -1.47
CA ASP A 426 54.59 37.79 -1.88
C ASP A 426 53.33 36.94 -1.89
N ILE A 427 52.72 36.74 -0.73
CA ILE A 427 51.61 35.82 -0.61
C ILE A 427 50.43 36.21 -1.51
N GLU A 428 50.17 37.50 -1.62
CA GLU A 428 49.04 37.96 -2.40
C GLU A 428 49.19 37.61 -3.92
N LYS A 429 50.39 37.81 -4.48
CA LYS A 429 50.63 37.47 -5.87
C LYS A 429 50.66 35.97 -6.02
N TYR A 430 51.16 35.30 -5.01
CA TYR A 430 51.17 33.84 -4.95
C TYR A 430 49.76 33.30 -5.11
N LEU A 431 48.82 33.89 -4.38
CA LEU A 431 47.43 33.46 -4.44
C LEU A 431 46.77 33.89 -5.74
N GLU A 432 47.14 35.06 -6.28
CA GLU A 432 46.60 35.47 -7.59
C GLU A 432 46.96 34.44 -8.69
N ASN A 433 48.17 33.92 -8.62
CA ASN A 433 48.66 32.95 -9.57
C ASN A 433 47.90 31.62 -9.41
N ALA A 434 47.62 31.24 -8.17
CA ALA A 434 46.86 30.02 -7.93
C ALA A 434 45.45 30.16 -8.48
N ASN A 435 44.83 31.32 -8.25
CA ASN A 435 43.47 31.56 -8.75
C ASN A 435 43.48 31.51 -10.28
N LYS A 436 44.58 31.94 -10.90
CA LYS A 436 44.66 31.90 -12.35
C LYS A 436 44.88 30.46 -12.86
N LYS A 437 45.65 29.63 -12.13
CA LYS A 437 45.73 28.21 -12.45
C LYS A 437 44.34 27.54 -12.38
N LEU A 438 43.55 27.96 -11.39
CA LEU A 438 42.25 27.36 -11.17
C LEU A 438 41.29 27.70 -12.31
N ALA A 439 41.30 28.98 -12.70
CA ALA A 439 40.48 29.45 -13.80
C ALA A 439 40.87 28.72 -15.08
N ASP A 440 42.17 28.53 -15.28
CA ASP A 440 42.65 27.86 -16.48
C ASP A 440 42.17 26.39 -16.54
N VAL A 441 42.30 25.65 -15.43
CA VAL A 441 41.97 24.23 -15.46
C VAL A 441 40.45 24.04 -15.50
N ALA A 442 39.71 25.01 -14.96
CA ALA A 442 38.25 24.99 -15.03
C ALA A 442 37.83 25.05 -16.49
N PHE A 443 38.49 25.93 -17.25
CA PHE A 443 38.28 26.07 -18.67
C PHE A 443 38.74 24.81 -19.42
N GLU A 444 39.96 24.35 -19.17
CA GLU A 444 40.49 23.17 -19.85
C GLU A 444 39.57 21.95 -19.64
N LYS A 445 39.03 21.82 -18.45
CA LYS A 445 38.16 20.71 -18.10
C LYS A 445 36.85 20.75 -18.88
N GLN A 446 36.32 21.95 -19.10
CA GLN A 446 35.07 22.04 -19.82
C GLN A 446 35.33 21.82 -21.31
N ASN A 447 36.56 22.11 -21.73
CA ASN A 447 36.98 21.87 -23.09
C ASN A 447 37.13 20.37 -23.32
N LYS A 448 37.72 19.69 -22.35
CA LYS A 448 37.83 18.25 -22.44
C LYS A 448 36.42 17.64 -22.46
N LEU A 449 35.51 18.30 -21.74
CA LEU A 449 34.12 17.87 -21.68
C LEU A 449 33.42 17.99 -23.03
N LEU A 450 33.59 19.13 -23.70
CA LEU A 450 32.97 19.36 -25.00
C LEU A 450 33.43 18.28 -25.97
N GLY A 451 34.74 18.02 -25.97
CA GLY A 451 35.34 16.99 -26.81
C GLY A 451 34.85 15.59 -26.53
N ASP A 452 34.66 15.25 -25.26
CA ASP A 452 34.23 13.90 -24.91
C ASP A 452 32.76 13.71 -25.25
N MET A 453 31.95 14.74 -25.06
CA MET A 453 30.54 14.67 -25.42
C MET A 453 30.34 14.44 -26.92
N VAL A 454 31.05 15.22 -27.72
CA VAL A 454 30.95 15.16 -29.15
C VAL A 454 31.51 13.84 -29.66
N THR A 455 32.63 13.41 -29.08
CA THR A 455 33.22 12.14 -29.52
C THR A 455 32.29 10.95 -29.29
N THR A 456 31.74 10.80 -28.09
CA THR A 456 30.86 9.66 -27.80
C THR A 456 29.46 9.86 -28.38
N GLY A 457 29.05 11.11 -28.51
CA GLY A 457 27.75 11.40 -29.11
C GLY A 457 27.69 11.01 -30.57
N SER A 458 28.74 11.36 -31.33
CA SER A 458 28.85 11.05 -32.77
C SER A 458 28.97 9.54 -33.07
N ASN A 459 29.21 8.79 -32.03
CA ASN A 459 29.48 7.36 -32.05
C ASN A 459 28.30 6.56 -31.59
N ASN A 460 27.37 7.29 -30.98
CA ASN A 460 26.08 6.77 -30.57
C ASN A 460 24.97 7.15 -31.53
N MET A 461 25.01 8.39 -32.02
CA MET A 461 24.02 8.85 -33.00
C MET A 461 24.24 8.03 -34.25
N LYS A 462 25.44 7.49 -34.36
CA LYS A 462 25.81 6.70 -35.51
C LYS A 462 25.10 5.36 -35.57
N LEU A 463 24.90 4.71 -34.42
CA LEU A 463 24.03 3.54 -34.38
C LEU A 463 22.84 3.63 -33.42
N ARG A 464 22.29 4.83 -33.27
CA ARG A 464 20.89 5.04 -32.88
C ARG A 464 20.16 5.01 -34.22
N TYR A 465 20.99 5.00 -35.26
CA TYR A 465 20.62 4.71 -36.63
C TYR A 465 21.04 3.24 -36.79
N ASN A 466 20.04 2.36 -36.89
CA ASN A 466 20.18 0.92 -36.60
C ASN A 466 20.66 -0.01 -37.70
N LEU A 467 21.85 -0.62 -37.54
CA LEU A 467 22.36 -1.73 -38.42
C LEU A 467 23.85 -2.14 -38.29
N ASN A 468 24.29 -3.01 -39.20
CA ASN A 468 25.61 -3.70 -39.26
C ASN A 468 26.45 -4.23 -38.08
N ASP A 469 27.07 -5.38 -38.37
CA ASP A 469 28.12 -5.98 -37.58
C ASP A 469 29.42 -5.17 -37.54
N LYS B 3 -39.45 19.30 1.94
CA LYS B 3 -38.51 20.02 2.77
C LYS B 3 -37.94 21.19 1.95
N ARG B 4 -37.29 22.16 2.63
CA ARG B 4 -36.96 23.48 2.07
C ARG B 4 -35.56 24.06 2.49
N ILE B 5 -35.26 25.29 2.03
CA ILE B 5 -34.01 26.09 2.13
C ILE B 5 -32.88 25.75 3.13
N LYS B 6 -31.66 26.20 2.76
CA LYS B 6 -30.48 26.51 3.63
C LYS B 6 -29.20 25.76 3.31
N GLY B 7 -28.12 26.24 3.94
CA GLY B 7 -26.78 25.84 3.55
C GLY B 7 -25.85 25.13 4.52
N SER B 8 -24.58 25.10 4.11
CA SER B 8 -23.49 24.42 4.79
C SER B 8 -22.60 25.33 5.65
N CYS B 9 -22.43 24.98 6.92
CA CYS B 9 -21.71 25.90 7.80
C CYS B 9 -20.74 25.17 8.74
N THR B 10 -19.61 25.80 9.04
CA THR B 10 -18.71 25.26 10.04
C THR B 10 -18.45 26.35 11.07
N SER B 11 -18.61 25.99 12.35
CA SER B 11 -18.44 26.92 13.48
C SER B 11 -17.24 26.53 14.34
N ILE B 12 -16.47 27.53 14.73
CA ILE B 12 -15.34 27.33 15.61
C ILE B 12 -15.45 28.28 16.78
N LEU B 13 -15.37 27.70 17.98
CA LEU B 13 -15.50 28.42 19.25
C LEU B 13 -14.19 28.28 20.01
N VAL B 14 -13.73 29.40 20.59
CA VAL B 14 -12.49 29.42 21.37
C VAL B 14 -12.69 30.12 22.72
N GLY B 15 -12.35 29.44 23.81
CA GLY B 15 -12.45 30.00 25.16
C GLY B 15 -11.35 31.00 25.45
N LYS B 16 -11.55 31.87 26.43
CA LYS B 16 -10.61 32.98 26.64
C LYS B 16 -9.18 32.56 27.03
N LYS B 17 -8.98 31.37 27.58
CA LYS B 17 -7.63 30.92 27.87
C LYS B 17 -7.07 30.07 26.74
N ALA B 18 -7.88 29.81 25.71
CA ALA B 18 -7.42 29.00 24.58
C ALA B 18 -6.85 29.85 23.46
N SER B 19 -7.19 31.14 23.43
CA SER B 19 -6.75 32.01 22.36
C SER B 19 -5.39 32.61 22.67
N ILE B 20 -4.72 33.16 21.65
CA ILE B 20 -3.37 33.68 21.81
C ILE B 20 -3.39 35.03 22.54
N ASP B 21 -4.55 35.67 22.55
CA ASP B 21 -4.66 37.04 23.05
C ASP B 21 -5.65 37.22 24.20
N GLY B 22 -6.12 36.14 24.80
CA GLY B 22 -7.06 36.22 25.91
C GLY B 22 -8.51 36.56 25.53
N SER B 23 -8.83 36.61 24.23
CA SER B 23 -10.22 36.84 23.81
C SER B 23 -11.09 35.57 23.75
N THR B 24 -12.40 35.75 23.68
CA THR B 24 -13.26 34.67 23.29
C THR B 24 -13.50 34.80 21.79
N LEU B 25 -13.66 33.68 21.09
CA LEU B 25 -13.97 33.74 19.66
C LEU B 25 -15.13 32.85 19.33
N ILE B 26 -16.09 33.36 18.56
CA ILE B 26 -17.06 32.50 17.88
C ILE B 26 -17.06 32.81 16.38
N SER B 27 -17.21 31.78 15.57
CA SER B 27 -17.04 31.99 14.13
C SER B 27 -17.93 31.06 13.33
N ARG B 28 -18.01 31.38 12.05
CA ARG B 28 -18.83 30.66 11.11
C ARG B 28 -18.32 31.00 9.73
N ASN B 29 -18.47 30.07 8.79
CA ASN B 29 -18.31 30.39 7.38
C ASN B 29 -19.71 30.27 6.77
N ASP B 30 -19.91 30.91 5.63
CA ASP B 30 -21.24 31.38 5.29
C ASP B 30 -21.86 30.67 4.10
N PRO B 31 -23.01 30.00 4.35
CA PRO B 31 -23.82 29.46 3.27
C PRO B 31 -24.17 30.51 2.17
N GLY B 32 -24.08 30.10 0.91
CA GLY B 32 -24.53 30.94 -0.17
C GLY B 32 -26.03 30.71 -0.17
N HIS B 33 -26.78 31.78 -0.39
CA HIS B 33 -28.23 31.71 -0.37
C HIS B 33 -28.67 31.42 -1.79
N GLU B 34 -28.56 32.42 -2.65
CA GLU B 34 -28.31 32.11 -4.06
C GLU B 34 -26.88 32.54 -4.29
N ALA B 35 -26.64 33.85 -4.35
CA ALA B 35 -25.36 34.28 -4.87
C ALA B 35 -25.02 35.75 -4.77
N LEU B 36 -25.84 36.52 -4.07
CA LEU B 36 -25.49 37.90 -3.92
C LEU B 36 -24.54 37.96 -2.76
N ASP B 37 -23.25 38.19 -3.01
CA ASP B 37 -22.35 38.14 -1.89
C ASP B 37 -21.62 39.47 -1.64
N PRO B 38 -22.24 40.64 -2.00
CA PRO B 38 -21.59 41.81 -1.40
C PRO B 38 -22.11 41.83 0.03
N GLN B 39 -21.29 41.65 1.06
CA GLN B 39 -21.97 41.51 2.33
C GLN B 39 -21.80 42.74 3.26
N ARG B 40 -22.93 43.17 3.81
CA ARG B 40 -23.16 44.39 4.58
C ARG B 40 -22.65 44.36 6.03
N PHE B 41 -22.50 45.52 6.62
CA PHE B 41 -22.31 45.60 8.06
C PHE B 41 -23.34 46.65 8.52
N VAL B 42 -24.15 46.31 9.53
CA VAL B 42 -25.36 47.09 9.83
C VAL B 42 -25.52 47.37 11.33
N VAL B 43 -25.93 48.57 11.71
CA VAL B 43 -26.20 48.84 13.13
C VAL B 43 -27.70 48.92 13.38
N VAL B 44 -28.18 48.24 14.41
CA VAL B 44 -29.61 48.23 14.72
C VAL B 44 -29.89 48.94 16.02
N ASN B 45 -30.39 50.17 15.92
CA ASN B 45 -30.70 50.98 17.10
C ASN B 45 -32.04 50.56 17.71
N PRO B 46 -32.22 50.75 19.03
CA PRO B 46 -33.43 50.32 19.76
C PRO B 46 -34.77 50.69 19.11
N GLU B 47 -34.89 51.89 18.56
CA GLU B 47 -36.04 52.24 17.71
C GLU B 47 -36.34 51.18 16.64
N ASP B 48 -35.35 50.81 15.82
CA ASP B 48 -35.65 49.90 14.70
C ASP B 48 -36.00 48.49 15.18
N GLN B 49 -36.02 48.28 16.50
CA GLN B 49 -36.39 46.98 17.02
C GLN B 49 -37.89 46.93 17.29
N PRO B 50 -38.59 45.98 16.64
CA PRO B 50 -40.02 45.78 16.88
C PRO B 50 -40.27 45.47 18.35
N ARG B 51 -41.43 45.82 18.90
CA ARG B 51 -41.77 45.30 20.21
C ARG B 51 -42.78 44.20 20.00
N ASP B 52 -43.40 44.22 18.82
CA ASP B 52 -44.32 43.16 18.42
C ASP B 52 -43.79 42.51 17.16
N TYR B 53 -42.97 41.49 17.34
CA TYR B 53 -42.21 40.90 16.24
C TYR B 53 -42.99 39.81 15.51
N THR B 54 -42.80 39.78 14.21
CA THR B 54 -43.47 38.81 13.37
C THR B 54 -42.42 37.90 12.75
N SER B 55 -42.51 36.62 13.12
CA SER B 55 -41.56 35.62 12.68
C SER B 55 -41.54 35.62 11.15
N VAL B 56 -40.39 35.27 10.59
CA VAL B 56 -40.16 35.44 9.16
C VAL B 56 -41.04 34.54 8.30
N ILE B 57 -40.93 33.23 8.52
CA ILE B 57 -41.65 32.25 7.70
C ILE B 57 -43.06 31.97 8.22
N SER B 58 -43.15 31.66 9.51
CA SER B 58 -44.40 31.20 10.11
C SER B 58 -45.37 32.34 10.38
N LYS B 59 -44.85 33.57 10.38
CA LYS B 59 -45.64 34.77 10.67
C LYS B 59 -46.23 34.77 12.08
N VAL B 60 -45.73 33.90 12.97
CA VAL B 60 -46.23 33.91 14.35
C VAL B 60 -45.75 35.22 15.01
N ASN B 61 -46.52 35.71 15.98
CA ASN B 61 -46.16 36.98 16.58
C ASN B 61 -45.48 36.81 17.92
N VAL B 62 -44.33 37.47 18.06
CA VAL B 62 -43.57 37.41 19.28
C VAL B 62 -43.49 38.79 19.91
N LYS B 63 -43.90 38.88 21.18
CA LYS B 63 -43.80 40.13 21.91
C LYS B 63 -42.47 40.20 22.63
N LEU B 64 -41.70 41.25 22.33
CA LEU B 64 -40.37 41.44 22.89
C LEU B 64 -40.39 42.54 23.94
N PRO B 65 -39.45 42.48 24.90
CA PRO B 65 -39.31 43.56 25.89
C PRO B 65 -39.14 44.94 25.24
N ASP B 66 -39.34 46.01 26.01
CA ASP B 66 -39.35 47.36 25.43
C ASP B 66 -38.00 48.05 25.70
N ASP B 67 -37.05 47.30 26.25
CA ASP B 67 -35.70 47.84 26.47
C ASP B 67 -34.61 47.17 25.58
N PRO B 68 -34.81 47.13 24.25
CA PRO B 68 -33.77 46.46 23.45
C PRO B 68 -32.47 47.22 23.40
N GLN B 69 -31.36 46.50 23.42
CA GLN B 69 -30.04 47.10 23.29
C GLN B 69 -29.71 47.33 21.82
N ARG B 70 -28.91 48.34 21.54
CA ARG B 70 -28.32 48.50 20.22
C ARG B 70 -27.48 47.24 19.94
N TYR B 71 -27.47 46.78 18.70
CA TYR B 71 -26.56 45.71 18.32
C TYR B 71 -26.14 45.89 16.87
N THR B 72 -24.96 45.37 16.51
CA THR B 72 -24.55 45.32 15.12
C THR B 72 -24.99 44.00 14.52
N SER B 73 -25.40 44.02 13.27
CA SER B 73 -25.93 42.83 12.67
C SER B 73 -25.18 42.51 11.40
N ILE B 74 -25.08 41.21 11.12
CA ILE B 74 -24.57 40.72 9.84
C ILE B 74 -25.67 39.90 9.15
N PRO B 75 -26.27 40.46 8.06
CA PRO B 75 -27.38 40.01 7.20
C PRO B 75 -27.08 38.82 6.25
N ASN B 76 -27.93 38.60 5.23
CA ASN B 76 -27.85 37.52 4.19
C ASN B 76 -28.41 38.01 2.78
N SER B 77 -28.99 37.13 1.94
CA SER B 77 -29.51 37.55 0.60
C SER B 77 -31.01 37.23 0.40
N ILE B 78 -31.22 36.01 -0.10
CA ILE B 78 -32.52 35.42 -0.39
C ILE B 78 -33.26 34.76 0.76
N LEU B 79 -34.56 35.06 0.79
CA LEU B 79 -35.49 34.62 1.80
C LEU B 79 -36.89 34.75 1.23
N THR B 80 -37.87 34.53 2.09
CA THR B 80 -39.25 34.80 1.73
C THR B 80 -39.69 36.11 2.42
N ASN B 81 -38.79 36.69 3.22
CA ASN B 81 -39.08 37.92 3.96
C ASN B 81 -37.80 38.62 4.44
N GLY B 82 -37.30 39.56 3.64
CA GLY B 82 -36.25 40.43 4.13
C GLY B 82 -34.83 39.87 4.08
N ILE B 83 -34.07 40.22 5.11
CA ILE B 83 -32.64 39.98 5.17
C ILE B 83 -32.15 39.76 6.62
N TRP B 84 -32.82 38.87 7.34
CA TRP B 84 -32.54 38.61 8.76
C TRP B 84 -31.07 38.62 9.21
N PRO B 85 -30.84 39.06 10.44
CA PRO B 85 -29.49 39.06 11.01
C PRO B 85 -29.07 37.64 11.33
N ALA B 86 -27.89 37.27 10.83
CA ALA B 86 -27.39 35.94 11.04
C ALA B 86 -26.54 35.88 12.31
N ALA B 87 -25.99 37.03 12.69
CA ALA B 87 -25.07 37.14 13.82
C ALA B 87 -24.86 38.59 14.24
N GLY B 88 -24.39 38.79 15.46
CA GLY B 88 -24.15 40.14 15.94
C GLY B 88 -23.54 40.25 17.32
N ILE B 89 -23.15 41.48 17.63
CA ILE B 89 -22.60 41.89 18.93
C ILE B 89 -23.45 43.02 19.47
N ASN B 90 -23.95 42.91 20.68
CA ASN B 90 -24.71 44.01 21.25
C ASN B 90 -23.85 44.99 22.11
N SER B 91 -24.49 46.02 22.66
CA SER B 91 -23.76 47.08 23.34
C SER B 91 -23.21 46.61 24.69
N SER B 92 -23.66 45.45 25.14
CA SER B 92 -23.09 44.83 26.33
C SER B 92 -21.94 43.85 26.01
N ASN B 93 -21.48 43.85 24.75
CA ASN B 93 -20.44 42.92 24.31
C ASN B 93 -20.81 41.45 24.49
N VAL B 94 -22.06 41.13 24.14
CA VAL B 94 -22.48 39.77 23.97
C VAL B 94 -22.51 39.51 22.45
N ALA B 95 -21.86 38.43 22.03
CA ALA B 95 -21.85 37.97 20.65
C ALA B 95 -22.79 36.78 20.49
N MET B 96 -23.45 36.69 19.34
CA MET B 96 -24.33 35.58 19.01
C MET B 96 -24.27 35.24 17.53
N SER B 97 -24.31 33.95 17.22
CA SER B 97 -24.35 33.52 15.83
C SER B 97 -25.28 32.32 15.64
N ALA B 98 -26.18 32.42 14.68
CA ALA B 98 -27.22 31.40 14.51
C ALA B 98 -27.37 30.93 13.07
N THR B 99 -26.31 30.39 12.49
CA THR B 99 -26.38 29.88 11.11
C THR B 99 -25.92 28.45 10.99
N GLU B 100 -26.02 27.67 12.06
CA GLU B 100 -25.50 26.31 12.04
C GLU B 100 -26.62 25.29 12.20
N THR B 101 -27.15 24.84 11.07
CA THR B 101 -28.12 23.76 10.99
C THR B 101 -27.48 22.46 11.48
N ILE B 102 -28.17 21.74 12.36
CA ILE B 102 -27.64 20.48 12.84
C ILE B 102 -28.55 19.32 12.43
N THR B 103 -28.49 18.21 13.16
CA THR B 103 -29.28 17.04 12.82
C THR B 103 -30.13 16.59 13.99
N THR B 104 -30.92 15.56 13.75
CA THR B 104 -31.83 15.03 14.75
C THR B 104 -32.00 13.51 14.48
N ASN B 105 -33.00 12.88 15.08
CA ASN B 105 -33.35 11.49 14.73
C ASN B 105 -34.85 11.25 14.91
N SER B 106 -35.36 10.13 14.41
CA SER B 106 -36.81 9.91 14.43
C SER B 106 -37.38 9.52 15.81
N ARG B 107 -36.54 9.04 16.73
CA ARG B 107 -37.04 8.66 18.05
C ARG B 107 -37.42 9.91 18.88
N VAL B 108 -36.57 10.92 18.89
CA VAL B 108 -36.92 12.14 19.60
C VAL B 108 -38.00 12.93 18.85
N GLN B 109 -37.95 12.93 17.52
CA GLN B 109 -38.94 13.62 16.72
C GLN B 109 -40.31 12.97 16.87
N GLY B 110 -40.31 11.67 17.13
CA GLY B 110 -41.55 10.95 17.35
C GLY B 110 -42.27 11.35 18.62
N LEU B 111 -41.54 12.02 19.52
CA LEU B 111 -42.04 12.49 20.80
C LEU B 111 -42.30 13.99 20.82
N ASP B 112 -41.37 14.75 20.25
CA ASP B 112 -41.46 16.21 20.25
C ASP B 112 -41.21 16.72 18.85
N PRO B 113 -42.21 16.61 17.97
CA PRO B 113 -41.97 16.98 16.58
C PRO B 113 -41.63 18.48 16.44
N PHE B 114 -40.88 18.77 15.37
CA PHE B 114 -40.78 20.13 14.85
C PHE B 114 -42.18 20.76 14.85
N VAL B 115 -42.27 22.03 15.23
CA VAL B 115 -43.53 22.74 15.22
C VAL B 115 -43.58 23.59 13.96
N GLU B 116 -44.52 23.32 13.06
CA GLU B 116 -44.54 24.02 11.79
C GLU B 116 -44.67 25.55 11.92
N ASN B 117 -45.32 26.05 12.97
CA ASN B 117 -45.41 27.49 13.07
C ASN B 117 -44.42 28.12 14.08
N GLY B 118 -43.33 27.41 14.35
CA GLY B 118 -42.36 27.87 15.34
C GLY B 118 -41.31 28.82 14.79
N LEU B 119 -40.37 29.22 15.65
CA LEU B 119 -39.26 30.05 15.21
C LEU B 119 -38.26 29.22 14.42
N GLY B 120 -37.52 29.88 13.56
CA GLY B 120 -36.45 29.25 12.79
C GLY B 120 -35.21 30.08 13.02
N GLU B 121 -34.11 29.71 12.39
CA GLU B 121 -32.87 30.42 12.68
C GLU B 121 -32.91 31.90 12.28
N GLU B 122 -33.75 32.24 11.30
CA GLU B 122 -33.91 33.62 10.82
C GLU B 122 -34.44 34.57 11.91
N ASP B 123 -35.06 34.05 12.95
CA ASP B 123 -35.65 34.85 14.03
C ASP B 123 -34.76 35.03 15.26
N LEU B 124 -33.81 34.12 15.43
CA LEU B 124 -33.17 33.90 16.72
C LEU B 124 -32.34 35.07 17.19
N VAL B 125 -31.47 35.61 16.34
CA VAL B 125 -30.63 36.74 16.74
C VAL B 125 -31.52 37.92 17.15
N THR B 126 -32.50 38.20 16.30
CA THR B 126 -33.44 39.31 16.52
C THR B 126 -34.15 39.22 17.86
N VAL B 127 -34.62 38.02 18.21
CA VAL B 127 -35.44 37.88 19.42
C VAL B 127 -34.62 37.57 20.68
N VAL B 128 -33.32 37.34 20.56
CA VAL B 128 -32.48 37.04 21.72
C VAL B 128 -31.46 38.12 22.05
N LEU B 129 -30.64 38.46 21.07
CA LEU B 129 -29.44 39.28 21.31
C LEU B 129 -29.69 40.64 21.98
N PRO B 130 -30.76 41.36 21.59
CA PRO B 130 -30.91 42.72 22.16
C PRO B 130 -31.33 42.77 23.62
N TYR B 131 -31.66 41.63 24.22
CA TYR B 131 -32.26 41.62 25.54
C TYR B 131 -31.42 40.87 26.55
N VAL B 132 -30.15 40.68 26.26
CA VAL B 132 -29.30 39.89 27.17
C VAL B 132 -27.98 40.59 27.42
N LYS B 133 -27.42 40.35 28.60
CA LYS B 133 -26.19 41.02 28.97
C LYS B 133 -25.05 40.04 29.23
N SER B 134 -25.28 38.76 28.94
CA SER B 134 -24.23 37.77 29.09
C SER B 134 -24.50 36.62 28.11
N ALA B 135 -23.43 35.86 27.82
CA ALA B 135 -23.52 34.70 26.94
C ALA B 135 -24.55 33.73 27.48
N ARG B 136 -24.48 33.53 28.79
CA ARG B 136 -25.37 32.64 29.51
C ARG B 136 -26.83 33.12 29.56
N GLU B 137 -27.04 34.42 29.67
CA GLU B 137 -28.41 34.93 29.61
C GLU B 137 -28.99 34.67 28.23
N GLY B 138 -28.17 34.80 27.19
CA GLY B 138 -28.59 34.51 25.83
C GLY B 138 -29.07 33.06 25.72
N VAL B 139 -28.31 32.14 26.32
CA VAL B 139 -28.70 30.73 26.40
C VAL B 139 -30.06 30.55 27.11
N LYS B 140 -30.22 31.14 28.29
CA LYS B 140 -31.48 30.95 29.02
C LYS B 140 -32.68 31.54 28.28
N ARG B 141 -32.49 32.68 27.65
CA ARG B 141 -33.59 33.32 26.93
C ARG B 141 -34.00 32.52 25.69
N LEU B 142 -33.02 32.09 24.87
CA LEU B 142 -33.33 31.27 23.70
C LEU B 142 -34.06 29.98 24.09
N GLY B 143 -33.59 29.32 25.14
CA GLY B 143 -34.26 28.14 25.64
C GLY B 143 -35.70 28.41 26.00
N SER B 144 -35.94 29.50 26.73
CA SER B 144 -37.31 29.87 27.10
C SER B 144 -38.19 30.18 25.89
N LEU B 145 -37.61 30.79 24.86
CA LEU B 145 -38.35 31.15 23.66
C LEU B 145 -38.69 29.92 22.81
N LEU B 146 -37.83 28.90 22.82
CA LEU B 146 -38.12 27.65 22.13
C LEU B 146 -39.26 26.90 22.79
N GLU B 147 -39.24 26.88 24.12
CA GLU B 147 -40.29 26.22 24.88
C GLU B 147 -41.63 26.88 24.59
N GLU B 148 -41.61 28.20 24.43
CA GLU B 148 -42.83 28.96 24.26
C GLU B 148 -43.36 28.97 22.81
N TYR B 149 -42.50 29.19 21.83
CA TYR B 149 -42.96 29.30 20.43
C TYR B 149 -42.64 28.09 19.58
N GLY B 150 -41.80 27.20 20.12
CA GLY B 150 -41.33 26.02 19.40
C GLY B 150 -40.45 26.41 18.24
N THR B 151 -39.97 25.41 17.50
CA THR B 151 -39.15 25.68 16.33
C THR B 151 -39.43 24.61 15.26
N TYR B 152 -39.21 24.94 13.98
CA TYR B 152 -39.48 23.96 12.92
C TYR B 152 -38.19 23.31 12.40
N GLU B 153 -37.07 23.64 13.05
CA GLU B 153 -35.71 23.28 12.64
C GLU B 153 -34.80 22.69 13.72
N PRO B 154 -33.73 21.98 13.29
CA PRO B 154 -32.63 21.65 14.22
C PRO B 154 -31.46 22.65 14.14
N ASN B 155 -31.20 23.42 15.20
CA ASN B 155 -30.17 24.46 15.11
C ASN B 155 -29.10 24.38 16.18
N GLY B 156 -27.92 24.92 15.86
CA GLY B 156 -26.85 25.13 16.83
C GLY B 156 -26.53 26.62 16.95
N ILE B 157 -26.44 27.11 18.17
CA ILE B 157 -26.26 28.56 18.36
C ILE B 157 -25.10 28.84 19.31
N SER B 158 -24.23 29.76 18.90
CA SER B 158 -23.13 30.14 19.78
C SER B 158 -23.37 31.51 20.39
N PHE B 159 -23.02 31.63 21.68
CA PHE B 159 -23.04 32.91 22.40
C PHE B 159 -21.66 33.10 23.01
N ALA B 160 -21.22 34.36 23.10
CA ALA B 160 -19.99 34.67 23.81
C ALA B 160 -20.04 36.06 24.44
N ASP B 161 -19.40 36.21 25.58
CA ASP B 161 -19.06 37.51 26.10
C ASP B 161 -17.59 37.40 26.43
N ASN B 162 -17.05 38.38 27.14
CA ASN B 162 -15.62 38.40 27.39
C ASN B 162 -15.16 37.30 28.36
N GLU B 163 -16.11 36.61 29.00
CA GLU B 163 -15.77 35.56 29.96
C GLU B 163 -16.08 34.16 29.43
N GLU B 164 -17.22 34.00 28.78
CA GLU B 164 -17.72 32.66 28.50
C GLU B 164 -18.11 32.47 27.04
N VAL B 165 -18.01 31.23 26.60
CA VAL B 165 -18.48 30.80 25.30
C VAL B 165 -19.44 29.67 25.55
N TRP B 166 -20.63 29.77 24.97
CA TRP B 166 -21.67 28.76 25.07
C TRP B 166 -22.11 28.26 23.69
N TRP B 167 -22.41 26.97 23.63
CA TRP B 167 -22.98 26.37 22.43
C TRP B 167 -24.32 25.74 22.77
N LEU B 168 -25.39 26.22 22.14
CA LEU B 168 -26.72 25.68 22.40
C LEU B 168 -27.21 24.89 21.20
N GLU B 169 -27.81 23.74 21.49
CA GLU B 169 -28.41 22.97 20.40
C GLU B 169 -29.89 22.73 20.66
N THR B 170 -30.70 23.04 19.65
CA THR B 170 -32.14 22.81 19.76
C THR B 170 -32.46 21.35 19.47
N ILE B 171 -33.48 20.81 20.16
CA ILE B 171 -33.76 19.38 20.20
C ILE B 171 -35.25 19.14 20.05
N GLY B 172 -35.67 18.59 18.92
CA GLY B 172 -37.08 18.48 18.63
C GLY B 172 -37.72 19.86 18.56
N GLY B 173 -39.04 19.90 18.78
CA GLY B 173 -39.79 21.13 18.68
C GLY B 173 -39.59 22.11 19.81
N HIS B 174 -39.30 21.64 21.02
CA HIS B 174 -39.27 22.56 22.16
C HIS B 174 -38.10 22.41 23.10
N HIS B 175 -37.33 21.34 22.95
CA HIS B 175 -36.27 21.07 23.91
C HIS B 175 -34.95 21.66 23.45
N TRP B 176 -33.99 21.70 24.36
CA TRP B 176 -32.70 22.27 24.04
C TRP B 176 -31.68 21.85 25.08
N ALA B 177 -30.41 22.04 24.74
CA ALA B 177 -29.33 21.80 25.68
C ALA B 177 -28.14 22.70 25.33
N ALA B 178 -27.35 23.08 26.33
CA ALA B 178 -26.24 23.97 26.05
C ALA B 178 -25.06 23.64 26.93
N VAL B 179 -23.86 23.91 26.42
CA VAL B 179 -22.65 23.59 27.13
C VAL B 179 -21.73 24.83 27.13
N ARG B 180 -21.19 25.18 28.29
CA ARG B 180 -20.19 26.25 28.31
C ARG B 180 -18.84 25.68 27.87
N ILE B 181 -18.26 26.25 26.83
CA ILE B 181 -16.96 25.78 26.37
C ILE B 181 -15.89 26.13 27.44
N PRO B 182 -15.13 25.14 27.90
CA PRO B 182 -14.11 25.47 28.90
C PRO B 182 -13.11 26.52 28.40
N ASP B 183 -12.56 27.30 29.33
CA ASP B 183 -11.66 28.40 29.04
C ASP B 183 -10.48 28.06 28.12
N ASP B 184 -9.94 26.85 28.29
CA ASP B 184 -8.74 26.43 27.59
C ASP B 184 -9.05 25.51 26.39
N ALA B 185 -10.30 25.52 25.97
CA ALA B 185 -10.77 24.58 24.96
C ALA B 185 -11.22 25.24 23.68
N TYR B 186 -11.43 24.44 22.67
CA TYR B 186 -11.99 24.95 21.43
C TYR B 186 -12.96 23.92 20.88
N VAL B 187 -13.81 24.33 19.96
CA VAL B 187 -14.72 23.41 19.31
C VAL B 187 -14.77 23.60 17.80
N VAL B 188 -14.76 22.50 17.03
CA VAL B 188 -15.10 22.58 15.61
C VAL B 188 -16.41 21.85 15.42
N ALA B 189 -17.44 22.57 14.97
CA ALA B 189 -18.78 22.01 14.89
C ALA B 189 -19.39 22.23 13.50
N PRO B 190 -19.62 21.15 12.76
CA PRO B 190 -20.24 21.21 11.44
C PRO B 190 -21.73 21.07 11.52
N ASN B 191 -22.38 20.74 10.41
CA ASN B 191 -23.85 20.63 10.36
C ASN B 191 -24.40 19.31 10.94
N ARG B 192 -23.96 18.96 12.14
CA ARG B 192 -24.35 17.73 12.79
C ARG B 192 -24.49 18.02 14.30
N MET B 193 -25.46 17.42 14.97
CA MET B 193 -25.59 17.61 16.41
C MET B 193 -24.27 17.27 17.08
N ASN B 194 -23.74 18.16 17.92
CA ASN B 194 -22.35 18.06 18.37
C ASN B 194 -22.12 17.63 19.81
N ILE B 195 -23.02 18.04 20.72
CA ILE B 195 -22.85 17.83 22.17
C ILE B 195 -22.80 16.36 22.55
N ASP B 196 -21.71 15.93 23.18
CA ASP B 196 -21.58 14.52 23.52
C ASP B 196 -21.86 14.28 25.02
N GLN B 197 -20.87 13.82 25.79
CA GLN B 197 -21.05 13.53 27.22
C GLN B 197 -21.62 14.73 27.96
N PHE B 198 -22.71 14.51 28.68
CA PHE B 198 -23.50 15.61 29.23
C PHE B 198 -23.84 15.39 30.69
N ASP B 199 -23.48 16.37 31.51
CA ASP B 199 -23.79 16.40 32.94
C ASP B 199 -24.92 17.40 33.21
N PHE B 200 -26.11 16.87 33.53
CA PHE B 200 -27.28 17.70 33.82
C PHE B 200 -27.08 18.61 35.05
N ASP B 201 -26.36 18.07 36.03
CA ASP B 201 -26.04 18.73 37.30
C ASP B 201 -25.20 20.00 37.17
N SER B 202 -24.40 20.06 36.12
CA SER B 202 -23.29 21.00 36.04
C SER B 202 -23.64 22.49 35.91
N ASP B 203 -22.74 23.30 36.47
CA ASP B 203 -22.75 24.75 36.32
C ASP B 203 -22.34 25.12 34.89
N ASP B 204 -21.62 24.21 34.24
CA ASP B 204 -21.18 24.37 32.86
C ASP B 204 -22.21 23.92 31.82
N THR B 205 -23.40 23.49 32.27
CA THR B 205 -24.48 23.11 31.33
C THR B 205 -25.83 23.73 31.68
N LEU B 206 -26.67 23.87 30.67
CA LEU B 206 -28.07 24.27 30.80
C LEU B 206 -28.90 23.46 29.79
N CYS B 207 -30.15 23.16 30.14
CA CYS B 207 -31.05 22.40 29.28
C CYS B 207 -32.46 22.51 29.79
N SER B 208 -33.42 22.13 28.96
CA SER B 208 -34.81 21.89 29.38
C SER B 208 -34.83 21.21 30.73
N SER B 209 -35.72 21.66 31.60
CA SER B 209 -35.77 21.14 32.97
C SER B 209 -36.23 19.66 32.98
N ASP B 210 -36.90 19.22 31.92
CA ASP B 210 -37.36 17.83 31.77
C ASP B 210 -36.48 16.93 30.89
N LEU B 211 -35.29 17.38 30.50
CA LEU B 211 -34.53 16.65 29.48
C LEU B 211 -34.18 15.25 29.93
N LYS B 212 -33.64 15.12 31.14
CA LYS B 212 -33.25 13.83 31.69
C LYS B 212 -34.46 12.91 31.80
N ASP B 213 -35.57 13.44 32.30
CA ASP B 213 -36.78 12.64 32.44
C ASP B 213 -37.29 12.17 31.08
N LEU B 214 -37.25 13.06 30.09
CA LEU B 214 -37.65 12.75 28.72
C LEU B 214 -36.89 11.54 28.19
N ILE B 215 -35.58 11.55 28.44
CA ILE B 215 -34.71 10.46 28.02
C ILE B 215 -34.97 9.18 28.81
N ASP B 216 -34.90 9.29 30.14
CA ASP B 216 -35.07 8.12 31.00
C ASP B 216 -36.42 7.41 30.81
N ASN B 217 -37.49 8.19 30.65
CA ASN B 217 -38.84 7.63 30.60
C ASN B 217 -39.28 7.16 29.23
N ASN B 218 -38.48 7.39 28.19
CA ASN B 218 -38.92 7.04 26.84
C ASN B 218 -37.93 6.16 26.08
N ASN B 219 -37.02 5.49 26.80
CA ASN B 219 -36.07 4.60 26.14
C ASN B 219 -35.31 5.26 24.98
N LEU B 220 -34.91 6.52 25.17
CA LEU B 220 -34.22 7.26 24.13
C LEU B 220 -32.71 7.04 24.17
N ASN B 221 -32.21 6.57 25.31
CA ASN B 221 -30.76 6.44 25.56
C ASN B 221 -30.22 5.11 25.04
N PRO B 222 -29.30 5.17 24.07
CA PRO B 222 -28.76 3.94 23.49
C PRO B 222 -27.59 3.35 24.29
N ASP B 223 -27.05 4.15 25.19
CA ASP B 223 -25.84 3.74 25.87
C ASP B 223 -26.07 3.06 27.22
N PHE B 224 -25.15 2.16 27.55
CA PHE B 224 -25.16 1.41 28.80
C PHE B 224 -24.87 2.30 30.01
N GLU B 225 -23.99 3.29 29.83
CA GLU B 225 -23.73 4.20 30.94
C GLU B 225 -23.82 5.65 30.47
N ASN B 226 -24.25 6.52 31.38
CA ASN B 226 -24.22 7.95 31.17
C ASN B 226 -25.05 8.48 30.02
N TYR B 227 -24.84 9.77 29.72
CA TYR B 227 -25.62 10.47 28.72
C TYR B 227 -24.72 11.16 27.70
N ASN B 228 -24.88 10.76 26.45
CA ASN B 228 -24.23 11.39 25.30
C ASN B 228 -25.33 11.98 24.42
N LEU B 229 -25.47 13.29 24.39
CA LEU B 229 -26.70 13.88 23.81
C LEU B 229 -26.86 13.65 22.31
N ARG B 230 -25.77 13.66 21.56
CA ARG B 230 -25.89 13.45 20.14
C ARG B 230 -26.09 11.96 19.81
N HIS B 231 -25.62 11.08 20.68
CA HIS B 231 -26.03 9.68 20.60
C HIS B 231 -27.53 9.55 20.76
N ILE B 232 -28.05 10.29 21.73
CA ILE B 232 -29.46 10.19 22.11
C ILE B 232 -30.36 10.94 21.15
N PHE B 233 -29.98 12.18 20.85
CA PHE B 233 -30.84 13.11 20.15
C PHE B 233 -30.37 13.41 18.73
N GLY B 234 -29.16 13.00 18.39
CA GLY B 234 -28.60 13.44 17.14
C GLY B 234 -28.58 12.34 16.11
N SER B 235 -27.61 12.43 15.19
CA SER B 235 -27.45 11.47 14.12
C SER B 235 -26.03 10.94 14.07
N ALA B 236 -25.91 9.70 13.63
CA ALA B 236 -24.63 9.15 13.20
C ALA B 236 -24.91 8.45 11.89
N SER B 237 -25.16 9.27 10.87
CA SER B 237 -25.62 8.80 9.57
C SER B 237 -24.50 8.63 8.55
N ILE B 238 -24.87 8.07 7.38
CA ILE B 238 -23.98 7.95 6.24
C ILE B 238 -23.56 9.31 5.74
N LYS B 239 -24.52 10.24 5.69
CA LYS B 239 -24.21 11.59 5.25
C LYS B 239 -23.19 12.30 6.16
N ASP B 240 -23.29 12.03 7.46
CA ASP B 240 -22.38 12.61 8.45
C ASP B 240 -20.91 12.22 8.15
N THR B 241 -20.71 10.98 7.73
CA THR B 241 -19.36 10.47 7.49
C THR B 241 -18.63 11.21 6.34
N VAL B 242 -19.37 11.77 5.39
CA VAL B 242 -18.67 12.43 4.30
C VAL B 242 -18.89 13.97 4.30
N TYR B 243 -20.00 14.41 4.86
CA TYR B 243 -20.41 15.81 4.79
C TYR B 243 -20.09 16.58 6.07
N ASN B 244 -20.03 15.90 7.21
CA ASN B 244 -19.85 16.60 8.50
C ASN B 244 -18.53 16.24 9.19
N ASN B 245 -18.38 14.97 9.55
CA ASN B 245 -17.20 14.50 10.24
C ASN B 245 -15.82 14.89 9.63
N PRO B 246 -15.65 14.87 8.28
CA PRO B 246 -14.32 15.26 7.79
C PRO B 246 -13.95 16.71 8.11
N ARG B 247 -14.94 17.58 8.21
CA ARG B 247 -14.70 18.96 8.56
C ARG B 247 -14.27 19.08 10.00
N THR B 248 -14.91 18.33 10.88
CA THR B 248 -14.53 18.27 12.26
C THR B 248 -13.12 17.75 12.37
N TRP B 249 -12.86 16.65 11.65
CA TRP B 249 -11.58 15.97 11.70
C TRP B 249 -10.48 16.91 11.26
N TYR B 250 -10.72 17.63 10.17
CA TYR B 250 -9.74 18.53 9.63
C TYR B 250 -9.32 19.61 10.65
N GLY B 251 -10.28 20.29 11.25
CA GLY B 251 -9.98 21.26 12.30
C GLY B 251 -9.24 20.66 13.47
N GLN B 252 -9.65 19.46 13.88
CA GLN B 252 -9.03 18.84 15.04
C GLN B 252 -7.63 18.38 14.69
N LYS B 253 -7.41 17.96 13.45
CA LYS B 253 -6.07 17.63 13.01
C LYS B 253 -5.15 18.86 13.05
N PHE B 254 -5.71 20.02 12.69
CA PHE B 254 -4.94 21.23 12.63
C PHE B 254 -4.55 21.74 14.02
N PHE B 255 -5.50 21.72 14.95
CA PHE B 255 -5.26 22.25 16.28
C PHE B 255 -4.76 21.21 17.27
N SER B 256 -5.21 19.97 17.11
CA SER B 256 -4.79 18.89 18.02
C SER B 256 -4.26 17.69 17.23
N PRO B 257 -3.14 17.87 16.54
CA PRO B 257 -2.57 16.84 15.64
C PRO B 257 -2.19 15.54 16.35
N ASP B 258 -1.74 15.62 17.60
CA ASP B 258 -1.32 14.42 18.34
C ASP B 258 -2.44 13.75 19.17
N ASP B 259 -3.63 14.34 19.18
CA ASP B 259 -4.80 13.73 19.83
C ASP B 259 -5.85 13.33 18.81
N THR B 260 -5.52 13.41 17.53
CA THR B 260 -6.49 13.12 16.52
C THR B 260 -5.97 12.03 15.58
N ALA B 261 -6.72 10.94 15.44
CA ALA B 261 -6.33 9.85 14.55
C ALA B 261 -6.59 10.23 13.10
N ASP B 262 -6.58 9.24 12.22
CA ASP B 262 -6.52 9.56 10.81
C ASP B 262 -7.75 9.15 10.04
N ASP B 263 -8.85 8.95 10.76
CA ASP B 263 -10.09 8.61 10.11
C ASP B 263 -11.03 9.80 10.16
N PRO B 264 -11.14 10.53 9.03
CA PRO B 264 -12.05 11.69 8.89
C PRO B 264 -13.55 11.32 8.95
N MET B 265 -13.87 10.03 8.89
CA MET B 265 -15.27 9.63 8.84
C MET B 265 -15.78 9.35 10.25
N GLU B 266 -14.83 9.22 11.16
CA GLU B 266 -15.09 8.91 12.58
C GLU B 266 -16.35 9.60 13.11
N GLN B 267 -17.30 8.81 13.60
CA GLN B 267 -18.54 9.36 14.10
C GLN B 267 -18.40 9.91 15.55
N ASP B 268 -17.36 9.52 16.28
CA ASP B 268 -17.28 9.94 17.67
C ASP B 268 -16.07 10.81 18.00
N LEU B 269 -15.72 11.73 17.10
CA LEU B 269 -14.75 12.77 17.44
C LEU B 269 -15.30 13.57 18.62
N PRO B 270 -14.41 13.92 19.56
CA PRO B 270 -14.88 14.69 20.70
C PRO B 270 -15.40 16.06 20.29
N PHE B 271 -16.31 16.58 21.09
CA PHE B 271 -16.87 17.91 20.91
C PHE B 271 -15.87 18.94 21.44
N ILE B 272 -15.63 18.88 22.75
CA ILE B 272 -14.62 19.72 23.40
C ILE B 272 -13.20 19.23 23.09
N CYS B 273 -12.32 20.15 22.75
CA CYS B 273 -10.96 19.79 22.42
C CYS B 273 -9.97 20.72 23.12
N HIS B 274 -8.71 20.26 23.17
CA HIS B 274 -7.60 21.05 23.69
C HIS B 274 -6.48 21.11 22.68
N ALA B 275 -6.19 22.32 22.21
CA ALA B 275 -5.17 22.55 21.19
C ALA B 275 -3.79 22.41 21.80
N ASN B 276 -2.78 22.22 20.94
CA ASN B 276 -1.42 22.08 21.43
C ASN B 276 -0.75 23.45 21.51
N ARG B 277 -1.54 24.51 21.35
CA ARG B 277 -1.03 25.87 21.31
C ARG B 277 -2.21 26.82 21.44
N LYS B 278 -1.91 28.10 21.65
CA LYS B 278 -2.97 29.10 21.68
C LYS B 278 -3.40 29.47 20.24
N ILE B 279 -4.68 29.82 20.08
CA ILE B 279 -5.27 30.00 18.76
C ILE B 279 -5.41 31.46 18.40
N SER B 280 -5.02 31.79 17.18
CA SER B 280 -5.08 33.17 16.71
C SER B 280 -6.30 33.35 15.84
N VAL B 281 -6.62 34.61 15.57
CA VAL B 281 -7.66 34.92 14.62
C VAL B 281 -7.27 34.34 13.26
N GLU B 282 -5.99 34.44 12.89
CA GLU B 282 -5.49 33.93 11.60
C GLU B 282 -5.69 32.40 11.43
N ASP B 283 -5.53 31.66 12.51
CA ASP B 283 -5.71 30.21 12.52
C ASP B 283 -7.17 29.91 12.19
N VAL B 284 -8.08 30.60 12.86
CA VAL B 284 -9.50 30.36 12.70
C VAL B 284 -9.92 30.66 11.28
N LYS B 285 -9.49 31.80 10.76
CA LYS B 285 -9.72 32.18 9.38
C LYS B 285 -9.24 31.08 8.41
N PHE B 286 -8.02 30.59 8.60
CA PHE B 286 -7.49 29.57 7.70
C PHE B 286 -8.36 28.31 7.69
N VAL B 287 -8.66 27.77 8.87
CA VAL B 287 -9.46 26.54 8.95
C VAL B 287 -10.84 26.66 8.32
N LEU B 288 -11.50 27.80 8.55
CA LEU B 288 -12.83 28.02 8.01
C LEU B 288 -12.78 28.30 6.51
N SER B 289 -11.56 28.50 6.00
CA SER B 289 -11.33 28.79 4.59
C SER B 289 -10.79 27.65 3.76
N SER B 290 -10.29 26.61 4.42
CA SER B 290 -9.34 25.66 3.82
C SER B 290 -9.89 24.30 3.36
N HIS B 291 -9.36 23.85 2.24
CA HIS B 291 -9.95 22.79 1.42
C HIS B 291 -9.57 21.32 1.74
N PHE B 292 -8.98 21.08 2.91
CA PHE B 292 -8.34 19.82 3.35
C PHE B 292 -6.94 19.50 2.79
N GLU B 293 -6.00 20.44 2.72
CA GLU B 293 -4.77 20.16 1.97
C GLU B 293 -3.40 20.13 2.62
N ASN B 294 -2.91 18.91 2.71
CA ASN B 294 -2.06 18.41 1.60
C ASN B 294 -2.01 16.88 1.52
N THR B 295 -1.06 16.36 0.75
CA THR B 295 -1.02 14.97 0.27
C THR B 295 -2.29 14.11 0.04
N LYS B 296 -3.31 14.27 0.88
CA LYS B 296 -4.46 13.38 0.84
C LYS B 296 -5.63 13.75 -0.09
N TYR B 297 -6.37 14.79 0.31
CA TYR B 297 -7.65 15.17 -0.32
C TYR B 297 -7.86 16.65 -0.71
N ASP B 298 -7.49 17.13 -1.90
CA ASP B 298 -7.80 18.56 -2.06
C ASP B 298 -9.12 18.70 -2.77
N VAL B 299 -9.39 19.97 -3.04
CA VAL B 299 -10.60 20.43 -3.60
C VAL B 299 -10.06 21.40 -4.65
N TYR B 300 -9.58 20.90 -5.79
CA TYR B 300 -9.27 19.48 -6.01
C TYR B 300 -7.83 19.39 -6.62
N GLY B 301 -7.28 18.17 -6.82
CA GLY B 301 -5.84 18.02 -7.09
C GLY B 301 -5.07 16.81 -7.66
N SER B 302 -4.25 16.22 -6.77
CA SER B 302 -3.00 15.45 -7.04
C SER B 302 -2.88 14.13 -7.85
N GLY B 303 -3.87 13.22 -7.79
CA GLY B 303 -3.72 11.89 -8.40
C GLY B 303 -3.71 10.80 -7.31
N SER B 304 -4.64 9.84 -7.34
CA SER B 304 -5.66 9.72 -8.38
C SER B 304 -7.02 9.74 -7.65
N GLN B 305 -7.99 10.45 -8.23
CA GLN B 305 -9.13 11.00 -7.52
C GLN B 305 -10.26 10.03 -7.06
N SER B 306 -10.00 8.97 -6.27
CA SER B 306 -11.14 8.31 -5.54
C SER B 306 -10.88 8.13 -4.03
N ASP B 307 -9.64 8.33 -3.55
CA ASP B 307 -9.40 8.47 -2.11
C ASP B 307 -9.54 9.94 -1.94
N LYS B 308 -10.22 10.53 -2.89
CA LYS B 308 -10.37 11.96 -3.10
C LYS B 308 -11.67 12.15 -3.88
N THR B 309 -12.60 12.73 -3.14
CA THR B 309 -13.87 12.11 -2.84
C THR B 309 -15.20 12.81 -3.04
N LEU B 310 -16.12 12.28 -2.23
CA LEU B 310 -17.32 12.95 -1.72
C LEU B 310 -17.08 13.41 -0.25
N PHE B 311 -15.87 13.89 0.06
CA PHE B 311 -15.58 14.53 1.36
C PHE B 311 -15.51 15.97 0.91
N ARG B 312 -16.27 16.85 1.55
CA ARG B 312 -16.44 18.21 1.02
C ARG B 312 -15.92 19.39 1.87
N PRO B 313 -15.13 20.25 1.23
CA PRO B 313 -14.38 21.48 1.48
C PRO B 313 -15.10 22.47 2.37
N ILE B 314 -14.42 23.03 3.36
CA ILE B 314 -14.95 24.18 4.10
C ILE B 314 -13.78 25.17 4.26
N GLY B 315 -13.87 26.32 3.59
CA GLY B 315 -15.09 26.76 2.95
C GLY B 315 -15.24 26.84 1.44
N ILE B 316 -15.01 25.72 0.74
CA ILE B 316 -15.26 25.72 -0.71
C ILE B 316 -16.49 24.89 -1.04
N ASN B 317 -17.53 25.55 -1.52
CA ASN B 317 -18.60 24.84 -2.19
C ASN B 317 -19.02 25.54 -3.51
N ARG B 318 -18.83 26.87 -3.74
CA ARG B 318 -18.09 27.86 -2.92
C ARG B 318 -18.95 29.05 -2.54
N ASN B 319 -18.58 29.69 -1.43
CA ASN B 319 -19.43 30.61 -0.70
C ASN B 319 -18.58 30.99 0.52
N HIS B 320 -17.49 31.70 0.29
CA HIS B 320 -16.55 31.84 1.37
C HIS B 320 -16.59 33.19 2.03
N ASN B 321 -17.44 33.25 3.03
CA ASN B 321 -17.54 34.42 3.83
C ASN B 321 -17.24 33.97 5.24
N VAL B 322 -16.07 34.31 5.72
CA VAL B 322 -15.70 33.96 7.06
C VAL B 322 -16.04 35.14 7.94
N HIS B 323 -16.73 34.83 9.04
CA HIS B 323 -17.15 35.82 10.02
C HIS B 323 -16.69 35.34 11.40
N ILE B 324 -15.91 36.18 12.07
CA ILE B 324 -15.38 35.86 13.38
C ILE B 324 -15.79 36.96 14.35
N LEU B 325 -16.49 36.58 15.42
CA LEU B 325 -16.91 37.54 16.45
C LEU B 325 -15.96 37.42 17.62
N GLN B 326 -15.23 38.49 17.93
CA GLN B 326 -14.25 38.45 18.97
C GLN B 326 -14.60 39.41 20.14
N ILE B 327 -14.62 38.88 21.35
CA ILE B 327 -14.74 39.78 22.48
C ILE B 327 -13.43 39.82 23.24
N ARG B 328 -12.76 40.95 23.16
CA ARG B 328 -11.43 40.99 23.72
C ARG B 328 -11.45 41.31 25.22
N ASN B 329 -10.33 40.98 25.84
CA ASN B 329 -10.07 41.30 27.24
C ASN B 329 -8.84 42.08 26.91
N ASN B 330 -7.87 42.32 27.77
CA ASN B 330 -6.71 43.04 27.21
C ASN B 330 -6.93 44.51 26.70
N VAL B 331 -8.16 44.95 26.49
CA VAL B 331 -8.46 46.35 26.15
C VAL B 331 -9.67 46.87 26.94
N PRO B 332 -9.86 48.19 27.01
CA PRO B 332 -11.13 48.64 27.62
C PRO B 332 -12.34 48.05 26.90
N THR B 333 -13.37 47.80 27.69
CA THR B 333 -14.61 47.21 27.26
C THR B 333 -15.25 47.92 26.04
N GLU B 334 -15.01 49.23 25.91
CA GLU B 334 -15.61 50.05 24.86
C GLU B 334 -15.02 49.75 23.48
N ILE B 335 -13.86 49.09 23.45
CA ILE B 335 -13.28 48.73 22.16
C ILE B 335 -13.04 47.22 22.06
N ALA B 336 -13.71 46.43 22.90
CA ALA B 336 -13.48 44.99 22.99
C ALA B 336 -14.18 44.16 21.91
N GLY B 337 -15.38 44.57 21.48
CA GLY B 337 -16.15 43.82 20.52
C GLY B 337 -15.62 44.06 19.12
N ILE B 338 -15.18 43.00 18.44
CA ILE B 338 -14.67 43.13 17.08
C ILE B 338 -15.45 42.23 16.12
N HIS B 339 -15.96 42.82 15.04
CA HIS B 339 -16.56 42.05 13.95
C HIS B 339 -15.56 41.81 12.84
N TRP B 340 -14.93 40.65 12.81
CA TRP B 340 -14.05 40.31 11.68
C TRP B 340 -14.90 39.91 10.49
N LEU B 341 -15.02 40.84 9.55
CA LEU B 341 -15.97 40.68 8.48
C LEU B 341 -15.31 40.34 7.14
N ALA B 342 -15.94 39.46 6.36
CA ALA B 342 -15.38 38.97 5.10
C ALA B 342 -15.33 40.00 3.98
N TYR B 343 -14.28 39.91 3.18
CA TYR B 343 -14.07 40.77 2.01
C TYR B 343 -12.86 40.28 1.22
N GLY B 344 -13.04 39.45 0.20
CA GLY B 344 -14.32 39.03 -0.34
C GLY B 344 -14.22 39.46 -1.78
N ALA B 345 -14.38 38.55 -2.75
CA ALA B 345 -14.69 37.14 -2.55
C ALA B 345 -13.84 36.22 -3.46
N ASN B 346 -14.46 35.13 -3.95
CA ASN B 346 -13.74 34.04 -4.62
C ASN B 346 -12.63 33.62 -3.68
N THR B 347 -11.44 33.41 -4.21
CA THR B 347 -10.32 32.94 -3.42
C THR B 347 -9.61 34.17 -2.97
N PHE B 348 -10.26 35.30 -3.21
CA PHE B 348 -9.70 36.58 -2.82
C PHE B 348 -10.38 37.29 -1.64
N ASN B 349 -10.70 36.53 -0.60
CA ASN B 349 -11.29 37.11 0.61
C ASN B 349 -10.31 37.29 1.80
N THR B 350 -10.49 38.38 2.53
CA THR B 350 -9.78 38.63 3.78
C THR B 350 -10.82 38.92 4.85
N VAL B 351 -10.44 38.98 6.13
CA VAL B 351 -11.38 39.48 7.12
C VAL B 351 -10.88 40.79 7.74
N VAL B 352 -11.79 41.74 7.83
CA VAL B 352 -11.47 43.07 8.33
C VAL B 352 -12.01 43.21 9.75
N PRO B 353 -11.16 43.64 10.69
CA PRO B 353 -11.60 43.77 12.09
C PRO B 353 -12.36 45.07 12.39
N PHE B 354 -13.63 45.15 12.01
CA PHE B 354 -14.41 46.34 12.33
C PHE B 354 -14.77 46.39 13.82
N TYR B 355 -14.63 47.57 14.44
CA TYR B 355 -15.07 47.73 15.82
C TYR B 355 -16.60 47.67 15.86
N ALA B 356 -17.16 46.91 16.79
CA ALA B 356 -18.61 46.74 16.84
C ALA B 356 -19.30 47.89 17.57
N ASN B 357 -18.55 48.58 18.44
CA ASN B 357 -19.12 49.63 19.27
C ASN B 357 -19.25 50.96 18.52
N VAL B 358 -20.18 51.00 17.57
CA VAL B 358 -20.43 52.16 16.72
C VAL B 358 -21.93 52.32 16.48
N ASN B 359 -22.36 53.54 16.11
CA ASN B 359 -23.77 53.81 15.82
C ASN B 359 -24.00 53.94 14.33
N ASP B 360 -22.90 54.00 13.59
CA ASP B 360 -22.98 54.08 12.15
C ASP B 360 -21.90 53.25 11.54
N THR B 361 -22.12 52.98 10.26
CA THR B 361 -21.31 52.08 9.47
C THR B 361 -20.59 52.91 8.41
N PRO B 362 -19.39 52.49 7.99
CA PRO B 362 -18.68 53.14 6.89
C PRO B 362 -19.60 53.44 5.71
N VAL B 363 -19.41 54.59 5.04
CA VAL B 363 -20.31 55.02 3.97
C VAL B 363 -20.44 53.91 2.93
N GLN B 364 -19.42 53.04 2.86
CA GLN B 364 -19.39 51.88 1.97
C GLN B 364 -20.65 51.04 1.95
N TYR B 365 -21.26 50.87 3.13
CA TYR B 365 -22.33 49.89 3.30
C TYR B 365 -23.68 50.58 3.39
N LYS B 366 -23.76 51.78 2.82
CA LYS B 366 -25.01 52.52 2.78
C LYS B 366 -25.45 52.92 1.38
N ASN B 367 -24.51 52.85 0.42
CA ASN B 367 -24.77 53.28 -0.97
C ASN B 367 -25.33 52.23 -1.92
N ALA B 368 -25.24 52.54 -3.21
CA ALA B 368 -25.45 51.54 -4.24
C ALA B 368 -24.04 51.22 -4.72
N THR B 369 -23.61 49.98 -5.00
CA THR B 369 -24.23 48.67 -5.20
C THR B 369 -25.22 48.81 -6.35
N GLY B 370 -24.82 49.61 -7.34
CA GLY B 370 -25.52 49.69 -8.63
C GLY B 370 -24.74 48.95 -9.70
N LYS B 371 -24.54 49.60 -10.84
CA LYS B 371 -23.83 48.97 -11.95
C LYS B 371 -22.33 49.11 -11.78
N PHE B 372 -21.61 48.29 -12.55
CA PHE B 372 -20.15 48.22 -12.51
C PHE B 372 -19.48 49.57 -12.32
N ASP B 373 -18.63 49.65 -11.30
CA ASP B 373 -17.87 50.86 -10.99
C ASP B 373 -16.64 50.44 -10.20
N LEU B 374 -15.45 50.77 -10.70
CA LEU B 374 -14.25 50.28 -10.01
C LEU B 374 -13.91 51.07 -8.74
N ASN B 375 -14.66 52.13 -8.46
CA ASN B 375 -14.49 52.82 -7.19
C ASN B 375 -15.27 52.14 -6.07
N ASN B 376 -16.03 51.12 -6.45
CA ASN B 376 -16.84 50.37 -5.50
C ASN B 376 -16.15 49.07 -5.09
N MET B 377 -16.11 48.81 -3.77
CA MET B 377 -15.36 47.68 -3.23
C MET B 377 -15.88 46.37 -3.82
N TYR B 378 -17.20 46.26 -3.99
CA TYR B 378 -17.78 45.04 -4.50
C TYR B 378 -17.33 44.75 -5.92
N TRP B 379 -17.43 45.76 -6.78
CA TRP B 379 -17.09 45.56 -8.17
C TRP B 379 -15.60 45.37 -8.35
N LEU B 380 -14.79 46.07 -7.55
CA LEU B 380 -13.36 45.85 -7.59
C LEU B 380 -13.05 44.40 -7.26
N SER B 381 -13.70 43.90 -6.21
CA SER B 381 -13.57 42.51 -5.76
C SER B 381 -13.94 41.48 -6.83
N CYS B 382 -15.06 41.69 -7.51
CA CYS B 382 -15.48 40.78 -8.57
C CYS B 382 -14.41 40.69 -9.66
N THR B 383 -13.77 41.82 -9.94
CA THR B 383 -12.78 41.91 -11.01
C THR B 383 -11.53 41.11 -10.69
N THR B 384 -10.95 41.34 -9.51
CA THR B 384 -9.80 40.57 -9.04
C THR B 384 -10.18 39.09 -8.94
N ALA B 385 -11.41 38.81 -8.51
CA ALA B 385 -11.91 37.44 -8.41
C ALA B 385 -11.91 36.79 -9.78
N LEU B 386 -12.57 37.42 -10.76
CA LEU B 386 -12.65 36.87 -12.11
C LEU B 386 -11.29 36.75 -12.73
N LEU B 387 -10.43 37.74 -12.49
CA LEU B 387 -9.10 37.70 -13.08
C LEU B 387 -8.29 36.57 -12.47
N GLY B 388 -8.72 36.11 -11.30
CA GLY B 388 -8.04 35.08 -10.55
C GLY B 388 -8.06 33.70 -11.20
N ASP B 389 -9.15 33.35 -11.87
CA ASP B 389 -9.25 32.02 -12.46
C ASP B 389 -8.78 31.93 -13.93
N THR B 390 -7.91 32.85 -14.33
CA THR B 390 -7.28 32.80 -15.66
C THR B 390 -6.25 31.68 -15.68
N ASP B 391 -5.40 31.71 -14.67
CA ASP B 391 -4.21 30.88 -14.59
C ASP B 391 -3.98 30.70 -13.09
N TYR B 392 -4.85 29.93 -12.43
CA TYR B 392 -5.08 30.17 -11.02
C TYR B 392 -3.88 29.99 -10.07
N ASP B 393 -2.88 29.21 -10.48
CA ASP B 393 -1.60 29.18 -9.76
C ASP B 393 -0.49 29.79 -10.58
N PHE B 394 -0.81 30.93 -11.18
CA PHE B 394 0.16 31.95 -11.50
C PHE B 394 -0.11 33.08 -10.51
N TYR B 395 -1.30 33.02 -9.91
CA TYR B 395 -1.75 34.04 -8.98
C TYR B 395 -1.86 33.59 -7.52
N VAL B 396 -1.42 32.37 -7.19
CA VAL B 396 -1.69 31.84 -5.85
C VAL B 396 -0.66 32.30 -4.83
N ASP B 397 0.54 32.59 -5.30
CA ASP B 397 1.60 33.00 -4.40
C ASP B 397 1.51 34.49 -4.13
N MET B 398 0.94 35.24 -5.06
CA MET B 398 0.79 36.67 -4.81
C MET B 398 -0.53 36.88 -4.10
N ARG B 399 -1.28 35.79 -4.01
CA ARG B 399 -2.52 35.83 -3.25
C ARG B 399 -2.26 35.58 -1.75
N ASN B 400 -1.28 34.76 -1.42
CA ASN B 400 -1.03 34.49 -0.01
C ASN B 400 -0.34 35.72 0.57
N ASP B 401 0.40 36.42 -0.26
CA ASP B 401 1.02 37.66 0.17
C ASP B 401 0.03 38.81 0.23
N TYR B 402 -0.98 38.79 -0.63
CA TYR B 402 -2.04 39.79 -0.52
C TYR B 402 -2.71 39.70 0.84
N GLU B 403 -3.10 38.49 1.22
CA GLU B 403 -3.81 38.28 2.47
C GLU B 403 -2.94 38.64 3.69
N LEU B 404 -1.69 38.21 3.68
CA LEU B 404 -0.76 38.52 4.75
C LEU B 404 -0.58 40.04 4.93
N ASP B 405 -0.38 40.73 3.80
CA ASP B 405 -0.10 42.15 3.79
C ASP B 405 -1.33 43.01 4.17
N ALA B 406 -2.51 42.56 3.78
CA ALA B 406 -3.75 43.24 4.16
C ALA B 406 -3.99 43.07 5.66
N MET B 407 -3.89 41.83 6.15
CA MET B 407 -4.04 41.54 7.57
C MET B 407 -3.11 42.38 8.45
N SER B 408 -1.85 42.50 8.02
CA SER B 408 -0.89 43.33 8.75
C SER B 408 -1.33 44.77 8.83
N ALA B 409 -1.85 45.30 7.72
CA ALA B 409 -2.26 46.70 7.66
C ALA B 409 -3.49 46.91 8.56
N TYR B 410 -4.38 45.92 8.56
CA TYR B 410 -5.53 45.94 9.46
C TYR B 410 -5.09 45.96 10.91
N ARG B 411 -4.16 45.08 11.26
CA ARG B 411 -3.73 44.97 12.66
C ARG B 411 -2.98 46.20 13.11
N LYS B 412 -2.24 46.81 12.19
CA LYS B 412 -1.53 48.06 12.46
C LYS B 412 -2.56 49.12 12.87
N ILE B 413 -3.64 49.22 12.12
CA ILE B 413 -4.70 50.16 12.42
C ILE B 413 -5.37 49.81 13.75
N GLN B 414 -5.65 48.52 13.96
CA GLN B 414 -6.28 48.08 15.19
C GLN B 414 -5.40 48.45 16.39
N ASN B 415 -4.11 48.13 16.31
CA ASN B 415 -3.15 48.44 17.39
C ASN B 415 -3.01 49.95 17.68
N ASP B 416 -2.93 50.75 16.61
CA ASP B 416 -2.82 52.21 16.76
C ASP B 416 -4.08 52.79 17.39
N THR B 417 -5.23 52.28 16.98
CA THR B 417 -6.52 52.75 17.48
C THR B 417 -6.64 52.40 18.97
N ASP B 418 -6.33 51.15 19.29
CA ASP B 418 -6.31 50.67 20.68
C ASP B 418 -5.32 51.47 21.57
N ALA B 419 -4.12 51.77 21.06
CA ALA B 419 -3.08 52.33 21.93
C ALA B 419 -3.37 53.79 22.37
N ASP B 420 -4.30 54.44 21.70
CA ASP B 420 -4.59 55.83 21.92
C ASP B 420 -6.04 56.07 22.39
N ILE B 421 -6.67 55.06 22.99
CA ILE B 421 -8.10 55.15 23.35
C ILE B 421 -8.37 55.97 24.62
N SER B 422 -7.42 55.97 25.54
CA SER B 422 -7.68 56.41 26.91
C SER B 422 -7.98 57.94 26.97
N GLY B 423 -7.44 58.70 26.05
CA GLY B 423 -7.74 60.12 26.14
C GLY B 423 -8.79 60.59 25.13
N GLN B 424 -9.60 59.67 24.60
CA GLN B 424 -10.58 60.02 23.56
C GLN B 424 -11.91 60.41 24.22
N LYS B 425 -12.50 61.50 23.74
CA LYS B 425 -13.68 62.11 24.33
C LYS B 425 -14.96 61.66 23.67
N ASP B 426 -14.82 61.16 22.46
CA ASP B 426 -15.97 60.67 21.71
C ASP B 426 -15.61 59.30 21.13
N ILE B 427 -15.72 58.28 21.96
CA ILE B 427 -15.20 56.96 21.59
C ILE B 427 -15.95 56.43 20.36
N GLU B 428 -17.25 56.68 20.30
CA GLU B 428 -18.09 56.22 19.21
C GLU B 428 -17.61 56.80 17.88
N LYS B 429 -17.33 58.10 17.85
CA LYS B 429 -16.81 58.72 16.64
C LYS B 429 -15.38 58.27 16.35
N TYR B 430 -14.61 58.06 17.40
CA TYR B 430 -13.26 57.53 17.25
C TYR B 430 -13.25 56.16 16.52
N LEU B 431 -14.15 55.25 16.96
CA LEU B 431 -14.17 53.92 16.40
C LEU B 431 -14.76 53.92 14.96
N GLU B 432 -15.74 54.79 14.71
CA GLU B 432 -16.29 54.96 13.36
C GLU B 432 -15.20 55.41 12.42
N ASN B 433 -14.33 56.28 12.90
CA ASN B 433 -13.23 56.75 12.06
C ASN B 433 -12.22 55.67 11.75
N ALA B 434 -11.91 54.86 12.77
CA ALA B 434 -11.00 53.74 12.64
C ALA B 434 -11.58 52.71 11.67
N ASN B 435 -12.90 52.48 11.76
CA ASN B 435 -13.58 51.57 10.84
C ASN B 435 -13.49 52.05 9.41
N LYS B 436 -13.48 53.37 9.24
CA LYS B 436 -13.40 53.96 7.91
C LYS B 436 -11.96 53.82 7.39
N LYS B 437 -10.96 53.95 8.26
CA LYS B 437 -9.59 53.65 7.84
C LYS B 437 -9.45 52.21 7.36
N LEU B 438 -10.11 51.31 8.07
CA LEU B 438 -10.04 49.89 7.77
C LEU B 438 -10.68 49.57 6.42
N ALA B 439 -11.88 50.08 6.19
CA ALA B 439 -12.59 49.87 4.91
C ALA B 439 -11.77 50.42 3.74
N ASP B 440 -11.17 51.60 3.96
CA ASP B 440 -10.35 52.26 2.97
C ASP B 440 -9.11 51.45 2.61
N VAL B 441 -8.42 50.95 3.63
CA VAL B 441 -7.17 50.27 3.35
C VAL B 441 -7.48 48.91 2.70
N ALA B 442 -8.62 48.31 3.05
CA ALA B 442 -9.04 47.07 2.45
C ALA B 442 -9.29 47.28 0.97
N PHE B 443 -9.94 48.40 0.67
CA PHE B 443 -10.16 48.80 -0.71
C PHE B 443 -8.84 49.07 -1.40
N GLU B 444 -8.01 49.90 -0.76
CA GLU B 444 -6.71 50.29 -1.29
C GLU B 444 -5.85 49.06 -1.58
N LYS B 445 -5.91 48.08 -0.67
CA LYS B 445 -5.14 46.84 -0.81
C LYS B 445 -5.67 45.98 -1.96
N GLN B 446 -6.98 45.96 -2.18
CA GLN B 446 -7.52 45.21 -3.31
C GLN B 446 -7.24 45.90 -4.63
N ASN B 447 -7.11 47.21 -4.57
CA ASN B 447 -6.78 47.99 -5.73
C ASN B 447 -5.33 47.77 -6.18
N LYS B 448 -4.43 47.71 -5.22
CA LYS B 448 -3.04 47.40 -5.48
C LYS B 448 -2.88 45.98 -6.07
N LEU B 449 -3.73 45.06 -5.63
CA LEU B 449 -3.73 43.68 -6.12
C LEU B 449 -4.10 43.61 -7.62
N LEU B 450 -5.14 44.35 -8.01
CA LEU B 450 -5.56 44.39 -9.39
C LEU B 450 -4.41 44.84 -10.28
N GLY B 451 -3.77 45.94 -9.87
CA GLY B 451 -2.63 46.46 -10.60
C GLY B 451 -1.48 45.45 -10.65
N ASP B 452 -1.24 44.75 -9.55
CA ASP B 452 -0.12 43.82 -9.53
C ASP B 452 -0.48 42.57 -10.36
N MET B 453 -1.74 42.11 -10.29
CA MET B 453 -2.20 40.97 -11.07
C MET B 453 -2.11 41.23 -12.57
N VAL B 454 -2.58 42.40 -13.00
CA VAL B 454 -2.57 42.79 -14.41
C VAL B 454 -1.15 43.00 -14.89
N THR B 455 -0.33 43.65 -14.08
CA THR B 455 1.05 43.90 -14.45
C THR B 455 1.83 42.59 -14.66
N THR B 456 1.72 41.64 -13.73
CA THR B 456 2.47 40.40 -13.85
C THR B 456 1.82 39.47 -14.87
N GLY B 457 0.50 39.61 -15.01
CA GLY B 457 -0.23 38.87 -16.01
C GLY B 457 0.15 39.36 -17.40
N SER B 458 0.24 40.68 -17.54
CA SER B 458 0.57 41.30 -18.83
C SER B 458 1.99 40.97 -19.28
N ASN B 459 2.84 40.49 -18.39
CA ASN B 459 4.20 40.17 -18.80
C ASN B 459 4.49 38.67 -18.89
N ASN B 460 3.58 37.84 -18.37
CA ASN B 460 3.77 36.40 -18.49
C ASN B 460 3.06 35.71 -19.64
N MET B 461 1.80 36.06 -19.82
CA MET B 461 1.04 35.61 -20.96
C MET B 461 1.63 36.24 -22.22
N LYS B 462 2.33 37.35 -22.05
CA LYS B 462 2.92 38.04 -23.19
C LYS B 462 4.14 37.31 -23.78
N LEU B 463 4.88 36.56 -22.96
CA LEU B 463 5.87 35.64 -23.53
C LEU B 463 5.34 34.24 -23.42
N ARG B 464 4.07 34.12 -23.80
CA ARG B 464 3.51 32.86 -24.27
C ARG B 464 3.90 32.85 -25.76
N TYR B 465 4.63 33.90 -26.16
CA TYR B 465 5.41 34.01 -27.43
C TYR B 465 5.93 32.60 -27.81
N ASN B 466 6.07 31.77 -26.77
CA ASN B 466 7.15 30.84 -26.57
C ASN B 466 8.44 31.52 -26.98
N LEU B 467 8.89 32.41 -26.07
CA LEU B 467 10.29 32.82 -25.78
C LEU B 467 11.16 33.79 -26.60
N ASN B 468 12.44 33.72 -26.22
CA ASN B 468 13.64 34.51 -26.63
C ASN B 468 13.73 36.05 -26.44
N ASP B 469 14.70 36.38 -25.58
CA ASP B 469 15.26 37.71 -25.25
C ASP B 469 15.32 38.83 -26.33
N LYS C 3 37.18 11.04 -21.55
CA LYS C 3 36.58 9.71 -21.42
C LYS C 3 37.39 8.49 -21.88
N ARG C 4 37.00 7.34 -21.31
CA ARG C 4 37.64 6.06 -21.61
C ARG C 4 36.69 4.81 -21.61
N ILE C 5 37.30 3.63 -21.70
CA ILE C 5 36.65 2.37 -22.10
C ILE C 5 35.87 1.53 -21.03
N LYS C 6 34.90 0.74 -21.51
CA LYS C 6 34.25 -0.46 -20.89
C LYS C 6 33.29 -0.32 -19.67
N GLY C 7 32.65 -1.45 -19.31
CA GLY C 7 31.50 -1.52 -18.41
C GLY C 7 31.33 -2.22 -17.05
N SER C 8 30.14 -2.79 -16.85
CA SER C 8 29.62 -3.30 -15.56
C SER C 8 29.82 -4.78 -15.18
N CYS C 9 30.42 -5.00 -14.00
CA CYS C 9 30.95 -6.31 -13.55
C CYS C 9 30.60 -6.65 -12.07
N THR C 10 30.39 -7.93 -11.77
CA THR C 10 30.15 -8.33 -10.39
C THR C 10 31.04 -9.47 -9.92
N SER C 11 31.63 -9.32 -8.73
CA SER C 11 32.52 -10.35 -8.18
C SER C 11 31.98 -11.01 -6.93
N ILE C 12 32.17 -12.34 -6.86
CA ILE C 12 31.83 -13.12 -5.67
C ILE C 12 33.05 -13.94 -5.21
N LEU C 13 33.40 -13.76 -3.94
CA LEU C 13 34.53 -14.45 -3.32
C LEU C 13 34.02 -15.33 -2.21
N VAL C 14 34.52 -16.55 -2.13
CA VAL C 14 34.07 -17.46 -1.10
C VAL C 14 35.27 -18.07 -0.38
N GLY C 15 35.30 -17.95 0.94
CA GLY C 15 36.40 -18.49 1.72
C GLY C 15 36.37 -20.01 1.81
N LYS C 16 37.52 -20.60 2.15
CA LYS C 16 37.65 -22.06 2.09
C LYS C 16 36.72 -22.83 3.03
N LYS C 17 36.26 -22.22 4.12
CA LYS C 17 35.28 -22.88 4.99
C LYS C 17 33.84 -22.48 4.68
N ALA C 18 33.68 -21.54 3.75
CA ALA C 18 32.36 -21.04 3.36
C ALA C 18 31.75 -21.79 2.16
N SER C 19 32.58 -22.52 1.42
CA SER C 19 32.12 -23.28 0.27
C SER C 19 31.64 -24.67 0.68
N ILE C 20 30.87 -25.32 -0.19
CA ILE C 20 30.28 -26.60 0.16
C ILE C 20 31.34 -27.72 0.09
N ASP C 21 32.41 -27.47 -0.66
CA ASP C 21 33.40 -28.52 -0.91
C ASP C 21 34.80 -28.18 -0.36
N GLY C 22 34.89 -27.11 0.45
CA GLY C 22 36.16 -26.76 1.08
C GLY C 22 37.16 -26.08 0.17
N SER C 23 36.72 -25.71 -1.03
CA SER C 23 37.54 -24.95 -1.98
C SER C 23 37.48 -23.45 -1.74
N THR C 24 38.41 -22.72 -2.35
CA THR C 24 38.25 -21.27 -2.48
C THR C 24 37.66 -20.93 -3.84
N LEU C 25 36.88 -19.84 -3.88
CA LEU C 25 36.28 -19.37 -5.10
C LEU C 25 36.51 -17.88 -5.30
N ILE C 26 36.98 -17.49 -6.48
CA ILE C 26 36.86 -16.11 -6.92
C ILE C 26 36.17 -16.12 -8.29
N SER C 27 35.25 -15.20 -8.50
CA SER C 27 34.42 -15.25 -9.68
C SER C 27 34.01 -13.87 -10.18
N ARG C 28 33.50 -13.84 -11.40
CA ARG C 28 33.11 -12.59 -12.01
C ARG C 28 32.16 -12.85 -13.18
N ASN C 29 31.33 -11.87 -13.48
CA ASN C 29 30.65 -11.92 -14.77
C ASN C 29 31.19 -10.80 -15.62
N ASP C 30 31.07 -10.92 -16.92
CA ASP C 30 31.91 -10.12 -17.80
C ASP C 30 31.09 -9.27 -18.75
N PRO C 31 31.37 -7.95 -18.75
CA PRO C 31 30.81 -7.19 -19.86
C PRO C 31 31.73 -7.38 -21.04
N GLY C 32 31.16 -7.68 -22.20
CA GLY C 32 31.90 -7.64 -23.43
C GLY C 32 30.98 -6.82 -24.29
N HIS C 33 31.58 -5.91 -25.06
CA HIS C 33 30.84 -5.08 -25.97
C HIS C 33 31.68 -4.76 -27.20
N GLU C 34 32.35 -5.78 -27.74
CA GLU C 34 32.93 -5.66 -29.07
C GLU C 34 31.89 -6.37 -29.90
N ALA C 35 32.27 -7.04 -30.97
CA ALA C 35 31.31 -7.50 -31.93
C ALA C 35 31.32 -9.02 -31.99
N LEU C 36 32.21 -9.62 -31.20
CA LEU C 36 32.33 -11.09 -31.10
C LEU C 36 32.09 -11.74 -29.73
N ASP C 37 31.63 -12.99 -29.80
CA ASP C 37 31.21 -13.82 -28.68
C ASP C 37 32.01 -15.17 -28.55
N PRO C 38 33.11 -15.38 -29.34
CA PRO C 38 33.82 -16.64 -29.06
C PRO C 38 34.51 -16.73 -27.71
N GLN C 39 34.18 -17.77 -26.95
CA GLN C 39 34.75 -17.92 -25.61
C GLN C 39 35.90 -18.89 -25.62
N ARG C 40 37.05 -18.42 -25.16
CA ARG C 40 38.27 -19.21 -25.26
C ARG C 40 39.05 -19.25 -23.96
N PHE C 41 39.84 -20.28 -23.76
CA PHE C 41 40.83 -20.21 -22.70
C PHE C 41 42.16 -20.73 -23.22
N VAL C 42 43.21 -20.06 -22.80
CA VAL C 42 44.51 -20.14 -23.44
C VAL C 42 45.52 -20.50 -22.38
N VAL C 43 46.55 -21.26 -22.73
CA VAL C 43 47.63 -21.52 -21.80
C VAL C 43 48.79 -20.63 -22.21
N VAL C 44 49.40 -19.96 -21.24
CA VAL C 44 50.53 -19.06 -21.48
C VAL C 44 51.80 -19.69 -20.90
N ASN C 45 52.62 -20.27 -21.76
CA ASN C 45 53.86 -20.91 -21.30
C ASN C 45 54.96 -19.88 -21.06
N PRO C 46 55.92 -20.21 -20.16
CA PRO C 46 57.01 -19.30 -19.77
C PRO C 46 57.75 -18.61 -20.92
N GLU C 47 58.00 -19.34 -22.01
CA GLU C 47 58.48 -18.78 -23.26
C GLU C 47 57.73 -17.52 -23.66
N ASP C 48 56.41 -17.66 -23.77
CA ASP C 48 55.52 -16.64 -24.33
C ASP C 48 55.34 -15.37 -23.47
N GLN C 49 55.97 -15.32 -22.30
CA GLN C 49 55.84 -14.14 -21.46
C GLN C 49 56.96 -13.19 -21.79
N PRO C 50 56.64 -11.95 -22.20
CA PRO C 50 57.69 -10.96 -22.45
C PRO C 50 58.47 -10.78 -21.15
N ARG C 51 59.75 -10.48 -21.26
CA ARG C 51 60.53 -10.16 -20.08
C ARG C 51 60.74 -8.64 -20.06
N ASP C 52 60.51 -8.03 -21.22
CA ASP C 52 60.45 -6.58 -21.33
C ASP C 52 59.05 -6.22 -21.81
N TYR C 53 58.16 -6.01 -20.86
CA TYR C 53 56.74 -5.84 -21.13
C TYR C 53 56.37 -4.38 -21.44
N THR C 54 55.42 -4.22 -22.35
CA THR C 54 54.95 -2.89 -22.73
C THR C 54 53.46 -2.78 -22.39
N SER C 55 53.13 -1.89 -21.45
CA SER C 55 51.75 -1.74 -20.99
C SER C 55 50.87 -1.45 -22.18
N VAL C 56 49.63 -1.90 -22.09
CA VAL C 56 48.76 -1.90 -23.24
C VAL C 56 48.42 -0.49 -23.71
N ILE C 57 47.84 0.30 -22.81
CA ILE C 57 47.35 1.61 -23.17
C ILE C 57 48.43 2.68 -23.07
N SER C 58 49.18 2.64 -21.98
CA SER C 58 50.17 3.66 -21.68
C SER C 58 51.50 3.48 -22.41
N LYS C 59 51.74 2.29 -22.93
CA LYS C 59 53.00 1.95 -23.61
C LYS C 59 54.25 2.15 -22.74
N VAL C 60 54.05 2.25 -21.44
CA VAL C 60 55.18 2.34 -20.52
C VAL C 60 55.87 0.97 -20.52
N ASN C 61 57.17 0.95 -20.28
CA ASN C 61 57.89 -0.33 -20.28
C ASN C 61 58.13 -0.85 -18.87
N VAL C 62 57.71 -2.08 -18.64
CA VAL C 62 57.80 -2.72 -17.34
C VAL C 62 58.73 -3.92 -17.39
N LYS C 63 59.74 -3.95 -16.53
CA LYS C 63 60.68 -5.07 -16.51
C LYS C 63 60.19 -6.16 -15.57
N LEU C 64 59.99 -7.35 -16.11
CA LEU C 64 59.46 -8.45 -15.33
C LEU C 64 60.55 -9.46 -15.04
N PRO C 65 60.44 -10.16 -13.90
CA PRO C 65 61.36 -11.25 -13.53
C PRO C 65 61.56 -12.31 -14.61
N ASP C 66 62.59 -13.14 -14.45
CA ASP C 66 63.07 -14.02 -15.51
C ASP C 66 62.47 -15.42 -15.35
N ASP C 67 61.71 -15.65 -14.29
CA ASP C 67 61.10 -16.96 -14.06
C ASP C 67 59.56 -17.07 -14.11
N PRO C 68 58.93 -16.59 -15.20
CA PRO C 68 57.46 -16.65 -15.18
C PRO C 68 56.90 -18.07 -15.18
N GLN C 69 55.82 -18.23 -14.42
CA GLN C 69 55.13 -19.50 -14.33
C GLN C 69 54.17 -19.64 -15.47
N ARG C 70 53.95 -20.87 -15.91
CA ARG C 70 52.86 -21.14 -16.82
C ARG C 70 51.56 -20.70 -16.15
N TYR C 71 50.65 -20.13 -16.91
CA TYR C 71 49.32 -19.84 -16.38
C TYR C 71 48.29 -19.96 -17.49
N THR C 72 47.07 -20.34 -17.11
CA THR C 72 45.99 -20.34 -18.05
C THR C 72 45.36 -18.97 -17.97
N SER C 73 44.93 -18.44 -19.12
CA SER C 73 44.44 -17.10 -19.18
C SER C 73 43.04 -17.08 -19.76
N ILE C 74 42.25 -16.10 -19.34
CA ILE C 74 40.97 -15.86 -19.97
C ILE C 74 41.04 -14.47 -20.57
N PRO C 75 41.14 -14.41 -21.89
CA PRO C 75 41.26 -13.14 -22.58
C PRO C 75 39.98 -12.35 -22.51
N ASN C 76 39.88 -11.40 -23.41
CA ASN C 76 38.77 -10.50 -23.52
C ASN C 76 38.49 -10.30 -24.97
N SER C 77 38.06 -9.09 -25.31
CA SER C 77 37.72 -8.84 -26.67
C SER C 77 38.36 -7.45 -26.91
N ILE C 78 38.12 -6.75 -28.02
CA ILE C 78 39.12 -5.76 -28.49
C ILE C 78 39.11 -4.31 -27.98
N LEU C 79 40.36 -3.84 -27.91
CA LEU C 79 40.81 -2.54 -27.46
C LEU C 79 42.05 -2.27 -28.31
N THR C 80 42.83 -1.25 -27.98
CA THR C 80 43.81 -0.70 -28.92
C THR C 80 45.10 -1.52 -29.12
N ASN C 81 45.27 -2.60 -28.37
CA ASN C 81 46.52 -3.34 -28.47
C ASN C 81 46.51 -4.67 -27.70
N GLY C 82 46.17 -5.75 -28.40
CA GLY C 82 46.24 -7.09 -27.84
C GLY C 82 44.98 -7.49 -27.10
N ILE C 83 44.87 -8.78 -26.79
CA ILE C 83 43.65 -9.29 -26.19
C ILE C 83 44.03 -9.93 -24.87
N TRP C 84 44.72 -9.14 -24.08
CA TRP C 84 45.22 -9.43 -22.74
C TRP C 84 44.37 -10.27 -21.78
N PRO C 85 45.03 -11.01 -20.87
CA PRO C 85 44.38 -11.85 -19.87
C PRO C 85 43.65 -11.06 -18.78
N ALA C 86 42.39 -11.43 -18.57
CA ALA C 86 41.53 -10.78 -17.61
C ALA C 86 41.60 -11.49 -16.27
N ALA C 87 41.96 -12.77 -16.34
CA ALA C 87 41.98 -13.65 -15.16
C ALA C 87 42.76 -14.92 -15.49
N GLY C 88 43.20 -15.64 -14.47
CA GLY C 88 43.95 -16.84 -14.70
C GLY C 88 44.38 -17.58 -13.46
N ILE C 89 44.89 -18.79 -13.67
CA ILE C 89 45.46 -19.62 -12.62
C ILE C 89 46.89 -19.98 -13.01
N ASN C 90 47.85 -19.72 -12.13
CA ASN C 90 49.22 -20.10 -12.45
C ASN C 90 49.54 -21.51 -11.94
N SER C 91 50.75 -21.98 -12.19
CA SER C 91 51.11 -23.36 -11.88
C SER C 91 51.28 -23.61 -10.37
N SER C 92 51.32 -22.54 -9.59
CA SER C 92 51.38 -22.65 -8.12
C SER C 92 49.98 -22.68 -7.50
N ASN C 93 48.97 -22.86 -8.36
CA ASN C 93 47.57 -22.82 -7.98
C ASN C 93 47.15 -21.50 -7.30
N VAL C 94 47.64 -20.39 -7.87
CA VAL C 94 47.13 -19.07 -7.51
C VAL C 94 46.15 -18.57 -8.57
N ALA C 95 44.97 -18.16 -8.15
CA ALA C 95 44.00 -17.55 -9.07
C ALA C 95 44.02 -16.04 -8.87
N MET C 96 43.81 -15.33 -9.96
CA MET C 96 43.77 -13.88 -9.95
C MET C 96 42.71 -13.39 -10.94
N SER C 97 41.96 -12.35 -10.58
CA SER C 97 40.99 -11.78 -11.51
C SER C 97 41.01 -10.26 -11.37
N ALA C 98 41.15 -9.57 -12.50
CA ALA C 98 41.33 -8.11 -12.51
C ALA C 98 40.39 -7.43 -13.49
N THR C 99 39.09 -7.59 -13.31
CA THR C 99 38.12 -6.96 -14.21
C THR C 99 37.03 -6.14 -13.54
N GLU C 100 37.31 -5.66 -12.35
CA GLU C 100 36.28 -5.00 -11.58
C GLU C 100 36.67 -3.51 -11.40
N THR C 101 36.15 -2.66 -12.26
CA THR C 101 36.32 -1.23 -12.12
C THR C 101 35.60 -0.77 -10.85
N ILE C 102 36.25 0.01 -9.98
CA ILE C 102 35.56 0.49 -8.78
C ILE C 102 35.42 2.02 -8.82
N THR C 103 35.27 2.67 -7.67
CA THR C 103 35.09 4.12 -7.59
C THR C 103 36.12 4.84 -6.70
N THR C 104 36.02 6.17 -6.68
CA THR C 104 36.93 7.00 -5.91
C THR C 104 36.21 8.28 -5.44
N ASN C 105 36.95 9.29 -4.96
CA ASN C 105 36.34 10.60 -4.69
C ASN C 105 37.38 11.69 -4.90
N SER C 106 36.95 12.94 -4.96
CA SER C 106 37.86 14.03 -5.33
C SER C 106 38.80 14.48 -4.17
N ARG C 107 38.50 14.06 -2.93
CA ARG C 107 39.37 14.44 -1.83
C ARG C 107 40.68 13.64 -1.92
N VAL C 108 40.61 12.34 -2.15
CA VAL C 108 41.85 11.57 -2.32
C VAL C 108 42.51 11.86 -3.67
N GLN C 109 41.73 12.05 -4.73
CA GLN C 109 42.32 12.32 -6.06
C GLN C 109 43.07 13.63 -6.08
N GLY C 110 42.66 14.56 -5.20
CA GLY C 110 43.33 15.83 -5.04
C GLY C 110 44.71 15.71 -4.43
N LEU C 111 44.99 14.56 -3.84
CA LEU C 111 46.29 14.28 -3.23
C LEU C 111 47.10 13.32 -4.09
N ASP C 112 46.47 12.25 -4.54
CA ASP C 112 47.16 11.23 -5.32
C ASP C 112 46.37 10.89 -6.60
N PRO C 113 46.42 11.80 -7.59
CA PRO C 113 45.64 11.67 -8.81
C PRO C 113 46.06 10.44 -9.59
N PHE C 114 45.11 9.89 -10.35
CA PHE C 114 45.44 8.93 -11.39
C PHE C 114 46.67 9.40 -12.17
N VAL C 115 47.56 8.45 -12.45
CA VAL C 115 48.76 8.69 -13.22
C VAL C 115 48.49 8.28 -14.67
N GLU C 116 48.50 9.24 -15.58
CA GLU C 116 48.11 8.98 -16.96
C GLU C 116 48.99 7.92 -17.66
N ASN C 117 50.25 7.82 -17.29
CA ASN C 117 51.08 6.77 -17.88
C ASN C 117 51.24 5.58 -16.94
N GLY C 118 50.27 5.37 -16.05
CA GLY C 118 50.33 4.27 -15.10
C GLY C 118 49.76 3.00 -15.70
N LEU C 119 49.71 1.93 -14.92
CA LEU C 119 49.15 0.66 -15.37
C LEU C 119 47.62 0.73 -15.40
N GLY C 120 47.01 -0.13 -16.22
CA GLY C 120 45.56 -0.30 -16.25
C GLY C 120 45.24 -1.75 -15.96
N GLU C 121 43.95 -2.07 -15.89
CA GLU C 121 43.58 -3.44 -15.54
C GLU C 121 44.04 -4.43 -16.61
N GLU C 122 44.20 -3.97 -17.85
CA GLU C 122 44.67 -4.82 -18.92
C GLU C 122 46.09 -5.36 -18.66
N ASP C 123 46.85 -4.66 -17.82
CA ASP C 123 48.23 -5.03 -17.55
C ASP C 123 48.39 -5.95 -16.35
N LEU C 124 47.41 -5.96 -15.45
CA LEU C 124 47.63 -6.49 -14.10
C LEU C 124 47.86 -7.99 -14.03
N VAL C 125 47.04 -8.78 -14.70
CA VAL C 125 47.23 -10.21 -14.65
C VAL C 125 48.60 -10.57 -15.24
N THR C 126 48.94 -10.01 -16.39
CA THR C 126 50.22 -10.31 -17.05
C THR C 126 51.43 -9.97 -16.17
N VAL C 127 51.41 -8.78 -15.54
CA VAL C 127 52.60 -8.33 -14.80
C VAL C 127 52.62 -8.79 -13.34
N VAL C 128 51.56 -9.43 -12.85
CA VAL C 128 51.56 -9.90 -11.46
C VAL C 128 51.55 -11.40 -11.34
N LEU C 129 50.56 -12.05 -11.94
CA LEU C 129 50.29 -13.48 -11.71
C LEU C 129 51.45 -14.48 -11.93
N PRO C 130 52.26 -14.30 -12.98
CA PRO C 130 53.23 -15.37 -13.25
C PRO C 130 54.37 -15.45 -12.25
N TYR C 131 54.45 -14.49 -11.34
CA TYR C 131 55.62 -14.31 -10.51
C TYR C 131 55.34 -14.47 -9.04
N VAL C 132 54.22 -15.09 -8.68
CA VAL C 132 53.86 -15.21 -7.26
C VAL C 132 53.42 -16.64 -6.92
N LYS C 133 53.64 -17.05 -5.67
CA LYS C 133 53.38 -18.41 -5.22
C LYS C 133 52.32 -18.51 -4.12
N SER C 134 51.67 -17.39 -3.84
CA SER C 134 50.57 -17.32 -2.88
C SER C 134 49.64 -16.16 -3.24
N ALA C 135 48.41 -16.21 -2.76
CA ALA C 135 47.48 -15.09 -2.93
C ALA C 135 48.05 -13.82 -2.25
N ARG C 136 48.64 -13.98 -1.07
CA ARG C 136 49.17 -12.83 -0.34
C ARG C 136 50.36 -12.18 -1.10
N GLU C 137 51.21 -12.99 -1.74
CA GLU C 137 52.29 -12.47 -2.58
C GLU C 137 51.77 -11.67 -3.78
N GLY C 138 50.67 -12.15 -4.37
CA GLY C 138 50.06 -11.45 -5.48
C GLY C 138 49.66 -10.05 -5.07
N VAL C 139 49.03 -9.95 -3.91
CA VAL C 139 48.69 -8.65 -3.33
C VAL C 139 49.91 -7.75 -3.18
N LYS C 140 50.97 -8.25 -2.53
CA LYS C 140 52.13 -7.40 -2.26
C LYS C 140 52.82 -6.99 -3.56
N ARG C 141 52.86 -7.90 -4.51
CA ARG C 141 53.50 -7.56 -5.76
C ARG C 141 52.69 -6.50 -6.49
N LEU C 142 51.37 -6.68 -6.55
CA LEU C 142 50.53 -5.69 -7.21
C LEU C 142 50.69 -4.32 -6.55
N GLY C 143 50.65 -4.27 -5.22
CA GLY C 143 50.83 -3.02 -4.50
C GLY C 143 52.15 -2.35 -4.82
N SER C 144 53.22 -3.14 -4.83
CA SER C 144 54.56 -2.65 -5.14
C SER C 144 54.60 -2.10 -6.57
N LEU C 145 53.87 -2.73 -7.47
CA LEU C 145 53.83 -2.29 -8.87
C LEU C 145 53.02 -0.98 -9.05
N LEU C 146 51.95 -0.81 -8.28
CA LEU C 146 51.18 0.44 -8.28
C LEU C 146 52.06 1.60 -7.76
N GLU C 147 52.87 1.32 -6.74
CA GLU C 147 53.79 2.34 -6.23
C GLU C 147 54.81 2.79 -7.27
N GLU C 148 55.29 1.83 -8.07
CA GLU C 148 56.37 2.13 -9.00
C GLU C 148 55.84 2.74 -10.29
N TYR C 149 54.77 2.19 -10.85
CA TYR C 149 54.32 2.68 -12.15
C TYR C 149 53.03 3.49 -12.09
N GLY C 150 52.31 3.41 -10.97
CA GLY C 150 51.00 4.06 -10.87
C GLY C 150 49.92 3.42 -11.74
N THR C 151 48.73 4.02 -11.69
CA THR C 151 47.59 3.53 -12.45
C THR C 151 46.70 4.71 -12.85
N TYR C 152 45.99 4.56 -13.97
CA TYR C 152 45.11 5.63 -14.46
C TYR C 152 43.65 5.31 -14.10
N GLU C 153 43.47 4.19 -13.39
CA GLU C 153 42.16 3.59 -13.11
C GLU C 153 41.96 3.28 -11.64
N PRO C 154 40.69 3.19 -11.19
CA PRO C 154 40.35 2.59 -9.90
C PRO C 154 39.94 1.13 -10.11
N ASN C 155 40.68 0.18 -9.55
CA ASN C 155 40.39 -1.21 -9.81
C ASN C 155 40.25 -2.01 -8.53
N GLY C 156 39.49 -3.11 -8.63
CA GLY C 156 39.40 -4.13 -7.61
C GLY C 156 39.90 -5.44 -8.21
N ILE C 157 40.76 -6.15 -7.48
CA ILE C 157 41.46 -7.34 -7.94
C ILE C 157 41.33 -8.47 -6.93
N SER C 158 41.01 -9.67 -7.37
CA SER C 158 40.87 -10.80 -6.46
C SER C 158 42.02 -11.79 -6.60
N PHE C 159 42.47 -12.37 -5.49
CA PHE C 159 43.49 -13.43 -5.47
C PHE C 159 43.02 -14.61 -4.66
N ALA C 160 43.41 -15.81 -5.06
CA ALA C 160 43.11 -16.98 -4.26
C ALA C 160 44.18 -18.07 -4.38
N ASP C 161 44.43 -18.77 -3.28
CA ASP C 161 45.14 -20.04 -3.34
C ASP C 161 44.31 -20.99 -2.52
N ASN C 162 44.84 -22.18 -2.23
CA ASN C 162 44.03 -23.17 -1.56
C ASN C 162 43.71 -22.79 -0.11
N GLU C 163 44.38 -21.77 0.41
CA GLU C 163 44.14 -21.34 1.78
C GLU C 163 43.35 -20.04 1.85
N GLU C 164 43.71 -19.11 0.97
CA GLU C 164 43.26 -17.74 1.17
C GLU C 164 42.64 -17.04 -0.03
N VAL C 165 41.75 -16.11 0.29
CA VAL C 165 41.17 -15.24 -0.72
C VAL C 165 41.40 -13.78 -0.25
N TRP C 166 41.96 -12.99 -1.16
CA TRP C 166 42.24 -11.57 -0.91
C TRP C 166 41.54 -10.69 -1.93
N TRP C 167 41.10 -9.51 -1.47
CA TRP C 167 40.54 -8.51 -2.35
C TRP C 167 41.35 -7.24 -2.20
N LEU C 168 41.95 -6.80 -3.30
CA LEU C 168 42.75 -5.58 -3.33
C LEU C 168 41.99 -4.50 -4.06
N GLU C 169 42.02 -3.30 -3.52
CA GLU C 169 41.41 -2.19 -4.20
C GLU C 169 42.46 -1.09 -4.34
N THR C 170 42.62 -0.58 -5.55
CA THR C 170 43.55 0.50 -5.81
C THR C 170 42.93 1.82 -5.37
N ILE C 171 43.76 2.74 -4.95
CA ILE C 171 43.34 3.98 -4.28
C ILE C 171 44.17 5.13 -4.84
N GLY C 172 43.55 6.04 -5.60
CA GLY C 172 44.29 7.07 -6.30
C GLY C 172 45.29 6.53 -7.30
N GLY C 173 46.31 7.34 -7.59
CA GLY C 173 47.33 6.97 -8.56
C GLY C 173 48.30 5.88 -8.12
N HIS C 174 48.57 5.74 -6.82
CA HIS C 174 49.59 4.80 -6.31
C HIS C 174 49.23 3.99 -5.06
N HIS C 175 48.13 4.33 -4.39
CA HIS C 175 47.85 3.67 -3.11
C HIS C 175 46.93 2.47 -3.29
N TRP C 176 46.85 1.68 -2.23
CA TRP C 176 46.08 0.44 -2.26
C TRP C 176 45.83 -0.07 -0.86
N ALA C 177 44.86 -0.98 -0.78
CA ALA C 177 44.51 -1.63 0.46
C ALA C 177 43.93 -2.96 0.08
N ALA C 178 44.10 -3.96 0.93
CA ALA C 178 43.59 -5.29 0.59
C ALA C 178 43.13 -5.95 1.86
N VAL C 179 42.16 -6.83 1.73
CA VAL C 179 41.60 -7.52 2.88
C VAL C 179 41.54 -9.03 2.59
N ARG C 180 42.02 -9.83 3.54
CA ARG C 180 41.83 -11.27 3.42
C ARG C 180 40.41 -11.61 3.86
N ILE C 181 39.64 -12.18 2.94
CA ILE C 181 38.29 -12.63 3.25
C ILE C 181 38.37 -13.81 4.22
N PRO C 182 37.68 -13.70 5.37
CA PRO C 182 37.68 -14.76 6.38
C PRO C 182 37.22 -16.14 5.80
N ASP C 183 37.73 -17.22 6.37
CA ASP C 183 37.48 -18.58 5.88
C ASP C 183 36.02 -18.88 5.71
N ASP C 184 35.22 -18.37 6.63
CA ASP C 184 33.80 -18.71 6.67
C ASP C 184 32.92 -17.62 6.04
N ALA C 185 33.54 -16.72 5.29
CA ALA C 185 32.78 -15.59 4.75
C ALA C 185 32.71 -15.60 3.23
N TYR C 186 31.88 -14.70 2.72
CA TYR C 186 31.79 -14.48 1.29
C TYR C 186 31.65 -13.02 1.01
N VAL C 187 31.89 -12.63 -0.23
CA VAL C 187 31.78 -11.24 -0.60
C VAL C 187 31.04 -11.12 -1.91
N VAL C 188 30.14 -10.15 -2.01
CA VAL C 188 29.59 -9.75 -3.32
C VAL C 188 30.07 -8.36 -3.65
N ALA C 189 30.80 -8.19 -4.75
CA ALA C 189 31.39 -6.89 -5.04
C ALA C 189 31.06 -6.32 -6.44
N PRO C 190 30.31 -5.22 -6.49
CA PRO C 190 29.98 -4.59 -7.76
C PRO C 190 31.05 -3.60 -8.14
N ASN C 191 30.74 -2.69 -9.06
CA ASN C 191 31.70 -1.69 -9.54
C ASN C 191 31.81 -0.50 -8.57
N ARG C 192 32.03 -0.79 -7.30
CA ARG C 192 32.06 0.26 -6.31
C ARG C 192 33.11 -0.14 -5.29
N MET C 193 33.86 0.84 -4.78
CA MET C 193 34.83 0.53 -3.74
C MET C 193 34.12 -0.16 -2.58
N ASN C 194 34.61 -1.32 -2.17
CA ASN C 194 33.85 -2.20 -1.28
C ASN C 194 34.38 -2.27 0.14
N ILE C 195 35.69 -2.16 0.30
CA ILE C 195 36.31 -2.36 1.62
C ILE C 195 35.78 -1.35 2.65
N ASP C 196 35.20 -1.85 3.73
CA ASP C 196 34.63 -0.97 4.74
C ASP C 196 35.54 -0.89 5.99
N GLN C 197 35.08 -1.31 7.16
CA GLN C 197 35.89 -1.21 8.39
C GLN C 197 37.25 -1.87 8.20
N PHE C 198 38.30 -1.15 8.53
CA PHE C 198 39.65 -1.57 8.19
C PHE C 198 40.55 -1.49 9.44
N ASP C 199 41.11 -2.63 9.81
CA ASP C 199 42.00 -2.70 10.94
C ASP C 199 43.41 -2.80 10.38
N PHE C 200 44.17 -1.71 10.47
CA PHE C 200 45.55 -1.70 10.00
C PHE C 200 46.37 -2.75 10.77
N ASP C 201 46.04 -2.93 12.04
CA ASP C 201 46.74 -3.89 12.89
C ASP C 201 46.60 -5.34 12.42
N SER C 202 45.50 -5.66 11.74
CA SER C 202 45.18 -7.05 11.50
C SER C 202 46.13 -7.72 10.48
N ASP C 203 46.33 -9.01 10.68
CA ASP C 203 47.03 -9.90 9.74
C ASP C 203 46.12 -10.12 8.54
N ASP C 204 44.82 -9.86 8.73
CA ASP C 204 43.85 -10.01 7.65
C ASP C 204 43.87 -8.85 6.67
N THR C 205 44.78 -7.88 6.86
CA THR C 205 44.88 -6.71 5.97
C THR C 205 46.30 -6.36 5.50
N LEU C 206 46.35 -5.69 4.36
CA LEU C 206 47.58 -5.14 3.80
C LEU C 206 47.25 -3.82 3.14
N CYS C 207 48.18 -2.88 3.11
CA CYS C 207 47.92 -1.61 2.43
C CYS C 207 49.20 -0.84 2.26
N SER C 208 49.16 0.21 1.42
CA SER C 208 50.23 1.20 1.41
C SER C 208 50.75 1.49 2.83
N SER C 209 52.08 1.54 2.96
CA SER C 209 52.72 1.70 4.26
C SER C 209 52.41 3.06 4.89
N ASP C 210 52.04 4.04 4.07
CA ASP C 210 51.67 5.38 4.51
C ASP C 210 50.16 5.61 4.56
N LEU C 211 49.35 4.56 4.39
CA LEU C 211 47.91 4.79 4.17
C LEU C 211 47.24 5.50 5.35
N LYS C 212 47.47 4.97 6.55
CA LYS C 212 46.90 5.54 7.77
C LYS C 212 47.37 7.01 8.01
N ASP C 213 48.66 7.28 7.83
CA ASP C 213 49.17 8.65 7.93
C ASP C 213 48.59 9.57 6.88
N LEU C 214 48.48 9.07 5.65
CA LEU C 214 47.86 9.83 4.55
C LEU C 214 46.46 10.27 4.96
N ILE C 215 45.72 9.34 5.58
CA ILE C 215 44.38 9.65 6.03
C ILE C 215 44.42 10.65 7.19
N ASP C 216 45.16 10.29 8.25
CA ASP C 216 45.19 11.12 9.47
C ASP C 216 45.64 12.54 9.24
N ASN C 217 46.63 12.73 8.37
CA ASN C 217 47.23 14.04 8.20
C ASN C 217 46.53 14.92 7.18
N ASN C 218 45.52 14.39 6.49
CA ASN C 218 44.91 15.16 5.43
C ASN C 218 43.40 15.35 5.51
N ASN C 219 42.84 15.14 6.71
CA ASN C 219 41.41 15.34 6.92
C ASN C 219 40.56 14.55 5.93
N LEU C 220 40.99 13.32 5.66
CA LEU C 220 40.30 12.42 4.74
C LEU C 220 39.22 11.62 5.43
N ASN C 221 39.30 11.48 6.74
CA ASN C 221 38.36 10.62 7.44
C ASN C 221 37.05 11.37 7.77
N PRO C 222 35.92 10.92 7.21
CA PRO C 222 34.63 11.57 7.49
C PRO C 222 33.95 11.11 8.79
N ASP C 223 34.44 10.02 9.36
CA ASP C 223 33.78 9.44 10.51
C ASP C 223 34.35 9.87 11.84
N PHE C 224 33.49 9.90 12.86
CA PHE C 224 33.88 10.28 14.21
C PHE C 224 34.83 9.26 14.80
N GLU C 225 34.62 7.98 14.51
CA GLU C 225 35.48 6.93 15.04
C GLU C 225 35.95 5.97 13.95
N ASN C 226 37.17 5.44 14.13
CA ASN C 226 37.68 4.32 13.32
C ASN C 226 37.84 4.62 11.81
N TYR C 227 38.11 3.56 11.04
CA TYR C 227 38.40 3.73 9.63
C TYR C 227 37.55 2.83 8.74
N ASN C 228 36.77 3.46 7.88
CA ASN C 228 35.96 2.78 6.90
C ASN C 228 36.48 3.23 5.55
N LEU C 229 37.14 2.31 4.82
CA LEU C 229 37.96 2.73 3.69
C LEU C 229 37.14 3.29 2.55
N ARG C 230 35.94 2.77 2.33
CA ARG C 230 35.14 3.24 1.21
C ARG C 230 34.43 4.55 1.57
N HIS C 231 34.21 4.77 2.86
CA HIS C 231 33.81 6.09 3.33
C HIS C 231 34.88 7.11 3.00
N ILE C 232 36.13 6.73 3.23
CA ILE C 232 37.28 7.62 3.11
C ILE C 232 37.71 7.85 1.66
N PHE C 233 37.81 6.75 0.92
CA PHE C 233 38.45 6.74 -0.39
C PHE C 233 37.47 6.49 -1.53
N GLY C 234 36.26 6.08 -1.18
CA GLY C 234 35.33 5.64 -2.18
C GLY C 234 34.21 6.63 -2.40
N SER C 235 33.08 6.08 -2.86
CA SER C 235 31.90 6.85 -3.20
C SER C 235 30.68 6.32 -2.48
N ALA C 236 29.73 7.22 -2.26
CA ALA C 236 28.34 6.88 -1.98
C ALA C 236 27.52 7.83 -2.86
N SER C 237 27.53 7.57 -4.15
CA SER C 237 26.87 8.46 -5.10
C SER C 237 25.44 8.04 -5.44
N ILE C 238 24.75 8.88 -6.20
CA ILE C 238 23.43 8.55 -6.73
C ILE C 238 23.54 7.36 -7.69
N LYS C 239 24.60 7.36 -8.48
CA LYS C 239 24.80 6.26 -9.42
C LYS C 239 24.92 4.91 -8.71
N ASP C 240 25.60 4.90 -7.56
CA ASP C 240 25.79 3.70 -6.76
C ASP C 240 24.47 3.09 -6.32
N THR C 241 23.52 3.95 -5.96
CA THR C 241 22.26 3.49 -5.39
C THR C 241 21.46 2.65 -6.36
N VAL C 242 21.62 2.89 -7.66
CA VAL C 242 20.83 2.14 -8.62
C VAL C 242 21.69 1.16 -9.42
N TYR C 243 22.97 1.47 -9.58
CA TYR C 243 23.86 0.73 -10.46
C TYR C 243 24.74 -0.29 -9.72
N ASN C 244 25.02 -0.05 -8.44
CA ASN C 244 25.95 -0.92 -7.71
C ASN C 244 25.29 -1.62 -6.53
N ASN C 245 24.76 -0.84 -5.60
CA ASN C 245 24.14 -1.37 -4.39
C ASN C 245 23.07 -2.46 -4.57
N PRO C 246 22.18 -2.33 -5.58
CA PRO C 246 21.18 -3.40 -5.73
C PRO C 246 21.80 -4.75 -6.08
N ARG C 247 22.92 -4.75 -6.79
CA ARG C 247 23.58 -6.02 -7.13
C ARG C 247 24.16 -6.68 -5.87
N THR C 248 24.75 -5.86 -5.01
CA THR C 248 25.25 -6.30 -3.73
C THR C 248 24.10 -6.82 -2.87
N TRP C 249 23.02 -6.06 -2.85
CA TRP C 249 21.88 -6.42 -2.02
C TRP C 249 21.33 -7.79 -2.43
N TYR C 250 21.17 -7.98 -3.73
CA TYR C 250 20.60 -9.20 -4.31
C TYR C 250 21.38 -10.45 -3.93
N GLY C 251 22.70 -10.39 -4.13
CA GLY C 251 23.58 -11.45 -3.69
C GLY C 251 23.50 -11.69 -2.18
N GLN C 252 23.44 -10.63 -1.41
CA GLN C 252 23.39 -10.80 0.04
C GLN C 252 22.01 -11.33 0.47
N LYS C 253 20.96 -10.95 -0.26
CA LYS C 253 19.65 -11.52 0.02
C LYS C 253 19.59 -13.04 -0.21
N PHE C 254 20.29 -13.50 -1.26
CA PHE C 254 20.28 -14.92 -1.63
C PHE C 254 21.06 -15.75 -0.61
N PHE C 255 22.23 -15.29 -0.19
CA PHE C 255 23.06 -16.05 0.73
C PHE C 255 22.75 -15.76 2.20
N SER C 256 22.34 -14.52 2.49
CA SER C 256 22.04 -14.13 3.87
C SER C 256 20.67 -13.48 4.00
N PRO C 257 19.60 -14.23 3.71
CA PRO C 257 18.25 -13.63 3.69
C PRO C 257 17.85 -13.00 5.02
N ASP C 258 18.28 -13.57 6.15
CA ASP C 258 17.88 -13.07 7.47
C ASP C 258 18.81 -12.00 8.07
N ASP C 259 19.89 -11.64 7.37
CA ASP C 259 20.75 -10.56 7.83
C ASP C 259 20.68 -9.36 6.89
N THR C 260 19.80 -9.45 5.91
CA THR C 260 19.74 -8.44 4.88
C THR C 260 18.33 -7.89 4.82
N ALA C 261 18.25 -6.57 4.99
CA ALA C 261 16.98 -5.88 4.95
C ALA C 261 16.51 -5.72 3.49
N ASP C 262 15.53 -4.86 3.29
CA ASP C 262 14.76 -4.89 2.04
C ASP C 262 14.93 -3.65 1.19
N ASP C 263 16.02 -2.93 1.41
CA ASP C 263 16.33 -1.75 0.63
C ASP C 263 17.53 -1.99 -0.27
N PRO C 264 17.29 -2.21 -1.57
CA PRO C 264 18.42 -2.42 -2.50
C PRO C 264 19.30 -1.16 -2.73
N MET C 265 18.89 -0.01 -2.24
CA MET C 265 19.65 1.22 -2.50
C MET C 265 20.70 1.47 -1.43
N GLU C 266 20.59 0.75 -0.32
CA GLU C 266 21.46 0.88 0.85
C GLU C 266 22.97 1.09 0.55
N GLN C 267 23.55 2.20 1.03
CA GLN C 267 24.96 2.57 0.80
C GLN C 267 25.96 1.85 1.77
N ASP C 268 25.47 1.32 2.88
CA ASP C 268 26.38 0.68 3.84
C ASP C 268 26.11 -0.81 4.06
N LEU C 269 25.77 -1.50 2.97
CA LEU C 269 25.74 -2.94 3.02
C LEU C 269 27.15 -3.37 3.40
N PRO C 270 27.25 -4.36 4.29
CA PRO C 270 28.57 -4.84 4.70
C PRO C 270 29.36 -5.44 3.52
N PHE C 271 30.68 -5.40 3.67
CA PHE C 271 31.57 -6.03 2.72
C PHE C 271 31.64 -7.53 2.99
N ILE C 272 32.16 -7.88 4.16
CA ILE C 272 32.25 -9.27 4.61
C ILE C 272 30.91 -9.81 5.07
N CYS C 273 30.53 -10.99 4.61
CA CYS C 273 29.25 -11.55 4.99
C CYS C 273 29.33 -13.00 5.43
N HIS C 274 28.27 -13.46 6.08
CA HIS C 274 28.19 -14.87 6.46
C HIS C 274 26.87 -15.41 6.01
N ALA C 275 26.94 -16.39 5.12
CA ALA C 275 25.77 -17.02 4.55
C ALA C 275 25.14 -17.97 5.55
N ASN C 276 23.88 -18.33 5.32
CA ASN C 276 23.19 -19.26 6.22
C ASN C 276 23.43 -20.71 5.85
N ARG C 277 24.36 -20.93 4.92
CA ARG C 277 24.65 -22.26 4.38
C ARG C 277 25.97 -22.22 3.61
N LYS C 278 26.50 -23.37 3.25
CA LYS C 278 27.71 -23.40 2.45
C LYS C 278 27.35 -23.16 0.99
N ILE C 279 28.29 -22.57 0.26
CA ILE C 279 28.05 -22.10 -1.09
C ILE C 279 28.61 -23.03 -2.16
N SER C 280 27.80 -23.32 -3.17
CA SER C 280 28.21 -24.22 -4.25
C SER C 280 28.66 -23.44 -5.47
N VAL C 281 29.32 -24.13 -6.40
CA VAL C 281 29.64 -23.50 -7.67
C VAL C 281 28.33 -23.10 -8.35
N GLU C 282 27.31 -23.96 -8.24
CA GLU C 282 25.99 -23.66 -8.79
C GLU C 282 25.36 -22.39 -8.19
N ASP C 283 25.54 -22.14 -6.90
CA ASP C 283 24.99 -20.95 -6.27
C ASP C 283 25.63 -19.71 -6.89
N VAL C 284 26.97 -19.71 -6.97
CA VAL C 284 27.70 -18.58 -7.51
C VAL C 284 27.30 -18.32 -8.97
N LYS C 285 27.29 -19.37 -9.77
CA LYS C 285 26.86 -19.27 -11.16
C LYS C 285 25.47 -18.62 -11.21
N PHE C 286 24.54 -19.08 -10.39
CA PHE C 286 23.21 -18.51 -10.46
C PHE C 286 23.18 -16.99 -10.16
N VAL C 287 23.79 -16.57 -9.05
CA VAL C 287 23.76 -15.17 -8.65
C VAL C 287 24.39 -14.26 -9.71
N LEU C 288 25.48 -14.71 -10.31
CA LEU C 288 26.14 -13.94 -11.34
C LEU C 288 25.38 -13.94 -12.69
N SER C 289 24.40 -14.81 -12.85
CA SER C 289 23.62 -14.87 -14.08
C SER C 289 22.20 -14.31 -13.96
N SER C 290 21.69 -14.16 -12.74
CA SER C 290 20.24 -13.97 -12.57
C SER C 290 19.84 -12.54 -12.19
N HIS C 291 18.94 -11.99 -12.99
CA HIS C 291 18.71 -10.56 -13.06
C HIS C 291 17.82 -9.87 -12.07
N PHE C 292 17.80 -10.34 -10.83
CA PHE C 292 16.84 -9.89 -9.82
C PHE C 292 15.48 -10.56 -10.08
N GLU C 293 15.43 -11.89 -10.21
CA GLU C 293 14.18 -12.51 -10.65
C GLU C 293 13.50 -13.26 -9.53
N ASN C 294 12.53 -12.61 -8.90
CA ASN C 294 11.13 -13.03 -8.73
C ASN C 294 10.41 -11.73 -8.41
N THR C 295 9.28 -11.82 -7.72
CA THR C 295 8.29 -10.74 -7.58
C THR C 295 8.76 -9.26 -7.60
N LYS C 296 10.05 -8.99 -7.36
CA LYS C 296 10.49 -7.61 -7.13
C LYS C 296 10.85 -6.69 -8.36
N TYR C 297 12.04 -6.88 -8.93
CA TYR C 297 12.64 -6.02 -9.98
C TYR C 297 13.33 -6.83 -11.11
N ASP C 298 12.60 -7.18 -12.16
CA ASP C 298 13.11 -8.01 -13.27
C ASP C 298 13.48 -7.05 -14.41
N VAL C 299 13.86 -7.55 -15.59
CA VAL C 299 14.09 -6.74 -16.80
C VAL C 299 13.59 -7.48 -18.07
N TYR C 300 12.31 -7.52 -18.36
CA TYR C 300 11.28 -7.10 -17.46
C TYR C 300 10.41 -8.36 -17.20
N GLY C 301 9.43 -8.27 -16.29
CA GLY C 301 8.68 -9.42 -15.76
C GLY C 301 7.15 -9.31 -15.75
N SER C 302 6.55 -9.46 -14.57
CA SER C 302 5.09 -9.63 -14.49
C SER C 302 4.26 -8.52 -13.80
N GLY C 303 4.88 -7.48 -13.24
CA GLY C 303 4.09 -6.34 -12.74
C GLY C 303 3.85 -6.02 -11.27
N SER C 304 4.31 -4.88 -10.72
CA SER C 304 5.19 -3.81 -11.27
C SER C 304 5.04 -3.11 -12.66
N GLN C 305 5.36 -1.80 -12.71
CA GLN C 305 6.26 -1.25 -13.75
C GLN C 305 6.64 0.21 -13.42
N SER C 306 6.42 0.61 -12.17
CA SER C 306 7.08 1.81 -11.64
C SER C 306 8.38 1.27 -11.06
N ASP C 307 8.37 -0.05 -10.88
CA ASP C 307 9.49 -0.84 -10.39
C ASP C 307 10.42 -1.60 -11.36
N LYS C 308 10.51 -1.29 -12.67
CA LYS C 308 11.73 -1.63 -13.45
C LYS C 308 11.95 -0.59 -14.53
N THR C 309 13.20 -0.14 -14.62
CA THR C 309 13.80 1.04 -15.27
C THR C 309 15.14 1.10 -14.59
N LEU C 310 15.08 1.06 -13.26
CA LEU C 310 15.93 1.83 -12.36
C LEU C 310 17.25 1.17 -12.04
N PHE C 311 17.21 -0.13 -11.81
CA PHE C 311 18.30 -0.80 -11.15
C PHE C 311 19.04 -1.67 -12.13
N ARG C 312 20.24 -2.08 -11.76
CA ARG C 312 21.14 -2.69 -12.71
C ARG C 312 21.27 -4.19 -12.65
N PRO C 313 21.01 -4.79 -13.82
CA PRO C 313 21.17 -6.15 -14.33
C PRO C 313 22.33 -6.91 -13.65
N ILE C 314 22.04 -8.11 -13.15
CA ILE C 314 23.07 -8.98 -12.56
C ILE C 314 22.92 -10.48 -12.99
N GLY C 315 23.60 -10.97 -14.03
CA GLY C 315 24.58 -10.29 -14.86
C GLY C 315 24.27 -10.50 -16.34
N ILE C 316 23.04 -10.20 -16.74
CA ILE C 316 22.51 -10.39 -18.11
C ILE C 316 22.62 -9.06 -18.90
N ASN C 317 22.71 -9.18 -20.23
CA ASN C 317 22.94 -8.11 -21.22
C ASN C 317 23.60 -6.85 -20.68
N ARG C 318 24.86 -6.71 -21.07
CA ARG C 318 25.45 -7.60 -22.08
C ARG C 318 26.85 -8.01 -21.62
N ASN C 319 27.12 -9.31 -21.46
CA ASN C 319 26.18 -10.43 -21.29
C ASN C 319 26.67 -11.27 -20.09
N HIS C 320 26.40 -12.57 -20.06
CA HIS C 320 26.86 -13.36 -18.94
C HIS C 320 27.98 -14.16 -19.53
N ASN C 321 29.20 -13.70 -19.39
CA ASN C 321 30.25 -14.67 -19.46
C ASN C 321 30.51 -14.80 -17.99
N VAL C 322 30.16 -15.94 -17.44
CA VAL C 322 30.44 -16.17 -16.05
C VAL C 322 31.74 -16.95 -15.97
N HIS C 323 32.64 -16.46 -15.15
CA HIS C 323 33.93 -17.07 -15.02
C HIS C 323 34.21 -17.34 -13.53
N ILE C 324 34.47 -18.59 -13.19
CA ILE C 324 34.72 -18.95 -11.81
C ILE C 324 36.06 -19.69 -11.66
N LEU C 325 36.96 -19.12 -10.86
CA LEU C 325 38.26 -19.73 -10.59
C LEU C 325 38.18 -20.41 -9.25
N GLN C 326 38.37 -21.73 -9.24
CA GLN C 326 38.25 -22.54 -8.03
C GLN C 326 39.55 -23.27 -7.68
N ILE C 327 40.01 -23.13 -6.44
CA ILE C 327 41.14 -23.92 -5.95
C ILE C 327 40.70 -24.89 -4.89
N ARG C 328 40.70 -26.18 -5.21
CA ARG C 328 40.09 -27.18 -4.33
C ARG C 328 41.06 -27.64 -3.25
N ASN C 329 40.54 -28.26 -2.20
CA ASN C 329 41.40 -28.86 -1.19
C ASN C 329 41.07 -30.36 -1.00
N ASN C 330 41.96 -31.06 -0.31
CA ASN C 330 41.85 -32.50 -0.09
C ASN C 330 41.73 -33.30 -1.41
N VAL C 331 42.40 -32.80 -2.44
CA VAL C 331 42.66 -33.51 -3.67
C VAL C 331 44.12 -33.19 -3.98
N PRO C 332 44.80 -34.01 -4.79
CA PRO C 332 46.20 -33.69 -5.09
C PRO C 332 46.34 -32.31 -5.71
N THR C 333 47.40 -31.62 -5.31
CA THR C 333 47.68 -30.27 -5.75
C THR C 333 47.67 -30.17 -7.28
N GLU C 334 47.98 -31.28 -7.95
CA GLU C 334 48.06 -31.30 -9.41
C GLU C 334 46.71 -31.18 -10.09
N ILE C 335 45.62 -31.44 -9.35
CA ILE C 335 44.29 -31.30 -9.91
C ILE C 335 43.41 -30.33 -9.11
N ALA C 336 44.03 -29.44 -8.35
CA ALA C 336 43.27 -28.56 -7.47
C ALA C 336 42.68 -27.37 -8.24
N GLY C 337 43.43 -26.88 -9.21
CA GLY C 337 43.00 -25.72 -9.96
C GLY C 337 41.99 -25.98 -11.07
N ILE C 338 40.81 -25.39 -10.93
CA ILE C 338 39.74 -25.52 -11.92
C ILE C 338 39.32 -24.18 -12.50
N HIS C 339 39.34 -24.11 -13.83
CA HIS C 339 38.83 -22.97 -14.59
C HIS C 339 37.41 -23.23 -15.01
N TRP C 340 36.43 -22.75 -14.27
CA TRP C 340 35.05 -22.88 -14.74
C TRP C 340 34.80 -21.82 -15.79
N LEU C 341 34.82 -22.25 -17.05
CA LEU C 341 34.75 -21.33 -18.17
C LEU C 341 33.35 -21.29 -18.78
N ALA C 342 32.91 -20.11 -19.20
CA ALA C 342 31.57 -19.89 -19.73
C ALA C 342 31.34 -20.52 -21.10
N TYR C 343 30.11 -20.96 -21.33
CA TYR C 343 29.65 -21.54 -22.60
C TYR C 343 28.14 -21.73 -22.48
N GLY C 344 27.29 -20.81 -22.95
CA GLY C 344 27.61 -19.62 -23.72
C GLY C 344 26.81 -19.85 -24.98
N ALA C 345 25.91 -18.94 -25.37
CA ALA C 345 25.60 -17.70 -24.67
C ALA C 345 24.08 -17.48 -24.58
N ASN C 346 23.65 -16.22 -24.67
CA ASN C 346 22.26 -15.83 -24.41
C ASN C 346 21.89 -16.36 -23.02
N THR C 347 20.78 -17.08 -22.90
CA THR C 347 20.41 -17.61 -21.60
C THR C 347 20.74 -19.10 -21.46
N PHE C 348 21.44 -19.67 -22.43
CA PHE C 348 21.81 -21.10 -22.34
C PHE C 348 23.28 -21.20 -22.01
N ASN C 349 23.72 -20.38 -21.07
CA ASN C 349 25.11 -20.42 -20.71
C ASN C 349 25.30 -21.40 -19.57
N THR C 350 26.40 -22.14 -19.65
CA THR C 350 26.80 -23.05 -18.59
C THR C 350 28.23 -22.72 -18.23
N VAL C 351 28.72 -23.28 -17.14
CA VAL C 351 30.13 -23.19 -16.88
C VAL C 351 30.73 -24.59 -16.95
N VAL C 352 31.84 -24.70 -17.68
CA VAL C 352 32.55 -25.95 -17.86
C VAL C 352 33.81 -25.94 -17.02
N PRO C 353 34.00 -26.97 -16.18
CA PRO C 353 35.12 -27.06 -15.23
C PRO C 353 36.43 -27.62 -15.82
N PHE C 354 37.16 -26.80 -16.59
CA PHE C 354 38.44 -27.26 -17.13
C PHE C 354 39.49 -27.26 -16.04
N TYR C 355 40.35 -28.30 -16.06
CA TYR C 355 41.53 -28.37 -15.18
C TYR C 355 42.54 -27.33 -15.62
N ALA C 356 43.07 -26.56 -14.67
CA ALA C 356 44.01 -25.48 -14.99
C ALA C 356 45.44 -25.99 -15.20
N ASN C 357 45.75 -27.14 -14.61
CA ASN C 357 47.11 -27.68 -14.67
C ASN C 357 47.39 -28.43 -15.97
N VAL C 358 47.46 -27.68 -17.08
CA VAL C 358 47.72 -28.23 -18.41
C VAL C 358 48.59 -27.27 -19.22
N ASN C 359 49.24 -27.78 -20.27
CA ASN C 359 50.09 -26.93 -21.11
C ASN C 359 49.45 -26.62 -22.43
N ASP C 360 48.35 -27.32 -22.72
CA ASP C 360 47.66 -27.15 -23.98
C ASP C 360 46.15 -27.17 -23.78
N THR C 361 45.43 -26.59 -24.73
CA THR C 361 43.99 -26.44 -24.62
C THR C 361 43.36 -27.31 -25.72
N PRO C 362 42.14 -27.85 -25.50
CA PRO C 362 41.45 -28.58 -26.58
C PRO C 362 41.49 -27.80 -27.90
N VAL C 363 41.69 -28.53 -29.00
CA VAL C 363 41.91 -27.94 -30.33
C VAL C 363 40.84 -26.95 -30.75
N GLN C 364 39.63 -27.16 -30.24
CA GLN C 364 38.50 -26.28 -30.46
C GLN C 364 38.86 -24.82 -30.22
N TYR C 365 39.79 -24.58 -29.30
CA TYR C 365 40.13 -23.22 -28.86
C TYR C 365 41.45 -22.77 -29.47
N LYS C 366 41.80 -23.33 -30.63
CA LYS C 366 43.02 -22.94 -31.31
C LYS C 366 42.72 -22.39 -32.70
N ASN C 367 41.58 -22.81 -33.21
CA ASN C 367 41.17 -22.49 -34.57
C ASN C 367 40.32 -21.23 -34.69
N ALA C 368 39.70 -21.12 -35.85
CA ALA C 368 38.58 -20.23 -36.06
C ALA C 368 37.40 -21.18 -36.29
N THR C 369 36.15 -20.88 -35.89
CA THR C 369 35.53 -19.60 -35.51
C THR C 369 35.66 -18.69 -36.71
N GLY C 370 35.60 -19.33 -37.87
CA GLY C 370 35.57 -18.66 -39.15
C GLY C 370 34.13 -18.61 -39.62
N LYS C 371 33.86 -19.18 -40.80
CA LYS C 371 32.50 -19.13 -41.31
C LYS C 371 31.62 -20.16 -40.63
N PHE C 372 30.32 -19.84 -40.58
CA PHE C 372 29.31 -20.68 -39.94
C PHE C 372 29.50 -22.16 -40.21
N ASP C 373 29.54 -22.94 -39.14
CA ASP C 373 29.70 -24.38 -39.24
C ASP C 373 29.13 -25.05 -37.98
N LEU C 374 28.20 -25.97 -38.17
CA LEU C 374 27.52 -26.57 -37.02
C LEU C 374 28.41 -27.57 -36.27
N ASN C 375 29.60 -27.84 -36.81
CA ASN C 375 30.58 -28.65 -36.11
C ASN C 375 31.43 -27.82 -35.15
N ASN C 376 31.21 -26.51 -35.15
CA ASN C 376 31.93 -25.59 -34.31
C ASN C 376 31.11 -25.20 -33.09
N MET C 377 31.70 -25.24 -31.89
CA MET C 377 30.97 -24.94 -30.65
C MET C 377 30.40 -23.52 -30.64
N TYR C 378 31.13 -22.57 -31.22
CA TYR C 378 30.65 -21.20 -31.20
C TYR C 378 29.37 -21.04 -32.05
N TRP C 379 29.40 -21.49 -33.30
CA TRP C 379 28.26 -21.29 -34.19
C TRP C 379 27.09 -22.13 -33.74
N LEU C 380 27.37 -23.29 -33.16
CA LEU C 380 26.31 -24.09 -32.58
C LEU C 380 25.62 -23.29 -31.45
N SER C 381 26.41 -22.66 -30.57
CA SER C 381 25.88 -21.82 -29.48
C SER C 381 25.01 -20.71 -30.00
N CYS C 382 25.52 -19.99 -30.99
CA CYS C 382 24.75 -18.90 -31.59
C CYS C 382 23.41 -19.41 -32.09
N THR C 383 23.40 -20.62 -32.61
CA THR C 383 22.17 -21.19 -33.16
C THR C 383 21.15 -21.45 -32.06
N THR C 384 21.52 -22.20 -31.04
CA THR C 384 20.62 -22.41 -29.91
C THR C 384 20.24 -21.06 -29.27
N ALA C 385 21.22 -20.15 -29.18
CA ALA C 385 20.97 -18.83 -28.62
C ALA C 385 19.91 -18.07 -29.42
N LEU C 386 20.12 -17.97 -30.74
CA LEU C 386 19.19 -17.24 -31.63
C LEU C 386 17.81 -17.88 -31.61
N LEU C 387 17.78 -19.19 -31.59
CA LEU C 387 16.53 -19.90 -31.56
C LEU C 387 15.85 -19.66 -30.21
N GLY C 388 16.67 -19.25 -29.23
CA GLY C 388 16.20 -19.06 -27.88
C GLY C 388 15.21 -17.93 -27.78
N ASP C 389 15.43 -16.85 -28.52
CA ASP C 389 14.55 -15.69 -28.45
C ASP C 389 13.45 -15.58 -29.53
N THR C 390 13.06 -16.71 -30.13
CA THR C 390 11.93 -16.76 -31.08
C THR C 390 10.63 -16.64 -30.29
N ASP C 391 10.62 -17.45 -29.24
CA ASP C 391 9.48 -17.78 -28.41
C ASP C 391 10.18 -18.02 -27.06
N TYR C 392 10.68 -16.96 -26.41
CA TYR C 392 11.83 -17.15 -25.50
C TYR C 392 11.54 -18.15 -24.38
N ASP C 393 10.28 -18.39 -23.99
CA ASP C 393 10.03 -19.80 -23.70
C ASP C 393 8.65 -20.42 -23.57
N PHE C 394 8.46 -21.11 -24.67
CA PHE C 394 8.14 -22.50 -24.81
C PHE C 394 9.37 -23.36 -24.37
N TYR C 395 10.51 -22.68 -24.18
CA TYR C 395 11.83 -23.26 -23.86
C TYR C 395 12.57 -23.12 -22.47
N VAL C 396 12.03 -22.54 -21.38
CA VAL C 396 12.91 -22.33 -20.20
C VAL C 396 12.93 -23.53 -19.31
N ASP C 397 11.91 -24.36 -19.42
CA ASP C 397 11.88 -25.53 -18.60
C ASP C 397 12.84 -26.50 -19.28
N MET C 398 13.00 -26.37 -20.59
CA MET C 398 14.03 -27.15 -21.26
C MET C 398 15.36 -26.38 -21.24
N ARG C 399 15.33 -25.14 -20.77
CA ARG C 399 16.54 -24.36 -20.57
C ARG C 399 17.16 -24.73 -19.25
N ASN C 400 16.30 -24.94 -18.26
CA ASN C 400 16.73 -25.27 -16.92
C ASN C 400 17.10 -26.75 -16.83
N ASP C 401 16.52 -27.57 -17.70
CA ASP C 401 16.91 -28.97 -17.75
C ASP C 401 18.25 -29.08 -18.46
N TYR C 402 18.48 -28.21 -19.44
CA TYR C 402 19.74 -28.20 -20.17
C TYR C 402 20.91 -27.89 -19.25
N GLU C 403 20.82 -26.81 -18.48
CA GLU C 403 21.91 -26.40 -17.60
C GLU C 403 22.17 -27.45 -16.53
N LEU C 404 21.09 -27.94 -15.92
CA LEU C 404 21.21 -28.99 -14.92
C LEU C 404 21.86 -30.24 -15.51
N ASP C 405 21.35 -30.72 -16.64
CA ASP C 405 21.81 -31.99 -17.21
C ASP C 405 23.24 -31.84 -17.70
N ALA C 406 23.57 -30.67 -18.25
CA ALA C 406 24.94 -30.44 -18.72
C ALA C 406 25.92 -30.41 -17.54
N MET C 407 25.57 -29.63 -16.51
CA MET C 407 26.37 -29.52 -15.29
C MET C 407 26.62 -30.89 -14.68
N SER C 408 25.58 -31.71 -14.65
CA SER C 408 25.67 -33.09 -14.15
C SER C 408 26.70 -33.88 -14.94
N ALA C 409 26.70 -33.70 -16.26
CA ALA C 409 27.62 -34.41 -17.14
C ALA C 409 29.06 -33.94 -16.94
N TYR C 410 29.24 -32.64 -16.73
CA TYR C 410 30.57 -32.10 -16.43
C TYR C 410 31.13 -32.70 -15.14
N ARG C 411 30.29 -32.72 -14.11
CA ARG C 411 30.69 -33.18 -12.78
C ARG C 411 31.01 -34.66 -12.74
N LYS C 412 30.32 -35.46 -13.55
CA LYS C 412 30.63 -36.88 -13.66
C LYS C 412 32.08 -37.04 -14.17
N ILE C 413 32.41 -36.27 -15.22
CA ILE C 413 33.74 -36.33 -15.82
C ILE C 413 34.78 -35.89 -14.81
N GLN C 414 34.44 -34.83 -14.08
CA GLN C 414 35.32 -34.34 -13.03
C GLN C 414 35.51 -35.38 -11.94
N ASN C 415 34.41 -35.91 -11.43
CA ASN C 415 34.46 -36.89 -10.35
C ASN C 415 35.25 -38.15 -10.71
N ASP C 416 35.01 -38.69 -11.90
CA ASP C 416 35.69 -39.90 -12.35
C ASP C 416 37.19 -39.65 -12.48
N THR C 417 37.52 -38.45 -12.97
CA THR C 417 38.89 -38.05 -13.22
C THR C 417 39.66 -37.89 -11.92
N ASP C 418 39.04 -37.19 -10.99
CA ASP C 418 39.61 -37.03 -9.67
C ASP C 418 39.86 -38.41 -9.06
N ALA C 419 38.90 -39.31 -9.20
CA ALA C 419 38.93 -40.57 -8.45
C ALA C 419 40.02 -41.51 -8.96
N ASP C 420 40.57 -41.22 -10.13
CA ASP C 420 41.53 -42.12 -10.75
C ASP C 420 42.89 -41.44 -10.91
N ILE C 421 43.15 -40.43 -10.10
CA ILE C 421 44.37 -39.64 -10.27
C ILE C 421 45.60 -40.38 -9.72
N SER C 422 45.38 -41.22 -8.72
CA SER C 422 46.43 -41.72 -7.84
C SER C 422 47.60 -42.45 -8.49
N GLY C 423 47.34 -43.21 -9.55
CA GLY C 423 48.44 -43.94 -10.13
C GLY C 423 48.90 -43.42 -11.47
N GLN C 424 48.62 -42.16 -11.76
CA GLN C 424 48.84 -41.65 -13.12
C GLN C 424 50.25 -41.16 -13.25
N LYS C 425 50.89 -41.56 -14.34
CA LYS C 425 52.31 -41.30 -14.51
C LYS C 425 52.55 -40.10 -15.43
N ASP C 426 51.53 -39.71 -16.20
CA ASP C 426 51.63 -38.50 -17.02
C ASP C 426 50.43 -37.61 -16.77
N ILE C 427 50.48 -36.91 -15.64
CA ILE C 427 49.34 -36.16 -15.12
C ILE C 427 48.88 -35.08 -16.11
N GLU C 428 49.81 -34.46 -16.79
CA GLU C 428 49.46 -33.40 -17.70
C GLU C 428 48.65 -33.90 -18.91
N LYS C 429 49.06 -35.04 -19.49
CA LYS C 429 48.33 -35.60 -20.63
C LYS C 429 46.98 -36.17 -20.18
N TYR C 430 46.95 -36.69 -18.95
CA TYR C 430 45.72 -37.17 -18.32
C TYR C 430 44.65 -36.06 -18.20
N LEU C 431 45.06 -34.89 -17.72
CA LEU C 431 44.16 -33.76 -17.53
C LEU C 431 43.78 -33.14 -18.88
N GLU C 432 44.73 -33.13 -19.83
CA GLU C 432 44.44 -32.69 -21.19
C GLU C 432 43.31 -33.53 -21.79
N ASN C 433 43.35 -34.83 -21.51
CA ASN C 433 42.34 -35.75 -22.01
C ASN C 433 40.99 -35.50 -21.35
N ALA C 434 41.02 -35.22 -20.06
CA ALA C 434 39.82 -34.91 -19.30
C ALA C 434 39.18 -33.63 -19.85
N ASN C 435 40.00 -32.64 -20.21
CA ASN C 435 39.50 -31.41 -20.79
C ASN C 435 38.87 -31.64 -22.16
N LYS C 436 39.39 -32.61 -22.91
CA LYS C 436 38.82 -32.90 -24.22
C LYS C 436 37.50 -33.63 -24.09
N LYS C 437 37.37 -34.50 -23.08
CA LYS C 437 36.07 -35.08 -22.79
C LYS C 437 35.05 -33.98 -22.46
N LEU C 438 35.47 -33.00 -21.67
CA LEU C 438 34.55 -31.97 -21.16
C LEU C 438 34.07 -31.09 -22.31
N ALA C 439 35.00 -30.64 -23.14
CA ALA C 439 34.65 -29.87 -24.33
C ALA C 439 33.73 -30.68 -25.23
N ASP C 440 34.01 -31.98 -25.37
CA ASP C 440 33.20 -32.85 -26.24
C ASP C 440 31.78 -32.91 -25.76
N VAL C 441 31.63 -33.18 -24.46
CA VAL C 441 30.30 -33.36 -23.89
C VAL C 441 29.57 -32.01 -23.80
N ALA C 442 30.33 -30.92 -23.71
CA ALA C 442 29.71 -29.60 -23.74
C ALA C 442 29.07 -29.38 -25.10
N PHE C 443 29.79 -29.74 -26.17
CA PHE C 443 29.29 -29.70 -27.54
C PHE C 443 28.10 -30.66 -27.74
N GLU C 444 28.29 -31.89 -27.33
CA GLU C 444 27.26 -32.91 -27.46
C GLU C 444 25.97 -32.47 -26.75
N LYS C 445 26.14 -31.82 -25.61
CA LYS C 445 25.00 -31.34 -24.84
C LYS C 445 24.27 -30.19 -25.52
N GLN C 446 25.02 -29.35 -26.22
CA GLN C 446 24.46 -28.21 -26.95
C GLN C 446 23.75 -28.72 -28.22
N ASN C 447 24.28 -29.81 -28.76
CA ASN C 447 23.70 -30.43 -29.93
C ASN C 447 22.37 -31.09 -29.63
N LYS C 448 22.31 -31.77 -28.50
CA LYS C 448 21.08 -32.37 -28.04
C LYS C 448 20.02 -31.28 -27.73
N LEU C 449 20.48 -30.12 -27.30
CA LEU C 449 19.58 -29.00 -27.04
C LEU C 449 18.99 -28.48 -28.36
N LEU C 450 19.84 -28.36 -29.38
CA LEU C 450 19.37 -27.88 -30.69
C LEU C 450 18.29 -28.83 -31.20
N GLY C 451 18.57 -30.13 -31.12
CA GLY C 451 17.64 -31.14 -31.57
C GLY C 451 16.33 -31.10 -30.82
N ASP C 452 16.39 -30.86 -29.52
CA ASP C 452 15.20 -30.86 -28.68
C ASP C 452 14.37 -29.60 -28.91
N MET C 453 15.03 -28.46 -29.08
CA MET C 453 14.34 -27.23 -29.37
C MET C 453 13.54 -27.33 -30.67
N VAL C 454 14.19 -27.81 -31.73
CA VAL C 454 13.55 -27.91 -33.03
C VAL C 454 12.46 -28.98 -33.05
N THR C 455 12.74 -30.12 -32.44
CA THR C 455 11.75 -31.19 -32.42
C THR C 455 10.48 -30.74 -31.72
N THR C 456 10.59 -30.11 -30.55
CA THR C 456 9.39 -29.68 -29.84
C THR C 456 8.80 -28.39 -30.42
N GLY C 457 9.66 -27.48 -30.88
CA GLY C 457 9.19 -26.23 -31.45
C GLY C 457 8.46 -26.38 -32.77
N SER C 458 9.04 -27.14 -33.69
CA SER C 458 8.45 -27.35 -35.00
C SER C 458 7.18 -28.16 -34.88
N ASN C 459 7.02 -28.76 -33.72
CA ASN C 459 5.96 -29.68 -33.46
C ASN C 459 4.91 -28.91 -32.68
N ASN C 460 5.32 -27.70 -32.31
CA ASN C 460 4.48 -26.69 -31.69
C ASN C 460 3.88 -25.69 -32.64
N MET C 461 4.72 -25.21 -33.56
CA MET C 461 4.37 -24.24 -34.61
C MET C 461 3.32 -24.91 -35.49
N LYS C 462 3.37 -26.22 -35.35
CA LYS C 462 2.53 -27.20 -35.98
C LYS C 462 1.09 -27.13 -35.48
N LEU C 463 0.89 -26.69 -34.24
CA LEU C 463 -0.47 -26.42 -33.77
C LEU C 463 -0.80 -24.94 -33.54
N ARG C 464 -0.41 -24.04 -34.46
CA ARG C 464 -1.16 -22.79 -34.50
C ARG C 464 -1.59 -22.64 -35.96
N TYR C 465 -1.57 -23.81 -36.59
CA TYR C 465 -2.73 -24.38 -37.25
C TYR C 465 -4.06 -24.10 -36.46
N ASN C 466 -3.94 -23.77 -35.16
CA ASN C 466 -5.02 -23.54 -34.18
C ASN C 466 -6.03 -24.67 -33.89
N LEU C 467 -6.39 -25.44 -34.90
CA LEU C 467 -7.41 -26.47 -34.72
C LEU C 467 -7.10 -27.99 -34.78
N ASN C 468 -8.24 -28.67 -34.93
CA ASN C 468 -8.57 -30.12 -34.79
C ASN C 468 -7.66 -31.37 -34.95
N ASP C 469 -8.15 -32.42 -34.27
CA ASP C 469 -8.45 -33.75 -34.81
C ASP C 469 -8.11 -34.82 -33.77
N LYS D 3 15.05 -33.74 -24.52
CA LYS D 3 13.85 -33.53 -23.71
C LYS D 3 12.95 -34.75 -23.93
N ARG D 4 12.06 -35.00 -22.97
CA ARG D 4 11.00 -36.00 -23.14
C ARG D 4 9.76 -35.55 -22.38
N ILE D 5 8.74 -36.41 -22.33
CA ILE D 5 7.39 -36.00 -21.94
C ILE D 5 7.26 -36.11 -20.43
N LYS D 6 6.52 -35.19 -19.80
CA LYS D 6 6.07 -35.32 -18.39
C LYS D 6 4.95 -34.35 -18.05
N GLY D 7 4.31 -34.53 -16.89
CA GLY D 7 3.24 -33.64 -16.47
C GLY D 7 3.33 -33.10 -15.04
N SER D 8 2.31 -32.35 -14.63
CA SER D 8 2.24 -31.68 -13.31
C SER D 8 1.25 -32.32 -12.29
N CYS D 9 1.73 -32.64 -11.09
CA CYS D 9 0.91 -33.37 -10.11
C CYS D 9 1.08 -32.79 -8.71
N THR D 10 0.00 -32.83 -7.91
CA THR D 10 0.04 -32.47 -6.50
C THR D 10 -0.53 -33.61 -5.68
N SER D 11 0.21 -34.01 -4.64
CA SER D 11 -0.18 -35.12 -3.76
C SER D 11 -0.48 -34.65 -2.33
N ILE D 12 -1.52 -35.21 -1.75
CA ILE D 12 -1.84 -34.94 -0.37
C ILE D 12 -1.96 -36.27 0.35
N LEU D 13 -1.20 -36.40 1.44
CA LEU D 13 -1.15 -37.61 2.27
C LEU D 13 -1.70 -37.28 3.64
N VAL D 14 -2.54 -38.15 4.19
CA VAL D 14 -3.13 -37.90 5.51
C VAL D 14 -2.97 -39.11 6.45
N GLY D 15 -2.41 -38.89 7.64
CA GLY D 15 -2.23 -39.94 8.63
C GLY D 15 -3.54 -40.31 9.29
N LYS D 16 -3.62 -41.51 9.89
CA LYS D 16 -4.90 -42.05 10.36
C LYS D 16 -5.56 -41.24 11.49
N LYS D 17 -4.78 -40.45 12.22
CA LYS D 17 -5.40 -39.59 13.23
C LYS D 17 -5.66 -38.18 12.72
N ALA D 18 -5.20 -37.89 11.50
CA ALA D 18 -5.36 -36.55 10.95
C ALA D 18 -6.67 -36.41 10.18
N SER D 19 -7.26 -37.55 9.80
CA SER D 19 -8.50 -37.56 9.02
C SER D 19 -9.74 -37.52 9.89
N ILE D 20 -10.88 -37.19 9.31
CA ILE D 20 -12.12 -37.03 10.07
C ILE D 20 -12.73 -38.40 10.44
N ASP D 21 -12.30 -39.43 9.73
CA ASP D 21 -12.93 -40.74 9.89
C ASP D 21 -11.99 -41.87 10.29
N GLY D 22 -10.76 -41.53 10.65
CA GLY D 22 -9.77 -42.52 11.07
C GLY D 22 -9.12 -43.30 9.93
N SER D 23 -9.41 -42.93 8.69
CA SER D 23 -8.79 -43.56 7.52
C SER D 23 -7.41 -42.97 7.22
N THR D 24 -6.65 -43.68 6.39
CA THR D 24 -5.49 -43.07 5.78
C THR D 24 -5.90 -42.60 4.39
N LEU D 25 -5.31 -41.51 3.92
CA LEU D 25 -5.57 -41.01 2.59
C LEU D 25 -4.27 -40.74 1.91
N ILE D 26 -4.13 -41.22 0.68
CA ILE D 26 -3.10 -40.70 -0.23
C ILE D 26 -3.84 -40.24 -1.50
N SER D 27 -3.40 -39.12 -2.09
CA SER D 27 -4.17 -38.53 -3.19
C SER D 27 -3.31 -37.86 -4.24
N ARG D 28 -3.92 -37.57 -5.39
CA ARG D 28 -3.22 -36.96 -6.51
C ARG D 28 -4.17 -36.37 -7.56
N ASN D 29 -3.71 -35.34 -8.29
CA ASN D 29 -4.35 -34.97 -9.54
C ASN D 29 -3.37 -35.23 -10.71
N ASP D 30 -3.90 -35.59 -11.89
CA ASP D 30 -3.10 -36.30 -12.94
C ASP D 30 -3.18 -35.58 -14.30
N PRO D 31 -2.01 -35.27 -14.90
CA PRO D 31 -1.93 -34.66 -16.24
C PRO D 31 -2.11 -35.59 -17.47
N GLY D 32 -2.84 -35.06 -18.45
CA GLY D 32 -2.94 -35.64 -19.78
C GLY D 32 -1.78 -35.00 -20.52
N HIS D 33 -1.18 -35.75 -21.43
CA HIS D 33 -0.10 -35.30 -22.30
C HIS D 33 -0.90 -34.73 -23.48
N GLU D 34 -1.56 -35.60 -24.23
CA GLU D 34 -2.72 -35.23 -25.03
C GLU D 34 -3.89 -35.79 -24.20
N ALA D 35 -5.03 -35.12 -24.14
CA ALA D 35 -6.03 -35.50 -23.12
C ALA D 35 -7.42 -35.96 -23.60
N LEU D 36 -7.66 -37.26 -23.58
CA LEU D 36 -8.99 -37.83 -23.86
C LEU D 36 -9.41 -38.30 -22.45
N ASP D 37 -10.68 -38.09 -22.06
CA ASP D 37 -10.99 -38.10 -20.62
C ASP D 37 -11.97 -39.13 -19.96
N PRO D 38 -12.01 -40.40 -20.42
CA PRO D 38 -12.80 -41.36 -19.64
C PRO D 38 -11.89 -41.96 -18.58
N GLN D 39 -12.11 -41.78 -17.28
CA GLN D 39 -11.01 -42.30 -16.47
C GLN D 39 -11.61 -43.57 -15.87
N ARG D 40 -10.85 -44.64 -15.93
CA ARG D 40 -11.40 -45.95 -15.68
C ARG D 40 -10.69 -46.63 -14.53
N PHE D 41 -11.34 -47.63 -13.95
CA PHE D 41 -10.61 -48.45 -13.01
C PHE D 41 -10.78 -49.92 -13.39
N VAL D 42 -9.67 -50.64 -13.23
CA VAL D 42 -9.46 -51.96 -13.83
C VAL D 42 -8.93 -52.95 -12.80
N VAL D 43 -9.38 -54.21 -12.86
CA VAL D 43 -8.85 -55.24 -11.98
C VAL D 43 -7.82 -56.11 -12.71
N VAL D 44 -6.69 -56.29 -12.06
CA VAL D 44 -5.60 -57.11 -12.59
C VAL D 44 -5.48 -58.34 -11.70
N ASN D 45 -6.03 -59.48 -12.15
CA ASN D 45 -5.97 -60.73 -11.39
C ASN D 45 -4.59 -61.37 -11.59
N PRO D 46 -4.12 -62.16 -10.61
CA PRO D 46 -2.77 -62.75 -10.65
C PRO D 46 -2.40 -63.39 -11.99
N GLU D 47 -3.39 -64.03 -12.62
CA GLU D 47 -3.30 -64.50 -14.01
C GLU D 47 -2.68 -63.47 -14.94
N ASP D 48 -3.33 -62.31 -15.01
CA ASP D 48 -2.96 -61.23 -15.94
C ASP D 48 -1.67 -60.51 -15.53
N GLN D 49 -1.07 -60.94 -14.43
CA GLN D 49 0.19 -60.35 -13.99
C GLN D 49 1.36 -61.12 -14.55
N PRO D 50 2.22 -60.43 -15.31
CA PRO D 50 3.44 -61.02 -15.88
C PRO D 50 4.36 -61.62 -14.81
N ARG D 51 5.11 -62.65 -15.18
CA ARG D 51 6.15 -63.15 -14.32
C ARG D 51 7.48 -62.70 -14.89
N ASP D 52 7.46 -62.34 -16.16
CA ASP D 52 8.60 -61.71 -16.82
C ASP D 52 8.21 -60.35 -17.39
N TYR D 53 8.40 -59.30 -16.58
CA TYR D 53 7.89 -57.98 -16.92
C TYR D 53 8.90 -57.21 -17.77
N THR D 54 8.38 -56.43 -18.70
CA THR D 54 9.20 -55.62 -19.58
C THR D 54 8.91 -54.14 -19.35
N SER D 55 9.93 -53.39 -18.93
CA SER D 55 9.74 -51.99 -18.61
C SER D 55 9.16 -51.24 -19.81
N VAL D 56 8.36 -50.22 -19.53
CA VAL D 56 7.57 -49.55 -20.55
C VAL D 56 8.49 -48.79 -21.52
N ILE D 57 9.35 -47.93 -21.00
CA ILE D 57 10.21 -47.12 -21.85
C ILE D 57 11.52 -47.80 -22.25
N SER D 58 12.22 -48.38 -21.28
CA SER D 58 13.53 -48.97 -21.51
C SER D 58 13.45 -50.38 -22.08
N LYS D 59 12.30 -51.02 -21.94
CA LYS D 59 12.14 -52.42 -22.36
C LYS D 59 13.12 -53.35 -21.68
N VAL D 60 13.71 -52.90 -20.57
CA VAL D 60 14.58 -53.78 -19.78
C VAL D 60 13.66 -54.86 -19.23
N ASN D 61 14.20 -56.04 -18.98
CA ASN D 61 13.38 -57.14 -18.50
C ASN D 61 13.51 -57.34 -17.01
N VAL D 62 12.37 -57.33 -16.32
CA VAL D 62 12.33 -57.50 -14.88
C VAL D 62 11.60 -58.77 -14.47
N LYS D 63 12.24 -59.63 -13.68
CA LYS D 63 11.50 -60.83 -13.27
C LYS D 63 10.88 -60.59 -11.90
N LEU D 64 9.57 -60.80 -11.82
CA LEU D 64 8.78 -60.54 -10.63
C LEU D 64 8.46 -61.83 -9.90
N PRO D 65 8.19 -61.76 -8.59
CA PRO D 65 7.74 -62.91 -7.79
C PRO D 65 6.57 -63.70 -8.40
N ASP D 66 6.32 -64.86 -7.83
CA ASP D 66 5.42 -65.86 -8.41
C ASP D 66 3.99 -65.80 -7.85
N ASP D 67 3.79 -65.06 -6.76
CA ASP D 67 2.47 -64.94 -6.15
C ASP D 67 1.86 -63.52 -6.12
N PRO D 68 1.69 -62.89 -7.29
CA PRO D 68 1.15 -61.53 -7.29
C PRO D 68 -0.26 -61.47 -6.76
N GLN D 69 -0.59 -60.39 -6.07
CA GLN D 69 -1.95 -60.19 -5.59
C GLN D 69 -2.82 -59.55 -6.64
N ARG D 70 -4.12 -59.85 -6.58
CA ARG D 70 -5.09 -59.08 -7.34
C ARG D 70 -4.98 -57.61 -6.91
N TYR D 71 -5.04 -56.69 -7.87
CA TYR D 71 -5.12 -55.28 -7.51
C TYR D 71 -5.93 -54.50 -8.55
N THR D 72 -6.59 -53.44 -8.07
CA THR D 72 -7.27 -52.52 -8.96
C THR D 72 -6.30 -51.41 -9.36
N SER D 73 -6.42 -50.98 -10.61
CA SER D 73 -5.48 -50.02 -11.18
C SER D 73 -6.21 -48.82 -11.75
N ILE D 74 -5.52 -47.68 -11.74
CA ILE D 74 -6.00 -46.53 -12.46
C ILE D 74 -4.99 -46.21 -13.54
N PRO D 75 -5.39 -46.39 -14.80
CA PRO D 75 -4.52 -46.12 -15.95
C PRO D 75 -4.27 -44.64 -16.11
N ASN D 76 -3.79 -44.26 -17.28
CA ASN D 76 -3.47 -42.87 -17.63
C ASN D 76 -3.84 -42.64 -19.08
N SER D 77 -3.03 -41.85 -19.78
CA SER D 77 -3.20 -41.51 -21.18
C SER D 77 -2.40 -42.52 -21.95
N ILE D 78 -2.60 -42.60 -23.26
CA ILE D 78 -1.73 -43.48 -24.06
C ILE D 78 -0.46 -42.85 -24.74
N LEU D 79 0.66 -43.59 -24.75
CA LEU D 79 1.98 -43.16 -25.26
C LEU D 79 2.92 -44.34 -25.68
N THR D 80 3.90 -44.69 -24.83
CA THR D 80 4.83 -45.80 -25.10
C THR D 80 4.40 -47.08 -24.34
N ASN D 81 3.09 -47.27 -24.19
CA ASN D 81 2.53 -48.00 -23.05
C ASN D 81 2.38 -49.52 -23.03
N GLY D 82 1.14 -49.94 -23.29
CA GLY D 82 0.49 -51.01 -22.53
C GLY D 82 -0.26 -50.42 -21.34
N ILE D 83 -0.98 -49.32 -21.59
CA ILE D 83 -1.79 -48.56 -20.62
C ILE D 83 -1.39 -48.59 -19.13
N TRP D 84 -0.10 -48.41 -18.84
CA TRP D 84 0.40 -48.55 -17.46
C TRP D 84 -0.45 -47.94 -16.35
N PRO D 85 -0.57 -48.66 -15.23
CA PRO D 85 -1.30 -48.24 -14.03
C PRO D 85 -0.55 -47.16 -13.23
N ALA D 86 -1.23 -46.08 -12.92
CA ALA D 86 -0.61 -44.96 -12.21
C ALA D 86 -0.72 -45.12 -10.69
N ALA D 87 -1.70 -45.89 -10.24
CA ALA D 87 -1.96 -46.03 -8.82
C ALA D 87 -2.94 -47.19 -8.61
N GLY D 88 -2.97 -47.73 -7.41
CA GLY D 88 -3.91 -48.80 -7.15
C GLY D 88 -3.88 -49.32 -5.75
N ILE D 89 -4.86 -50.14 -5.42
CA ILE D 89 -4.97 -50.77 -4.12
C ILE D 89 -4.94 -52.28 -4.29
N ASN D 90 -4.07 -52.98 -3.56
CA ASN D 90 -4.03 -54.43 -3.70
C ASN D 90 -4.97 -55.12 -2.70
N SER D 91 -5.01 -56.45 -2.77
CA SER D 91 -5.98 -57.26 -2.01
C SER D 91 -5.61 -57.28 -0.54
N SER D 92 -4.41 -56.80 -0.24
CA SER D 92 -4.00 -56.62 1.16
C SER D 92 -4.36 -55.24 1.70
N ASN D 93 -5.17 -54.49 0.95
CA ASN D 93 -5.50 -53.12 1.33
C ASN D 93 -4.24 -52.25 1.49
N VAL D 94 -3.28 -52.41 0.59
CA VAL D 94 -2.18 -51.48 0.45
C VAL D 94 -2.46 -50.58 -0.76
N ALA D 95 -2.38 -49.28 -0.56
CA ALA D 95 -2.55 -48.32 -1.65
C ALA D 95 -1.19 -47.79 -2.05
N MET D 96 -1.03 -47.47 -3.33
CA MET D 96 0.22 -46.91 -3.86
C MET D 96 -0.12 -45.95 -4.97
N SER D 97 0.66 -44.88 -5.10
CA SER D 97 0.51 -43.93 -6.20
C SER D 97 1.87 -43.41 -6.68
N ALA D 98 2.10 -43.47 -8.00
CA ALA D 98 3.42 -43.14 -8.57
C ALA D 98 3.30 -42.18 -9.75
N THR D 99 2.73 -41.00 -9.50
CA THR D 99 2.57 -40.01 -10.56
C THR D 99 3.19 -38.67 -10.19
N GLU D 100 4.23 -38.68 -9.38
CA GLU D 100 4.78 -37.43 -8.88
C GLU D 100 6.24 -37.20 -9.29
N THR D 101 6.45 -36.50 -10.41
CA THR D 101 7.79 -36.08 -10.76
C THR D 101 8.29 -35.04 -9.73
N ILE D 102 9.49 -35.23 -9.21
CA ILE D 102 10.07 -34.28 -8.27
C ILE D 102 11.32 -33.68 -8.90
N THR D 103 12.26 -33.26 -8.06
CA THR D 103 13.47 -32.62 -8.56
C THR D 103 14.77 -33.22 -8.06
N THR D 104 15.87 -32.69 -8.58
CA THR D 104 17.21 -33.11 -8.20
C THR D 104 18.20 -31.93 -8.34
N ASN D 105 19.50 -32.22 -8.29
CA ASN D 105 20.52 -31.21 -8.60
C ASN D 105 21.77 -31.86 -9.20
N SER D 106 22.66 -31.05 -9.75
CA SER D 106 23.79 -31.59 -10.51
C SER D 106 24.89 -32.20 -9.65
N ARG D 107 24.91 -31.87 -8.36
CA ARG D 107 25.95 -32.38 -7.48
C ARG D 107 25.74 -33.89 -7.21
N VAL D 108 24.50 -34.27 -6.90
CA VAL D 108 24.19 -35.70 -6.75
C VAL D 108 24.11 -36.40 -8.10
N GLN D 109 23.61 -35.72 -9.13
CA GLN D 109 23.56 -36.35 -10.45
C GLN D 109 24.98 -36.62 -10.92
N GLY D 110 25.93 -35.79 -10.50
CA GLY D 110 27.33 -35.98 -10.83
C GLY D 110 27.96 -37.22 -10.20
N LEU D 111 27.31 -37.79 -9.19
CA LEU D 111 27.82 -39.00 -8.51
C LEU D 111 27.05 -40.27 -8.86
N ASP D 112 25.73 -40.17 -8.87
CA ASP D 112 24.84 -41.28 -9.19
C ASP D 112 23.85 -40.82 -10.27
N PRO D 113 24.31 -40.75 -11.53
CA PRO D 113 23.46 -40.22 -12.60
C PRO D 113 22.24 -41.10 -12.88
N PHE D 114 21.17 -40.49 -13.38
CA PHE D 114 20.07 -41.21 -13.99
C PHE D 114 20.58 -42.36 -14.88
N VAL D 115 19.90 -43.50 -14.79
CA VAL D 115 20.24 -44.68 -15.58
C VAL D 115 19.28 -44.76 -16.76
N GLU D 116 19.79 -44.56 -17.97
CA GLU D 116 18.91 -44.45 -19.13
C GLU D 116 18.10 -45.73 -19.38
N ASN D 117 18.65 -46.87 -18.98
CA ASN D 117 17.90 -48.12 -19.13
C ASN D 117 17.24 -48.56 -17.82
N GLY D 118 16.97 -47.60 -16.94
CA GLY D 118 16.37 -47.92 -15.66
C GLY D 118 14.85 -47.87 -15.71
N LEU D 119 14.22 -48.11 -14.56
CA LEU D 119 12.77 -48.03 -14.47
C LEU D 119 12.26 -46.58 -14.52
N GLY D 120 10.99 -46.42 -14.87
CA GLY D 120 10.36 -45.12 -14.84
C GLY D 120 9.12 -45.21 -13.98
N GLU D 121 8.40 -44.11 -13.85
CA GLU D 121 7.21 -44.09 -13.01
C GLU D 121 6.13 -45.05 -13.52
N GLU D 122 6.13 -45.30 -14.83
CA GLU D 122 5.17 -46.22 -15.45
C GLU D 122 5.31 -47.68 -14.99
N ASP D 123 6.48 -48.04 -14.51
CA ASP D 123 6.72 -49.42 -14.13
C ASP D 123 6.46 -49.66 -12.66
N LEU D 124 6.47 -48.58 -11.87
CA LEU D 124 6.61 -48.70 -10.43
C LEU D 124 5.45 -49.41 -9.74
N VAL D 125 4.20 -49.03 -10.02
CA VAL D 125 3.07 -49.68 -9.36
C VAL D 125 3.04 -51.21 -9.69
N THR D 126 3.20 -51.55 -10.98
CA THR D 126 3.19 -52.95 -11.44
C THR D 126 4.24 -53.82 -10.75
N VAL D 127 5.45 -53.32 -10.61
CA VAL D 127 6.52 -54.14 -10.07
C VAL D 127 6.62 -54.10 -8.54
N VAL D 128 5.83 -53.26 -7.89
CA VAL D 128 5.90 -53.16 -6.42
C VAL D 128 4.62 -53.62 -5.73
N LEU D 129 3.50 -53.03 -6.10
CA LEU D 129 2.21 -53.20 -5.40
C LEU D 129 1.67 -54.64 -5.22
N PRO D 130 1.77 -55.50 -6.26
CA PRO D 130 1.17 -56.83 -6.11
C PRO D 130 1.91 -57.75 -5.12
N TYR D 131 3.06 -57.33 -4.63
CA TYR D 131 3.94 -58.24 -3.90
C TYR D 131 4.23 -57.82 -2.48
N VAL D 132 3.42 -56.92 -1.91
CA VAL D 132 3.70 -56.42 -0.57
C VAL D 132 2.41 -56.43 0.24
N LYS D 133 2.56 -56.56 1.55
CA LYS D 133 1.38 -56.69 2.43
C LYS D 133 1.30 -55.51 3.39
N SER D 134 2.19 -54.53 3.21
CA SER D 134 2.16 -53.29 3.99
C SER D 134 2.80 -52.13 3.26
N ALA D 135 2.44 -50.92 3.67
CA ALA D 135 3.07 -49.73 3.09
C ALA D 135 4.59 -49.76 3.29
N ARG D 136 5.05 -50.17 4.48
CA ARG D 136 6.50 -50.17 4.70
C ARG D 136 7.20 -51.18 3.78
N GLU D 137 6.56 -52.32 3.52
CA GLU D 137 7.11 -53.29 2.55
C GLU D 137 7.18 -52.69 1.17
N GLY D 138 6.17 -51.91 0.82
CA GLY D 138 6.14 -51.23 -0.47
C GLY D 138 7.37 -50.36 -0.60
N VAL D 139 7.70 -49.63 0.48
CA VAL D 139 8.91 -48.82 0.50
C VAL D 139 10.16 -49.64 0.26
N LYS D 140 10.38 -50.68 1.06
CA LYS D 140 11.60 -51.47 0.95
C LYS D 140 11.74 -52.17 -0.40
N ARG D 141 10.64 -52.65 -0.95
CA ARG D 141 10.71 -53.34 -2.24
C ARG D 141 11.06 -52.36 -3.35
N LEU D 142 10.37 -51.22 -3.36
CA LEU D 142 10.70 -50.18 -4.34
C LEU D 142 12.13 -49.73 -4.24
N GLY D 143 12.58 -49.49 -3.01
CA GLY D 143 13.96 -49.08 -2.80
C GLY D 143 14.93 -50.11 -3.35
N SER D 144 14.65 -51.37 -3.05
CA SER D 144 15.46 -52.46 -3.54
C SER D 144 15.45 -52.56 -5.05
N LEU D 145 14.30 -52.31 -5.66
CA LEU D 145 14.24 -52.42 -7.12
C LEU D 145 14.99 -51.29 -7.80
N LEU D 146 15.01 -50.11 -7.17
CA LEU D 146 15.78 -48.98 -7.69
C LEU D 146 17.28 -49.25 -7.62
N GLU D 147 17.73 -49.85 -6.54
CA GLU D 147 19.15 -50.19 -6.39
C GLU D 147 19.61 -51.14 -7.49
N GLU D 148 18.72 -52.07 -7.84
CA GLU D 148 19.06 -53.13 -8.77
C GLU D 148 18.97 -52.69 -10.22
N TYR D 149 17.89 -52.00 -10.56
CA TYR D 149 17.65 -51.65 -11.96
C TYR D 149 17.91 -50.18 -12.28
N GLY D 150 18.04 -49.35 -11.25
CA GLY D 150 18.19 -47.92 -11.45
C GLY D 150 16.92 -47.26 -12.00
N THR D 151 17.00 -45.95 -12.20
CA THR D 151 15.89 -45.20 -12.77
C THR D 151 16.44 -44.04 -13.57
N TYR D 152 15.65 -43.58 -14.53
CA TYR D 152 16.04 -42.45 -15.35
C TYR D 152 15.30 -41.17 -14.94
N GLU D 153 14.52 -41.25 -13.87
CA GLU D 153 13.62 -40.17 -13.44
C GLU D 153 13.78 -39.82 -11.96
N PRO D 154 13.43 -38.57 -11.57
CA PRO D 154 13.23 -38.28 -10.13
C PRO D 154 11.76 -38.39 -9.78
N ASN D 155 11.40 -39.34 -8.92
CA ASN D 155 10.00 -39.56 -8.59
C ASN D 155 9.66 -39.53 -7.11
N GLY D 156 8.40 -39.21 -6.82
CA GLY D 156 7.86 -39.36 -5.49
C GLY D 156 6.74 -40.39 -5.47
N ILE D 157 6.79 -41.30 -4.52
CA ILE D 157 5.82 -42.40 -4.46
C ILE D 157 5.19 -42.51 -3.07
N SER D 158 3.87 -42.57 -3.03
CA SER D 158 3.17 -42.69 -1.76
C SER D 158 2.60 -44.09 -1.58
N PHE D 159 2.70 -44.60 -0.35
CA PHE D 159 2.12 -45.88 0.01
C PHE D 159 1.25 -45.68 1.22
N ALA D 160 0.19 -46.48 1.34
CA ALA D 160 -0.59 -46.48 2.56
C ALA D 160 -1.22 -47.85 2.86
N ASP D 161 -1.34 -48.18 4.14
CA ASP D 161 -2.20 -49.27 4.57
C ASP D 161 -3.06 -48.67 5.67
N ASN D 162 -3.84 -49.48 6.38
CA ASN D 162 -4.76 -48.92 7.36
C ASN D 162 -4.04 -48.31 8.59
N GLU D 163 -2.72 -48.52 8.67
CA GLU D 163 -1.95 -48.02 9.79
C GLU D 163 -1.06 -46.82 9.47
N GLU D 164 -0.36 -46.89 8.34
CA GLU D 164 0.74 -45.97 8.04
C GLU D 164 0.63 -45.38 6.64
N VAL D 165 1.25 -44.22 6.48
CA VAL D 165 1.40 -43.55 5.21
C VAL D 165 2.87 -43.24 5.01
N TRP D 166 3.42 -43.63 3.86
CA TRP D 166 4.84 -43.38 3.61
C TRP D 166 5.04 -42.60 2.34
N TRP D 167 6.05 -41.73 2.33
CA TRP D 167 6.41 -41.00 1.14
C TRP D 167 7.84 -41.35 0.76
N LEU D 168 8.03 -41.90 -0.43
CA LEU D 168 9.36 -42.25 -0.91
C LEU D 168 9.79 -41.33 -2.03
N GLU D 169 11.04 -40.88 -1.98
CA GLU D 169 11.60 -40.06 -3.07
C GLU D 169 12.88 -40.73 -3.56
N THR D 170 12.95 -40.94 -4.87
CA THR D 170 14.11 -41.56 -5.49
C THR D 170 15.16 -40.49 -5.64
N ILE D 171 16.42 -40.90 -5.54
CA ILE D 171 17.51 -39.95 -5.43
C ILE D 171 18.60 -40.39 -6.35
N GLY D 172 18.91 -39.57 -7.35
CA GLY D 172 19.87 -39.97 -8.36
C GLY D 172 19.40 -41.21 -9.10
N GLY D 173 20.36 -41.93 -9.68
CA GLY D 173 20.06 -43.11 -10.44
C GLY D 173 19.59 -44.31 -9.62
N HIS D 174 20.07 -44.44 -8.38
CA HIS D 174 19.79 -45.65 -7.58
C HIS D 174 19.39 -45.44 -6.14
N HIS D 175 19.57 -44.23 -5.61
CA HIS D 175 19.37 -44.04 -4.18
C HIS D 175 17.94 -43.60 -3.86
N TRP D 176 17.59 -43.64 -2.59
CA TRP D 176 16.22 -43.33 -2.20
C TRP D 176 16.14 -43.05 -0.72
N ALA D 177 15.03 -42.45 -0.32
CA ALA D 177 14.74 -42.16 1.07
C ALA D 177 13.24 -42.07 1.23
N ALA D 178 12.76 -42.41 2.41
CA ALA D 178 11.33 -42.40 2.67
C ALA D 178 11.10 -42.00 4.12
N VAL D 179 9.93 -41.42 4.35
CA VAL D 179 9.54 -40.91 5.66
C VAL D 179 8.14 -41.38 5.98
N ARG D 180 7.92 -41.85 7.20
CA ARG D 180 6.57 -42.16 7.62
C ARG D 180 5.89 -40.86 8.06
N ILE D 181 4.78 -40.53 7.41
CA ILE D 181 4.01 -39.37 7.82
C ILE D 181 3.37 -39.69 9.18
N PRO D 182 3.57 -38.82 10.16
CA PRO D 182 2.93 -39.07 11.46
C PRO D 182 1.40 -39.21 11.39
N ASP D 183 0.87 -39.98 12.34
CA ASP D 183 -0.54 -40.30 12.46
C ASP D 183 -1.41 -39.05 12.44
N ASP D 184 -0.91 -38.00 13.07
CA ASP D 184 -1.69 -36.78 13.24
C ASP D 184 -1.34 -35.71 12.21
N ALA D 185 -0.60 -36.09 11.18
CA ALA D 185 -0.06 -35.11 10.24
C ALA D 185 -0.59 -35.23 8.82
N TYR D 186 -0.26 -34.25 8.00
CA TYR D 186 -0.56 -34.31 6.57
C TYR D 186 0.58 -33.70 5.78
N VAL D 187 0.60 -33.97 4.49
CA VAL D 187 1.60 -33.39 3.61
C VAL D 187 0.90 -32.89 2.36
N VAL D 188 1.33 -31.73 1.86
CA VAL D 188 0.97 -31.30 0.54
C VAL D 188 2.25 -31.33 -0.27
N ALA D 189 2.29 -32.12 -1.35
CA ALA D 189 3.52 -32.32 -2.11
C ALA D 189 3.38 -32.09 -3.63
N PRO D 190 4.04 -31.06 -4.16
CA PRO D 190 4.03 -30.78 -5.59
C PRO D 190 5.22 -31.42 -6.29
N ASN D 191 5.54 -30.95 -7.49
CA ASN D 191 6.62 -31.51 -8.29
C ASN D 191 8.03 -31.02 -7.94
N ARG D 192 8.34 -31.12 -6.65
CA ARG D 192 9.63 -30.69 -6.14
C ARG D 192 9.99 -31.66 -5.05
N MET D 193 11.25 -32.05 -4.97
CA MET D 193 11.69 -32.93 -3.89
C MET D 193 11.28 -32.33 -2.55
N ASN D 194 10.62 -33.12 -1.71
CA ASN D 194 9.94 -32.58 -0.54
C ASN D 194 10.57 -32.85 0.83
N ILE D 195 11.17 -34.02 1.00
CA ILE D 195 11.66 -34.44 2.33
C ILE D 195 12.68 -33.48 2.91
N ASP D 196 12.39 -32.93 4.08
CA ASP D 196 13.29 -31.93 4.66
C ASP D 196 14.14 -32.57 5.76
N GLN D 197 14.02 -32.11 7.00
CA GLN D 197 14.85 -32.65 8.09
C GLN D 197 14.73 -34.19 8.21
N PHE D 198 15.88 -34.85 8.21
CA PHE D 198 15.89 -36.30 8.11
C PHE D 198 16.82 -36.92 9.14
N ASP D 199 16.24 -37.76 9.99
CA ASP D 199 16.97 -38.51 11.01
C ASP D 199 17.16 -39.96 10.53
N PHE D 200 18.37 -40.31 10.11
CA PHE D 200 18.64 -41.67 9.60
C PHE D 200 18.31 -42.74 10.63
N ASP D 201 18.61 -42.43 11.88
CA ASP D 201 18.42 -43.33 12.99
C ASP D 201 16.95 -43.69 13.21
N SER D 202 16.06 -42.80 12.80
CA SER D 202 14.66 -42.87 13.22
C SER D 202 13.93 -44.08 12.62
N ASP D 203 12.94 -44.55 13.38
CA ASP D 203 12.03 -45.61 12.99
C ASP D 203 11.12 -45.15 11.88
N ASP D 204 10.87 -43.85 11.87
CA ASP D 204 9.96 -43.23 10.92
C ASP D 204 10.63 -42.97 9.59
N THR D 205 11.88 -43.41 9.45
CA THR D 205 12.58 -43.21 8.19
C THR D 205 13.20 -44.50 7.67
N LEU D 206 13.36 -44.54 6.36
CA LEU D 206 14.06 -45.61 5.67
C LEU D 206 14.83 -44.99 4.53
N CYS D 207 15.97 -45.57 4.16
CA CYS D 207 16.69 -45.03 3.01
C CYS D 207 17.74 -46.01 2.55
N SER D 208 18.29 -45.79 1.36
CA SER D 208 19.50 -46.45 0.92
C SER D 208 20.46 -46.59 2.10
N SER D 209 21.03 -47.77 2.25
CA SER D 209 21.88 -48.03 3.39
C SER D 209 23.13 -47.16 3.32
N ASP D 210 23.51 -46.72 2.13
CA ASP D 210 24.71 -45.89 2.01
C ASP D 210 24.44 -44.38 1.91
N LEU D 211 23.19 -43.96 2.14
CA LEU D 211 22.81 -42.57 1.89
C LEU D 211 23.63 -41.59 2.74
N LYS D 212 23.69 -41.82 4.05
CA LYS D 212 24.47 -40.93 4.93
C LYS D 212 25.96 -40.86 4.51
N ASP D 213 26.55 -42.02 4.23
CA ASP D 213 27.94 -42.08 3.77
C ASP D 213 28.10 -41.37 2.45
N LEU D 214 27.14 -41.55 1.54
CA LEU D 214 27.21 -40.84 0.26
C LEU D 214 27.31 -39.32 0.48
N ILE D 215 26.49 -38.81 1.39
CA ILE D 215 26.48 -37.37 1.62
C ILE D 215 27.80 -36.93 2.27
N ASP D 216 28.10 -37.50 3.44
CA ASP D 216 29.27 -37.11 4.23
C ASP D 216 30.60 -37.21 3.47
N ASN D 217 30.75 -38.23 2.64
CA ASN D 217 32.04 -38.45 1.97
C ASN D 217 32.21 -37.64 0.68
N ASN D 218 31.17 -36.96 0.22
CA ASN D 218 31.26 -36.25 -1.05
C ASN D 218 30.90 -34.75 -1.06
N ASN D 219 30.93 -34.12 0.11
CA ASN D 219 30.60 -32.69 0.25
C ASN D 219 29.25 -32.34 -0.37
N LEU D 220 28.25 -33.17 -0.11
CA LEU D 220 26.92 -32.92 -0.63
C LEU D 220 26.08 -32.05 0.27
N ASN D 221 26.47 -31.98 1.54
CA ASN D 221 25.67 -31.30 2.57
C ASN D 221 26.04 -29.82 2.58
N PRO D 222 25.06 -28.96 2.30
CA PRO D 222 25.26 -27.50 2.34
C PRO D 222 25.01 -26.90 3.75
N ASP D 223 24.39 -27.66 4.64
CA ASP D 223 23.98 -27.10 5.91
C ASP D 223 25.04 -27.33 6.97
N PHE D 224 25.17 -26.40 7.90
CA PHE D 224 26.17 -26.48 8.95
C PHE D 224 25.86 -27.62 9.88
N GLU D 225 24.58 -27.84 10.15
CA GLU D 225 24.16 -28.95 11.00
C GLU D 225 23.07 -29.82 10.40
N ASN D 226 23.11 -31.09 10.80
CA ASN D 226 22.02 -32.04 10.54
C ASN D 226 21.80 -32.27 9.06
N TYR D 227 20.72 -32.97 8.72
CA TYR D 227 20.47 -33.35 7.33
C TYR D 227 19.06 -32.98 6.89
N ASN D 228 19.01 -32.15 5.86
CA ASN D 228 17.78 -31.79 5.19
C ASN D 228 17.88 -32.34 3.79
N LEU D 229 17.10 -33.37 3.48
CA LEU D 229 17.38 -34.13 2.25
C LEU D 229 17.18 -33.33 0.98
N ARG D 230 16.17 -32.46 0.94
CA ARG D 230 15.94 -31.68 -0.27
C ARG D 230 16.91 -30.51 -0.40
N HIS D 231 17.46 -30.03 0.71
CA HIS D 231 18.60 -29.13 0.65
C HIS D 231 19.77 -29.82 -0.01
N ILE D 232 19.97 -31.08 0.36
CA ILE D 232 21.13 -31.87 -0.05
C ILE D 232 20.98 -32.37 -1.47
N PHE D 233 19.83 -32.98 -1.78
CA PHE D 233 19.58 -33.72 -3.02
C PHE D 233 18.59 -33.07 -3.96
N GLY D 234 17.90 -32.03 -3.49
CA GLY D 234 16.76 -31.49 -4.20
C GLY D 234 17.07 -30.15 -4.83
N SER D 235 16.04 -29.33 -4.97
CA SER D 235 16.19 -28.04 -5.61
C SER D 235 15.58 -26.90 -4.77
N ALA D 236 16.13 -25.71 -4.95
CA ALA D 236 15.45 -24.51 -4.53
C ALA D 236 15.61 -23.50 -5.67
N SER D 237 14.94 -23.76 -6.79
CA SER D 237 15.14 -22.97 -8.01
C SER D 237 14.12 -21.83 -8.19
N ILE D 238 14.37 -21.01 -9.20
CA ILE D 238 13.44 -19.97 -9.62
C ILE D 238 12.09 -20.59 -10.05
N LYS D 239 12.14 -21.70 -10.78
CA LYS D 239 10.93 -22.42 -11.21
C LYS D 239 10.11 -22.93 -10.02
N ASP D 240 10.79 -23.39 -8.97
CA ASP D 240 10.12 -23.88 -7.76
C ASP D 240 9.24 -22.81 -7.14
N THR D 241 9.72 -21.57 -7.15
CA THR D 241 9.05 -20.46 -6.50
C THR D 241 7.69 -20.16 -7.13
N VAL D 242 7.53 -20.52 -8.39
CA VAL D 242 6.26 -20.23 -9.07
C VAL D 242 5.46 -21.47 -9.45
N TYR D 243 6.14 -22.58 -9.66
CA TYR D 243 5.51 -23.76 -10.20
C TYR D 243 5.15 -24.75 -9.10
N ASN D 244 5.90 -24.72 -8.00
CA ASN D 244 5.74 -25.73 -6.94
C ASN D 244 5.29 -25.17 -5.59
N ASN D 245 6.11 -24.30 -5.01
CA ASN D 245 5.86 -23.72 -3.69
C ASN D 245 4.46 -23.12 -3.47
N PRO D 246 3.89 -22.38 -4.45
CA PRO D 246 2.54 -21.85 -4.21
C PRO D 246 1.47 -22.95 -4.03
N ARG D 247 1.68 -24.11 -4.65
CA ARG D 247 0.74 -25.21 -4.42
C ARG D 247 0.90 -25.75 -3.00
N THR D 248 2.13 -25.91 -2.55
CA THR D 248 2.37 -26.33 -1.16
C THR D 248 1.77 -25.31 -0.19
N TRP D 249 2.05 -24.04 -0.46
CA TRP D 249 1.58 -22.96 0.38
C TRP D 249 0.06 -22.91 0.47
N TYR D 250 -0.58 -22.98 -0.68
CA TYR D 250 -2.03 -22.88 -0.74
C TYR D 250 -2.69 -23.94 0.14
N GLY D 251 -2.26 -25.19 -0.04
CA GLY D 251 -2.73 -26.30 0.77
C GLY D 251 -2.45 -26.09 2.26
N GLN D 252 -1.27 -25.57 2.59
CA GLN D 252 -0.93 -25.36 4.00
C GLN D 252 -1.71 -24.18 4.60
N LYS D 253 -1.98 -23.16 3.79
CA LYS D 253 -2.86 -22.05 4.21
C LYS D 253 -4.28 -22.58 4.48
N PHE D 254 -4.73 -23.56 3.69
CA PHE D 254 -6.09 -24.09 3.87
C PHE D 254 -6.23 -24.93 5.15
N PHE D 255 -5.26 -25.82 5.41
CA PHE D 255 -5.34 -26.73 6.56
C PHE D 255 -4.72 -26.17 7.85
N SER D 256 -3.66 -25.38 7.70
CA SER D 256 -2.89 -24.83 8.82
C SER D 256 -2.76 -23.31 8.71
N PRO D 257 -3.90 -22.58 8.77
CA PRO D 257 -3.84 -21.14 8.49
C PRO D 257 -2.98 -20.35 9.47
N ASP D 258 -2.98 -20.73 10.74
CA ASP D 258 -2.26 -19.96 11.75
C ASP D 258 -0.79 -20.40 11.89
N ASP D 259 -0.34 -21.38 11.09
CA ASP D 259 1.08 -21.76 11.06
C ASP D 259 1.74 -21.42 9.73
N THR D 260 1.02 -20.77 8.84
CA THR D 260 1.51 -20.55 7.48
C THR D 260 1.56 -19.06 7.21
N ALA D 261 2.75 -18.59 6.85
CA ALA D 261 2.95 -17.19 6.58
C ALA D 261 2.38 -16.84 5.22
N ASP D 262 2.76 -15.69 4.69
CA ASP D 262 2.05 -15.15 3.56
C ASP D 262 2.90 -15.02 2.30
N ASP D 263 3.98 -15.80 2.25
CA ASP D 263 4.84 -15.84 1.07
C ASP D 263 4.68 -17.21 0.38
N PRO D 264 3.90 -17.25 -0.74
CA PRO D 264 3.70 -18.49 -1.52
C PRO D 264 4.98 -18.94 -2.23
N MET D 265 6.01 -18.10 -2.24
CA MET D 265 7.23 -18.45 -2.94
C MET D 265 8.24 -19.15 -2.03
N GLU D 266 8.00 -19.09 -0.73
CA GLU D 266 8.87 -19.67 0.30
C GLU D 266 9.48 -21.03 -0.06
N GLN D 267 10.81 -21.13 -0.03
CA GLN D 267 11.51 -22.36 -0.42
C GLN D 267 11.58 -23.42 0.71
N ASP D 268 11.34 -22.99 1.95
CA ASP D 268 11.44 -23.90 3.09
C ASP D 268 10.14 -24.07 3.83
N LEU D 269 9.04 -24.14 3.09
CA LEU D 269 7.80 -24.58 3.73
C LEU D 269 8.04 -25.98 4.28
N PRO D 270 7.50 -26.26 5.48
CA PRO D 270 7.72 -27.58 6.08
C PRO D 270 7.09 -28.68 5.23
N PHE D 271 7.65 -29.88 5.34
CA PHE D 271 7.11 -31.05 4.67
C PHE D 271 5.93 -31.59 5.48
N ILE D 272 6.22 -32.05 6.70
CA ILE D 272 5.18 -32.52 7.62
C ILE D 272 4.42 -31.35 8.30
N CYS D 273 3.10 -31.42 8.32
CA CYS D 273 2.30 -30.34 8.87
C CYS D 273 1.24 -30.87 9.79
N HIS D 274 0.64 -29.98 10.58
CA HIS D 274 -0.47 -30.32 11.46
C HIS D 274 -1.62 -29.35 11.23
N ALA D 275 -2.77 -29.89 10.83
CA ALA D 275 -3.94 -29.05 10.57
C ALA D 275 -4.62 -28.63 11.87
N ASN D 276 -5.46 -27.60 11.79
CA ASN D 276 -6.17 -27.14 12.97
C ASN D 276 -7.47 -27.89 13.15
N ARG D 277 -7.64 -28.95 12.36
CA ARG D 277 -8.89 -29.74 12.35
C ARG D 277 -8.67 -31.08 11.61
N LYS D 278 -9.62 -31.99 11.73
CA LYS D 278 -9.53 -33.25 11.01
C LYS D 278 -9.94 -33.03 9.55
N ILE D 279 -9.34 -33.81 8.67
CA ILE D 279 -9.47 -33.63 7.23
C ILE D 279 -10.43 -34.64 6.64
N SER D 280 -11.33 -34.14 5.80
CA SER D 280 -12.33 -34.97 5.12
C SER D 280 -11.91 -35.27 3.69
N VAL D 281 -12.61 -36.21 3.05
CA VAL D 281 -12.41 -36.48 1.63
C VAL D 281 -12.73 -35.22 0.82
N GLU D 282 -13.81 -34.54 1.20
CA GLU D 282 -14.20 -33.29 0.56
C GLU D 282 -13.09 -32.24 0.67
N ASP D 283 -12.38 -32.19 1.81
CA ASP D 283 -11.30 -31.21 1.95
C ASP D 283 -10.23 -31.49 0.91
N VAL D 284 -9.81 -32.74 0.85
CA VAL D 284 -8.75 -33.13 -0.08
C VAL D 284 -9.18 -32.89 -1.52
N LYS D 285 -10.41 -33.30 -1.85
CA LYS D 285 -10.93 -33.09 -3.19
C LYS D 285 -10.81 -31.61 -3.56
N PHE D 286 -11.26 -30.74 -2.68
CA PHE D 286 -11.28 -29.30 -2.95
C PHE D 286 -9.89 -28.74 -3.26
N VAL D 287 -8.95 -28.99 -2.35
CA VAL D 287 -7.59 -28.46 -2.45
C VAL D 287 -6.91 -28.91 -3.72
N LEU D 288 -7.16 -30.16 -4.10
CA LEU D 288 -6.58 -30.72 -5.29
C LEU D 288 -7.23 -30.18 -6.55
N SER D 289 -8.37 -29.51 -6.37
CA SER D 289 -9.11 -28.93 -7.50
C SER D 289 -9.01 -27.42 -7.59
N SER D 290 -8.53 -26.78 -6.53
CA SER D 290 -8.75 -25.35 -6.36
C SER D 290 -7.54 -24.48 -6.63
N HIS D 291 -7.71 -23.54 -7.57
CA HIS D 291 -6.63 -22.80 -8.23
C HIS D 291 -6.22 -21.51 -7.52
N PHE D 292 -6.21 -21.50 -6.18
CA PHE D 292 -5.93 -20.33 -5.32
C PHE D 292 -7.09 -19.34 -5.22
N GLU D 293 -8.33 -19.77 -4.95
CA GLU D 293 -9.38 -18.81 -5.28
C GLU D 293 -10.24 -18.12 -4.21
N ASN D 294 -9.78 -16.91 -3.88
CA ASN D 294 -10.42 -15.63 -4.21
C ASN D 294 -9.42 -14.50 -3.92
N THR D 295 -9.96 -13.29 -3.78
CA THR D 295 -9.23 -12.00 -3.76
C THR D 295 -8.08 -11.83 -4.80
N LYS D 296 -6.88 -12.38 -4.58
CA LYS D 296 -5.74 -12.01 -5.44
C LYS D 296 -5.39 -12.74 -6.76
N TYR D 297 -4.82 -13.93 -6.68
CA TYR D 297 -4.27 -14.57 -7.87
C TYR D 297 -5.13 -15.72 -8.38
N ASP D 298 -6.11 -15.40 -9.23
CA ASP D 298 -6.97 -16.48 -9.72
C ASP D 298 -7.05 -16.72 -11.23
N VAL D 299 -7.67 -17.85 -11.58
CA VAL D 299 -7.89 -18.32 -12.96
C VAL D 299 -9.28 -18.99 -13.05
N TYR D 300 -10.38 -18.24 -13.21
CA TYR D 300 -10.46 -16.78 -13.39
C TYR D 300 -10.53 -15.84 -12.17
N GLY D 301 -10.58 -14.55 -12.49
CA GLY D 301 -10.43 -13.47 -11.54
C GLY D 301 -9.75 -12.24 -12.11
N SER D 302 -10.48 -11.12 -12.17
CA SER D 302 -10.00 -9.91 -12.83
C SER D 302 -9.99 -8.78 -11.79
N GLY D 303 -8.91 -8.73 -11.03
CA GLY D 303 -8.76 -7.84 -9.88
C GLY D 303 -8.63 -8.73 -8.66
N SER D 304 -7.40 -9.06 -8.27
CA SER D 304 -6.15 -8.59 -8.89
C SER D 304 -5.89 -8.74 -10.40
N GLN D 305 -5.15 -7.75 -10.91
CA GLN D 305 -4.81 -7.57 -12.32
C GLN D 305 -3.51 -6.79 -12.26
N SER D 306 -2.80 -6.97 -11.15
CA SER D 306 -1.40 -6.58 -11.03
C SER D 306 -0.59 -7.77 -10.50
N ASP D 307 -1.27 -8.71 -9.87
CA ASP D 307 -0.71 -10.01 -9.48
C ASP D 307 -1.29 -11.13 -10.37
N LYS D 308 -0.68 -11.37 -11.52
CA LYS D 308 -1.20 -12.35 -12.49
C LYS D 308 -0.15 -13.41 -12.84
N THR D 309 -0.19 -13.83 -14.10
CA THR D 309 0.98 -14.38 -14.80
C THR D 309 1.47 -15.77 -14.35
N LEU D 310 2.63 -15.82 -13.71
CA LEU D 310 3.30 -17.07 -13.37
C LEU D 310 3.26 -17.69 -11.96
N PHE D 311 2.10 -17.83 -11.32
CA PHE D 311 2.04 -18.77 -10.17
C PHE D 311 1.17 -19.92 -10.68
N ARG D 312 1.18 -21.06 -10.00
CA ARG D 312 0.60 -22.25 -10.63
C ARG D 312 -0.65 -22.83 -9.96
N PRO D 313 -1.82 -22.71 -10.67
CA PRO D 313 -3.14 -23.24 -10.28
C PRO D 313 -3.05 -24.78 -10.10
N ILE D 314 -3.59 -25.28 -8.99
CA ILE D 314 -3.83 -26.71 -8.83
C ILE D 314 -5.13 -26.87 -8.02
N GLY D 315 -6.17 -27.45 -8.64
CA GLY D 315 -6.04 -28.13 -9.91
C GLY D 315 -6.69 -27.59 -11.18
N ILE D 316 -6.43 -26.34 -11.52
CA ILE D 316 -6.94 -25.76 -12.77
C ILE D 316 -5.67 -25.75 -13.66
N ASN D 317 -5.87 -26.29 -14.84
CA ASN D 317 -5.23 -27.50 -15.28
C ASN D 317 -4.94 -27.24 -16.82
N ARG D 318 -4.35 -28.03 -17.77
CA ARG D 318 -3.91 -29.44 -17.95
C ARG D 318 -5.16 -30.25 -18.48
N ASN D 319 -5.42 -31.45 -17.92
CA ASN D 319 -6.75 -32.10 -17.89
C ASN D 319 -6.98 -32.42 -16.40
N HIS D 320 -8.21 -32.40 -15.88
CA HIS D 320 -8.34 -32.45 -14.41
C HIS D 320 -8.95 -33.69 -13.75
N ASN D 321 -8.11 -34.59 -13.29
CA ASN D 321 -8.57 -35.79 -12.61
C ASN D 321 -8.08 -35.85 -11.18
N VAL D 322 -9.00 -35.79 -10.22
CA VAL D 322 -8.62 -35.96 -8.82
C VAL D 322 -8.83 -37.42 -8.43
N HIS D 323 -7.81 -38.01 -7.81
CA HIS D 323 -7.85 -39.41 -7.39
C HIS D 323 -7.45 -39.54 -5.91
N ILE D 324 -8.30 -40.15 -5.11
CA ILE D 324 -8.00 -40.32 -3.71
C ILE D 324 -8.06 -41.79 -3.28
N LEU D 325 -6.95 -42.30 -2.77
CA LEU D 325 -6.92 -43.67 -2.24
C LEU D 325 -7.11 -43.66 -0.73
N GLN D 326 -8.21 -44.26 -0.28
CA GLN D 326 -8.57 -44.29 1.13
C GLN D 326 -8.58 -45.72 1.69
N ILE D 327 -7.85 -45.95 2.79
CA ILE D 327 -7.95 -47.22 3.51
C ILE D 327 -8.62 -46.99 4.86
N ARG D 328 -9.84 -47.49 5.03
CA ARG D 328 -10.63 -47.13 6.19
C ARG D 328 -10.36 -47.99 7.42
N ASN D 329 -10.77 -47.51 8.59
CA ASN D 329 -10.69 -48.30 9.81
C ASN D 329 -12.06 -48.38 10.48
N ASN D 330 -12.13 -49.29 11.44
CA ASN D 330 -13.36 -49.57 12.19
C ASN D 330 -14.52 -49.96 11.25
N VAL D 331 -14.16 -50.55 10.12
CA VAL D 331 -15.10 -51.27 9.26
C VAL D 331 -14.34 -52.54 8.90
N PRO D 332 -15.06 -53.60 8.53
CA PRO D 332 -14.33 -54.82 8.17
C PRO D 332 -13.32 -54.54 7.05
N THR D 333 -12.19 -55.22 7.12
CA THR D 333 -11.13 -55.08 6.14
C THR D 333 -11.63 -55.29 4.69
N GLU D 334 -12.70 -56.07 4.52
CA GLU D 334 -13.23 -56.40 3.19
C GLU D 334 -13.92 -55.20 2.53
N ILE D 335 -14.22 -54.17 3.31
CA ILE D 335 -14.81 -52.95 2.73
C ILE D 335 -13.95 -51.72 3.06
N ALA D 336 -12.69 -51.95 3.40
CA ALA D 336 -11.81 -50.88 3.85
C ALA D 336 -11.24 -50.03 2.73
N GLY D 337 -10.90 -50.67 1.62
CA GLY D 337 -10.24 -50.00 0.51
C GLY D 337 -11.20 -49.26 -0.40
N ILE D 338 -11.02 -47.95 -0.56
CA ILE D 338 -11.89 -47.17 -1.45
C ILE D 338 -11.12 -46.39 -2.50
N HIS D 339 -11.50 -46.58 -3.75
CA HIS D 339 -10.97 -45.81 -4.85
C HIS D 339 -11.88 -44.65 -5.14
N TRP D 340 -11.56 -43.47 -4.63
CA TRP D 340 -12.32 -42.28 -4.99
C TRP D 340 -11.85 -41.83 -6.36
N LEU D 341 -12.62 -42.18 -7.38
CA LEU D 341 -12.22 -41.99 -8.76
C LEU D 341 -12.98 -40.83 -9.42
N ALA D 342 -12.28 -40.07 -10.27
CA ALA D 342 -12.81 -38.86 -10.89
C ALA D 342 -13.88 -39.09 -11.97
N TYR D 343 -14.85 -38.16 -11.99
CA TYR D 343 -15.92 -38.11 -12.99
C TYR D 343 -16.67 -36.80 -12.81
N GLY D 344 -16.28 -35.73 -13.50
CA GLY D 344 -15.24 -35.75 -14.51
C GLY D 344 -16.00 -35.34 -15.74
N ALA D 345 -15.63 -34.26 -16.43
CA ALA D 345 -14.48 -33.41 -16.12
C ALA D 345 -14.85 -31.93 -16.20
N ASN D 346 -13.93 -31.14 -16.73
CA ASN D 346 -14.01 -29.68 -16.70
C ASN D 346 -14.17 -29.23 -15.24
N THR D 347 -15.15 -28.37 -14.97
CA THR D 347 -15.38 -27.90 -13.63
C THR D 347 -16.56 -28.62 -12.99
N PHE D 348 -17.06 -29.66 -13.64
CA PHE D 348 -18.16 -30.44 -13.09
C PHE D 348 -17.64 -31.82 -12.65
N ASN D 349 -16.49 -31.84 -12.01
CA ASN D 349 -15.91 -33.12 -11.61
C ASN D 349 -16.27 -33.49 -10.18
N THR D 350 -16.52 -34.79 -9.99
CA THR D 350 -16.72 -35.40 -8.68
C THR D 350 -15.78 -36.57 -8.54
N VAL D 351 -15.65 -37.06 -7.33
CA VAL D 351 -14.95 -38.30 -7.09
C VAL D 351 -15.98 -39.29 -6.59
N VAL D 352 -15.96 -40.49 -7.17
CA VAL D 352 -16.93 -41.53 -6.87
C VAL D 352 -16.23 -42.59 -6.03
N PRO D 353 -16.82 -42.98 -4.89
CA PRO D 353 -16.18 -43.94 -3.98
C PRO D 353 -16.36 -45.42 -4.34
N PHE D 354 -15.62 -45.93 -5.32
CA PHE D 354 -15.70 -47.35 -5.65
C PHE D 354 -14.96 -48.21 -4.63
N TYR D 355 -15.56 -49.34 -4.27
CA TYR D 355 -14.88 -50.34 -3.43
C TYR D 355 -13.76 -50.98 -4.24
N ALA D 356 -12.57 -51.08 -3.67
CA ALA D 356 -11.45 -51.66 -4.42
C ALA D 356 -11.50 -53.20 -4.44
N ASN D 357 -12.20 -53.78 -3.46
CA ASN D 357 -12.25 -55.23 -3.25
C ASN D 357 -13.27 -55.94 -4.15
N VAL D 358 -12.94 -56.01 -5.44
CA VAL D 358 -13.82 -56.59 -6.44
C VAL D 358 -13.01 -57.34 -7.48
N ASN D 359 -13.66 -58.24 -8.23
CA ASN D 359 -13.02 -59.00 -9.33
C ASN D 359 -13.44 -58.49 -10.70
N ASP D 360 -14.44 -57.63 -10.71
CA ASP D 360 -14.99 -57.14 -11.95
C ASP D 360 -15.30 -55.65 -11.81
N THR D 361 -15.43 -54.99 -12.96
CA THR D 361 -15.61 -53.56 -13.03
C THR D 361 -17.00 -53.28 -13.58
N PRO D 362 -17.63 -52.17 -13.15
CA PRO D 362 -18.91 -51.77 -13.75
C PRO D 362 -18.85 -51.84 -15.28
N VAL D 363 -19.92 -52.31 -15.93
CA VAL D 363 -19.92 -52.53 -17.39
C VAL D 363 -19.54 -51.26 -18.14
N GLN D 364 -19.88 -50.13 -17.53
CA GLN D 364 -19.55 -48.80 -18.00
C GLN D 364 -18.07 -48.66 -18.38
N TYR D 365 -17.17 -49.33 -17.65
CA TYR D 365 -15.75 -49.09 -17.86
C TYR D 365 -15.09 -50.23 -18.63
N LYS D 366 -15.87 -50.97 -19.41
CA LYS D 366 -15.34 -52.03 -20.26
C LYS D 366 -15.70 -51.77 -21.71
N ASN D 367 -16.62 -50.83 -21.91
CA ASN D 367 -17.10 -50.54 -23.23
C ASN D 367 -16.30 -49.47 -23.94
N ALA D 368 -16.88 -49.03 -25.05
CA ALA D 368 -16.51 -47.82 -25.75
C ALA D 368 -17.70 -46.87 -25.54
N THR D 369 -17.54 -45.54 -25.40
CA THR D 369 -16.36 -44.68 -25.70
C THR D 369 -16.07 -44.83 -27.20
N GLY D 370 -17.15 -44.96 -27.97
CA GLY D 370 -17.05 -44.91 -29.42
C GLY D 370 -17.52 -43.56 -29.91
N LYS D 371 -18.49 -43.53 -30.82
CA LYS D 371 -18.99 -42.27 -31.36
C LYS D 371 -20.04 -41.65 -30.43
N PHE D 372 -20.19 -40.33 -30.54
CA PHE D 372 -21.10 -39.54 -29.69
C PHE D 372 -22.40 -40.24 -29.38
N ASP D 373 -22.68 -40.42 -28.10
CA ASP D 373 -23.89 -41.08 -27.62
C ASP D 373 -24.19 -40.62 -26.20
N LEU D 374 -25.35 -40.02 -26.01
CA LEU D 374 -25.65 -39.42 -24.72
C LEU D 374 -25.98 -40.44 -23.63
N ASN D 375 -26.04 -41.72 -24.01
CA ASN D 375 -26.19 -42.78 -23.03
C ASN D 375 -24.87 -43.18 -22.47
N ASN D 376 -23.81 -42.59 -23.03
CA ASN D 376 -22.45 -42.89 -22.62
C ASN D 376 -21.90 -41.82 -21.64
N MET D 377 -21.31 -42.28 -20.54
CA MET D 377 -20.85 -41.39 -19.48
C MET D 377 -19.87 -40.33 -19.97
N TYR D 378 -18.98 -40.72 -20.89
CA TYR D 378 -17.98 -39.83 -21.44
C TYR D 378 -18.62 -38.69 -22.25
N TRP D 379 -19.50 -39.05 -23.20
CA TRP D 379 -20.09 -38.05 -24.10
C TRP D 379 -21.07 -37.14 -23.37
N LEU D 380 -21.76 -37.68 -22.37
CA LEU D 380 -22.61 -36.85 -21.51
C LEU D 380 -21.79 -35.79 -20.76
N SER D 381 -20.64 -36.21 -20.18
CA SER D 381 -19.73 -35.30 -19.50
C SER D 381 -19.23 -34.22 -20.43
N CYS D 382 -18.76 -34.63 -21.61
CA CYS D 382 -18.28 -33.68 -22.62
C CYS D 382 -19.33 -32.63 -22.96
N THR D 383 -20.58 -33.05 -22.99
CA THR D 383 -21.69 -32.17 -23.31
C THR D 383 -21.91 -31.13 -22.21
N THR D 384 -22.03 -31.59 -20.97
CA THR D 384 -22.13 -30.67 -19.83
C THR D 384 -20.91 -29.75 -19.75
N ALA D 385 -19.72 -30.31 -19.99
CA ALA D 385 -18.49 -29.53 -19.98
C ALA D 385 -18.52 -28.42 -21.04
N LEU D 386 -18.78 -28.80 -22.28
CA LEU D 386 -18.83 -27.82 -23.37
C LEU D 386 -19.91 -26.79 -23.12
N LEU D 387 -21.03 -27.24 -22.57
CA LEU D 387 -22.12 -26.33 -22.30
C LEU D 387 -21.75 -25.39 -21.15
N GLY D 388 -20.78 -25.82 -20.35
CA GLY D 388 -20.39 -25.09 -19.16
C GLY D 388 -19.78 -23.75 -19.45
N ASP D 389 -19.07 -23.66 -20.57
CA ASP D 389 -18.32 -22.46 -20.93
C ASP D 389 -19.06 -21.42 -21.77
N THR D 390 -20.38 -21.48 -21.78
CA THR D 390 -21.19 -20.48 -22.48
C THR D 390 -21.22 -19.17 -21.74
N ASP D 391 -21.53 -19.29 -20.46
CA ASP D 391 -21.87 -18.18 -19.59
C ASP D 391 -21.39 -18.69 -18.24
N TYR D 392 -20.06 -18.76 -18.10
CA TYR D 392 -19.41 -19.69 -17.17
C TYR D 392 -19.75 -19.54 -15.68
N ASP D 393 -20.19 -18.34 -15.29
CA ASP D 393 -20.83 -18.20 -13.96
C ASP D 393 -22.25 -17.65 -14.11
N PHE D 394 -23.00 -18.36 -14.94
CA PHE D 394 -24.44 -18.47 -14.83
C PHE D 394 -24.63 -19.89 -14.34
N TYR D 395 -23.56 -20.67 -14.45
CA TYR D 395 -23.56 -22.08 -14.08
C TYR D 395 -22.73 -22.35 -12.84
N VAL D 396 -22.31 -21.32 -12.13
CA VAL D 396 -21.37 -21.54 -11.03
C VAL D 396 -22.05 -21.97 -9.77
N ASP D 397 -23.28 -21.51 -9.56
CA ASP D 397 -23.89 -21.85 -8.32
C ASP D 397 -24.57 -23.20 -8.46
N MET D 398 -24.94 -23.56 -9.69
CA MET D 398 -25.51 -24.88 -9.90
C MET D 398 -24.42 -25.90 -10.14
N ARG D 399 -23.17 -25.43 -10.24
CA ARG D 399 -22.06 -26.37 -10.34
C ARG D 399 -21.72 -26.90 -8.96
N ASN D 400 -21.75 -26.01 -7.97
CA ASN D 400 -21.41 -26.42 -6.63
C ASN D 400 -22.57 -27.17 -5.94
N ASP D 401 -23.81 -26.93 -6.38
CA ASP D 401 -24.94 -27.70 -5.88
C ASP D 401 -24.89 -29.11 -6.49
N TYR D 402 -24.41 -29.18 -7.73
CA TYR D 402 -24.24 -30.45 -8.39
C TYR D 402 -23.23 -31.33 -7.63
N GLU D 403 -22.06 -30.77 -7.31
CA GLU D 403 -21.00 -31.54 -6.68
C GLU D 403 -21.45 -32.02 -5.29
N LEU D 404 -22.09 -31.12 -4.55
CA LEU D 404 -22.66 -31.43 -3.25
C LEU D 404 -23.68 -32.57 -3.34
N ASP D 405 -24.59 -32.47 -4.30
CA ASP D 405 -25.70 -33.40 -4.38
C ASP D 405 -25.25 -34.80 -4.82
N ALA D 406 -24.28 -34.86 -5.72
CA ALA D 406 -23.80 -36.15 -6.18
C ALA D 406 -23.05 -36.86 -5.04
N MET D 407 -22.12 -36.13 -4.41
CA MET D 407 -21.36 -36.63 -3.28
C MET D 407 -22.26 -37.16 -2.19
N SER D 408 -23.35 -36.45 -1.93
CA SER D 408 -24.31 -36.87 -0.92
C SER D 408 -24.90 -38.23 -1.29
N ALA D 409 -25.24 -38.42 -2.57
CA ALA D 409 -25.82 -39.66 -3.06
C ALA D 409 -24.79 -40.77 -3.06
N TYR D 410 -23.54 -40.43 -3.41
CA TYR D 410 -22.47 -41.42 -3.32
C TYR D 410 -22.30 -41.93 -1.88
N ARG D 411 -22.26 -41.01 -0.92
CA ARG D 411 -22.04 -41.37 0.46
C ARG D 411 -23.20 -42.16 1.01
N LYS D 412 -24.41 -41.82 0.55
CA LYS D 412 -25.61 -42.55 0.95
C LYS D 412 -25.48 -44.03 0.57
N ILE D 413 -25.03 -44.29 -0.65
CA ILE D 413 -24.83 -45.64 -1.10
C ILE D 413 -23.74 -46.28 -0.28
N GLN D 414 -22.64 -45.55 -0.09
CA GLN D 414 -21.51 -46.09 0.66
C GLN D 414 -21.97 -46.47 2.08
N ASN D 415 -22.67 -45.56 2.76
CA ASN D 415 -23.17 -45.80 4.11
C ASN D 415 -24.15 -46.98 4.20
N ASP D 416 -25.11 -47.06 3.27
CA ASP D 416 -26.06 -48.16 3.24
C ASP D 416 -25.34 -49.48 2.97
N THR D 417 -24.35 -49.45 2.10
CA THR D 417 -23.54 -50.62 1.74
C THR D 417 -22.72 -51.10 2.94
N ASP D 418 -22.03 -50.18 3.61
CA ASP D 418 -21.27 -50.53 4.82
C ASP D 418 -22.19 -51.14 5.87
N ALA D 419 -23.36 -50.55 6.05
CA ALA D 419 -24.22 -50.91 7.18
C ALA D 419 -24.84 -52.31 7.04
N ASP D 420 -24.78 -52.89 5.85
CA ASP D 420 -25.42 -54.18 5.63
C ASP D 420 -24.40 -55.26 5.23
N ILE D 421 -23.14 -55.05 5.57
CA ILE D 421 -22.06 -55.94 5.13
C ILE D 421 -22.02 -57.26 5.92
N SER D 422 -22.49 -57.20 7.16
CA SER D 422 -22.21 -58.21 8.18
C SER D 422 -22.63 -59.65 7.86
N GLY D 423 -23.74 -59.84 7.18
CA GLY D 423 -24.20 -61.19 6.92
C GLY D 423 -24.08 -61.68 5.50
N GLN D 424 -23.18 -61.07 4.73
CA GLN D 424 -23.09 -61.31 3.28
C GLN D 424 -22.20 -62.49 2.95
N LYS D 425 -22.68 -63.36 2.07
CA LYS D 425 -22.02 -64.61 1.77
C LYS D 425 -21.16 -64.49 0.50
N ASP D 426 -21.44 -63.48 -0.31
CA ASP D 426 -20.65 -63.28 -1.51
C ASP D 426 -20.25 -61.80 -1.58
N ILE D 427 -19.25 -61.44 -0.77
CA ILE D 427 -18.88 -60.04 -0.55
C ILE D 427 -18.50 -59.35 -1.84
N GLU D 428 -17.81 -60.11 -2.69
CA GLU D 428 -17.31 -59.60 -3.93
C GLU D 428 -18.44 -59.15 -4.86
N LYS D 429 -19.48 -59.97 -5.03
CA LYS D 429 -20.64 -59.53 -5.83
C LYS D 429 -21.47 -58.49 -5.11
N TYR D 430 -21.49 -58.54 -3.79
CA TYR D 430 -22.13 -57.49 -2.98
C TYR D 430 -21.47 -56.11 -3.28
N LEU D 431 -20.14 -56.07 -3.30
CA LEU D 431 -19.43 -54.82 -3.56
C LEU D 431 -19.54 -54.46 -5.02
N GLU D 432 -19.51 -55.45 -5.89
CA GLU D 432 -19.75 -55.18 -7.32
C GLU D 432 -21.08 -54.53 -7.55
N ASN D 433 -22.11 -54.99 -6.83
CA ASN D 433 -23.42 -54.41 -7.01
C ASN D 433 -23.46 -52.97 -6.51
N ALA D 434 -22.78 -52.72 -5.40
CA ALA D 434 -22.70 -51.37 -4.84
C ALA D 434 -21.97 -50.42 -5.80
N ASN D 435 -20.90 -50.91 -6.42
CA ASN D 435 -20.15 -50.10 -7.36
C ASN D 435 -20.97 -49.73 -8.59
N LYS D 436 -21.85 -50.62 -8.99
CA LYS D 436 -22.66 -50.32 -10.16
C LYS D 436 -23.76 -49.31 -9.82
N LYS D 437 -24.27 -49.37 -8.60
CA LYS D 437 -25.21 -48.36 -8.14
C LYS D 437 -24.53 -46.99 -8.24
N LEU D 438 -23.26 -46.97 -7.86
CA LEU D 438 -22.49 -45.74 -7.78
C LEU D 438 -22.30 -45.21 -9.16
N ALA D 439 -21.89 -46.10 -10.07
CA ALA D 439 -21.74 -45.77 -11.47
C ALA D 439 -23.06 -45.28 -12.05
N ASP D 440 -24.16 -45.92 -11.67
CA ASP D 440 -25.48 -45.53 -12.16
C ASP D 440 -25.88 -44.14 -11.70
N VAL D 441 -25.71 -43.86 -10.40
CA VAL D 441 -26.16 -42.58 -9.85
C VAL D 441 -25.21 -41.45 -10.28
N ALA D 442 -23.95 -41.78 -10.56
CA ALA D 442 -23.06 -40.78 -11.12
C ALA D 442 -23.55 -40.37 -12.50
N PHE D 443 -23.96 -41.36 -13.31
CA PHE D 443 -24.50 -41.06 -14.62
C PHE D 443 -25.78 -40.24 -14.47
N GLU D 444 -26.72 -40.74 -13.68
CA GLU D 444 -28.00 -40.11 -13.45
C GLU D 444 -27.91 -38.67 -12.92
N LYS D 445 -26.94 -38.42 -12.04
CA LYS D 445 -26.75 -37.08 -11.50
C LYS D 445 -26.25 -36.11 -12.56
N GLN D 446 -25.42 -36.61 -13.46
CA GLN D 446 -24.82 -35.86 -14.56
C GLN D 446 -25.87 -35.58 -15.65
N ASN D 447 -26.84 -36.48 -15.76
CA ASN D 447 -27.94 -36.32 -16.68
C ASN D 447 -28.90 -35.23 -16.22
N LYS D 448 -29.20 -35.23 -14.93
CA LYS D 448 -30.05 -34.19 -14.34
C LYS D 448 -29.36 -32.83 -14.46
N LEU D 449 -28.02 -32.84 -14.39
CA LEU D 449 -27.24 -31.61 -14.54
C LEU D 449 -27.41 -31.04 -15.97
N LEU D 450 -27.36 -31.91 -16.99
CA LEU D 450 -27.60 -31.48 -18.37
C LEU D 450 -29.00 -30.85 -18.46
N GLY D 451 -30.00 -31.52 -17.90
CA GLY D 451 -31.35 -31.01 -17.96
C GLY D 451 -31.51 -29.65 -17.30
N ASP D 452 -30.87 -29.46 -16.15
CA ASP D 452 -31.00 -28.22 -15.38
C ASP D 452 -30.21 -27.10 -16.03
N MET D 453 -29.04 -27.43 -16.57
CA MET D 453 -28.26 -26.44 -17.31
C MET D 453 -29.04 -25.94 -18.53
N VAL D 454 -29.62 -26.87 -19.30
CA VAL D 454 -30.33 -26.48 -20.51
C VAL D 454 -31.60 -25.70 -20.18
N THR D 455 -32.35 -26.15 -19.18
CA THR D 455 -33.58 -25.45 -18.80
C THR D 455 -33.40 -24.02 -18.29
N THR D 456 -32.48 -23.80 -17.34
CA THR D 456 -32.32 -22.45 -16.80
C THR D 456 -31.55 -21.65 -17.82
N GLY D 457 -30.72 -22.32 -18.59
CA GLY D 457 -29.98 -21.67 -19.66
C GLY D 457 -30.90 -21.20 -20.77
N SER D 458 -31.81 -22.09 -21.20
CA SER D 458 -32.76 -21.82 -22.28
C SER D 458 -33.72 -20.71 -21.89
N ASN D 459 -33.64 -20.35 -20.62
CA ASN D 459 -34.48 -19.37 -19.97
C ASN D 459 -33.87 -18.01 -19.67
N ASN D 460 -32.54 -17.98 -19.61
CA ASN D 460 -31.77 -16.77 -19.39
C ASN D 460 -31.21 -16.24 -20.67
N MET D 461 -30.77 -17.15 -21.52
CA MET D 461 -30.38 -16.76 -22.86
C MET D 461 -31.62 -16.20 -23.44
N LYS D 462 -32.72 -16.70 -22.89
CA LYS D 462 -33.99 -16.37 -23.42
C LYS D 462 -34.17 -14.88 -23.13
N LEU D 463 -33.92 -14.39 -21.92
CA LEU D 463 -33.89 -12.92 -21.75
C LEU D 463 -32.71 -12.17 -22.38
N ARG D 464 -32.35 -12.57 -23.61
CA ARG D 464 -31.69 -11.72 -24.62
C ARG D 464 -32.52 -10.47 -24.99
N TYR D 465 -33.84 -10.59 -24.90
CA TYR D 465 -34.89 -9.61 -25.29
C TYR D 465 -34.62 -8.11 -25.09
N ASN D 466 -34.50 -7.72 -23.83
CA ASN D 466 -34.51 -6.32 -23.33
C ASN D 466 -35.91 -5.72 -23.12
N LEU D 467 -36.98 -6.50 -23.27
CA LEU D 467 -38.26 -6.12 -22.64
C LEU D 467 -38.85 -7.23 -21.75
N ASN D 468 -40.04 -6.98 -21.20
CA ASN D 468 -40.67 -7.86 -20.19
C ASN D 468 -42.18 -8.13 -20.37
N ASP D 469 -42.66 -9.09 -19.58
CA ASP D 469 -44.08 -9.46 -19.40
C ASP D 469 -44.98 -8.40 -18.71
N LYS E 3 -33.16 -28.80 -10.09
CA LYS E 3 -32.79 -27.74 -9.15
C LYS E 3 -33.92 -26.71 -9.10
N ARG E 4 -34.00 -25.93 -8.02
CA ARG E 4 -35.01 -24.89 -7.90
C ARG E 4 -34.51 -23.70 -7.06
N ILE E 5 -34.57 -22.49 -7.60
CA ILE E 5 -33.96 -21.34 -6.91
C ILE E 5 -34.92 -20.54 -6.02
N LYS E 6 -34.34 -19.99 -4.96
CA LYS E 6 -34.96 -19.04 -4.08
C LYS E 6 -33.92 -17.93 -3.92
N GLY E 7 -34.22 -16.88 -3.16
CA GLY E 7 -33.31 -15.74 -3.19
C GLY E 7 -32.46 -15.53 -1.94
N SER E 8 -31.84 -14.37 -1.88
CA SER E 8 -30.85 -14.02 -0.86
C SER E 8 -31.37 -13.24 0.34
N CYS E 9 -31.12 -13.74 1.54
CA CYS E 9 -31.79 -13.16 2.69
C CYS E 9 -30.81 -12.90 3.85
N THR E 10 -31.08 -11.84 4.61
CA THR E 10 -30.31 -11.57 5.81
C THR E 10 -31.25 -11.36 6.99
N SER E 11 -30.96 -12.05 8.08
CA SER E 11 -31.78 -11.97 9.28
C SER E 11 -30.99 -11.35 10.42
N ILE E 12 -31.66 -10.49 11.17
CA ILE E 12 -31.08 -9.89 12.36
C ILE E 12 -32.02 -10.13 13.54
N LEU E 13 -31.46 -10.72 14.60
CA LEU E 13 -32.19 -11.04 15.82
C LEU E 13 -31.65 -10.24 17.01
N VAL E 14 -32.54 -9.69 17.83
CA VAL E 14 -32.12 -8.90 19.00
C VAL E 14 -32.80 -9.33 20.33
N GLY E 15 -32.00 -9.65 21.34
CA GLY E 15 -32.56 -10.04 22.63
C GLY E 15 -33.13 -8.84 23.38
N LYS E 16 -34.03 -9.08 24.33
CA LYS E 16 -34.78 -8.00 24.98
C LYS E 16 -33.92 -6.96 25.80
N LYS E 17 -32.71 -7.32 26.22
CA LYS E 17 -31.85 -6.36 26.91
C LYS E 17 -30.92 -5.67 25.91
N ALA E 18 -30.92 -6.14 24.66
CA ALA E 18 -30.03 -5.61 23.63
C ALA E 18 -30.64 -4.48 22.81
N SER E 19 -31.97 -4.37 22.85
CA SER E 19 -32.64 -3.32 22.09
C SER E 19 -32.76 -2.06 22.95
N ILE E 20 -33.03 -0.94 22.30
CA ILE E 20 -33.05 0.32 23.01
C ILE E 20 -34.32 0.42 23.85
N ASP E 21 -35.33 -0.37 23.52
CA ASP E 21 -36.63 -0.20 24.15
C ASP E 21 -37.09 -1.42 24.91
N GLY E 22 -36.20 -2.38 25.10
CA GLY E 22 -36.53 -3.57 25.87
C GLY E 22 -37.39 -4.58 25.12
N SER E 23 -37.62 -4.37 23.82
CA SER E 23 -38.34 -5.35 23.00
C SER E 23 -37.43 -6.46 22.47
N THR E 24 -38.01 -7.56 22.01
CA THR E 24 -37.25 -8.49 21.18
C THR E 24 -37.53 -8.15 19.71
N LEU E 25 -36.51 -8.33 18.85
CA LEU E 25 -36.64 -8.04 17.43
C LEU E 25 -36.18 -9.23 16.65
N ILE E 26 -36.98 -9.65 15.66
CA ILE E 26 -36.47 -10.53 14.63
C ILE E 26 -36.79 -9.87 13.28
N SER E 27 -35.87 -10.00 12.35
CA SER E 27 -35.99 -9.24 11.13
C SER E 27 -35.45 -9.99 9.96
N ARG E 28 -35.80 -9.51 8.78
CA ARG E 28 -35.38 -10.13 7.54
C ARG E 28 -35.56 -9.12 6.42
N ASN E 29 -34.80 -9.30 5.36
CA ASN E 29 -35.12 -8.66 4.11
C ASN E 29 -35.52 -9.80 3.13
N ASP E 30 -36.31 -9.46 2.10
CA ASP E 30 -37.19 -10.39 1.34
C ASP E 30 -36.91 -10.49 -0.15
N PRO E 31 -36.28 -11.58 -0.62
CA PRO E 31 -36.33 -11.56 -2.09
C PRO E 31 -37.57 -12.27 -2.61
N GLY E 32 -38.29 -11.67 -3.55
CA GLY E 32 -39.30 -12.39 -4.28
C GLY E 32 -38.61 -13.01 -5.48
N HIS E 33 -38.98 -14.24 -5.85
CA HIS E 33 -38.43 -14.89 -7.05
C HIS E 33 -38.42 -14.05 -8.32
N GLU E 34 -39.35 -13.12 -8.47
CA GLU E 34 -39.08 -12.01 -9.37
C GLU E 34 -40.06 -10.90 -8.91
N ALA E 35 -40.91 -10.39 -9.77
CA ALA E 35 -40.90 -8.97 -10.04
C ALA E 35 -41.61 -7.92 -9.17
N LEU E 36 -42.85 -7.51 -9.41
CA LEU E 36 -43.31 -6.35 -8.65
C LEU E 36 -43.78 -6.52 -7.20
N ASP E 37 -43.64 -5.46 -6.38
CA ASP E 37 -43.80 -5.52 -4.90
C ASP E 37 -45.07 -4.89 -4.28
N PRO E 38 -46.27 -5.33 -4.70
CA PRO E 38 -47.36 -4.74 -3.92
C PRO E 38 -47.20 -5.22 -2.49
N GLN E 39 -47.09 -4.24 -1.61
CA GLN E 39 -46.73 -4.43 -0.24
C GLN E 39 -47.99 -4.62 0.58
N ARG E 40 -48.00 -5.66 1.41
CA ARG E 40 -49.23 -6.03 2.09
C ARG E 40 -49.07 -6.95 3.28
N PHE E 41 -49.99 -6.80 4.24
CA PHE E 41 -50.09 -7.70 5.36
C PHE E 41 -51.54 -8.07 5.60
N VAL E 42 -51.74 -9.32 6.02
CA VAL E 42 -53.01 -10.02 6.01
C VAL E 42 -53.29 -10.61 7.40
N VAL E 43 -54.56 -10.65 7.80
CA VAL E 43 -54.94 -11.35 9.02
C VAL E 43 -55.51 -12.69 8.66
N VAL E 44 -55.02 -13.75 9.30
CA VAL E 44 -55.50 -15.10 9.05
C VAL E 44 -56.27 -15.55 10.28
N ASN E 45 -57.59 -15.50 10.20
CA ASN E 45 -58.46 -15.86 11.32
C ASN E 45 -58.58 -17.39 11.42
N PRO E 46 -58.87 -17.91 12.63
CA PRO E 46 -58.97 -19.36 12.93
C PRO E 46 -59.80 -20.15 11.91
N GLU E 47 -60.87 -19.50 11.47
CA GLU E 47 -61.72 -19.90 10.36
C GLU E 47 -60.94 -20.37 9.13
N ASP E 48 -60.17 -19.45 8.55
CA ASP E 48 -59.49 -19.64 7.27
C ASP E 48 -58.27 -20.55 7.30
N GLN E 49 -57.95 -21.10 8.46
CA GLN E 49 -56.79 -21.98 8.58
C GLN E 49 -57.23 -23.42 8.35
N PRO E 50 -56.60 -24.09 7.38
CA PRO E 50 -56.89 -25.50 7.10
C PRO E 50 -56.68 -26.39 8.33
N ARG E 51 -57.46 -27.46 8.45
CA ARG E 51 -57.20 -28.48 9.45
C ARG E 51 -56.57 -29.68 8.76
N ASP E 52 -56.75 -29.71 7.45
CA ASP E 52 -56.10 -30.69 6.59
C ASP E 52 -55.25 -29.96 5.57
N TYR E 53 -53.99 -29.74 5.93
CA TYR E 53 -53.13 -28.85 5.15
C TYR E 53 -52.41 -29.61 4.02
N THR E 54 -52.23 -28.92 2.89
CA THR E 54 -51.56 -29.49 1.73
C THR E 54 -50.27 -28.72 1.46
N SER E 55 -49.13 -29.42 1.56
CA SER E 55 -47.83 -28.80 1.38
C SER E 55 -47.74 -28.12 0.01
N VAL E 56 -47.01 -27.02 -0.05
CA VAL E 56 -47.00 -26.16 -1.23
C VAL E 56 -46.34 -26.85 -2.43
N ILE E 57 -45.10 -27.30 -2.26
CA ILE E 57 -44.36 -27.94 -3.32
C ILE E 57 -44.62 -29.46 -3.35
N SER E 58 -44.54 -30.07 -2.17
CA SER E 58 -44.55 -31.54 -2.03
C SER E 58 -45.93 -32.20 -2.14
N LYS E 59 -46.97 -31.40 -1.99
CA LYS E 59 -48.37 -31.85 -2.07
C LYS E 59 -48.72 -32.91 -1.03
N VAL E 60 -47.83 -33.14 -0.08
CA VAL E 60 -48.11 -34.06 1.01
C VAL E 60 -49.15 -33.43 1.92
N ASN E 61 -49.94 -34.26 2.59
CA ASN E 61 -50.97 -33.73 3.47
C ASN E 61 -50.55 -33.78 4.94
N VAL E 62 -50.71 -32.63 5.60
CA VAL E 62 -50.36 -32.44 7.00
C VAL E 62 -51.62 -32.18 7.81
N LYS E 63 -51.86 -32.96 8.87
CA LYS E 63 -53.02 -32.69 9.71
C LYS E 63 -52.62 -31.76 10.84
N LEU E 64 -53.33 -30.64 10.93
CA LEU E 64 -53.03 -29.63 11.92
C LEU E 64 -54.08 -29.66 13.02
N PRO E 65 -53.69 -29.26 14.24
CA PRO E 65 -54.63 -29.15 15.37
C PRO E 65 -55.87 -28.30 15.06
N ASP E 66 -56.87 -28.39 15.95
CA ASP E 66 -58.19 -27.83 15.72
C ASP E 66 -58.38 -26.43 16.29
N ASP E 67 -57.38 -25.98 17.05
CA ASP E 67 -57.48 -24.67 17.68
C ASP E 67 -56.48 -23.65 17.14
N PRO E 68 -56.45 -23.43 15.82
CA PRO E 68 -55.41 -22.52 15.36
C PRO E 68 -55.65 -21.11 15.92
N GLN E 69 -54.57 -20.41 16.22
CA GLN E 69 -54.67 -19.03 16.65
C GLN E 69 -54.78 -18.14 15.43
N ARG E 70 -55.48 -17.03 15.59
CA ARG E 70 -55.41 -15.96 14.61
C ARG E 70 -53.96 -15.50 14.56
N TYR E 71 -53.47 -15.20 13.36
CA TYR E 71 -52.14 -14.59 13.18
C TYR E 71 -52.12 -13.65 11.97
N THR E 72 -51.27 -12.63 12.02
CA THR E 72 -51.07 -11.76 10.86
C THR E 72 -49.90 -12.29 10.03
N SER E 73 -50.00 -12.21 8.71
CA SER E 73 -48.98 -12.81 7.85
C SER E 73 -48.41 -11.86 6.79
N ILE E 74 -47.17 -12.12 6.36
CA ILE E 74 -46.59 -11.42 5.21
C ILE E 74 -46.27 -12.42 4.06
N PRO E 75 -47.02 -12.34 2.92
CA PRO E 75 -47.07 -13.17 1.70
C PRO E 75 -45.85 -13.12 0.74
N ASN E 76 -46.02 -13.57 -0.53
CA ASN E 76 -44.89 -13.73 -1.48
C ASN E 76 -44.99 -13.53 -3.05
N SER E 77 -44.11 -14.29 -3.75
CA SER E 77 -43.76 -14.17 -5.19
C SER E 77 -44.30 -15.15 -6.30
N ILE E 78 -43.48 -15.36 -7.37
CA ILE E 78 -43.74 -16.36 -8.43
C ILE E 78 -43.61 -17.68 -7.71
N LEU E 79 -44.52 -18.61 -7.95
CA LEU E 79 -44.56 -19.85 -7.17
C LEU E 79 -45.47 -20.96 -7.67
N THR E 80 -45.62 -21.98 -6.84
CA THR E 80 -46.64 -22.99 -7.03
C THR E 80 -47.77 -22.53 -6.10
N ASN E 81 -47.37 -21.81 -5.05
CA ASN E 81 -48.29 -21.11 -4.12
C ASN E 81 -49.29 -21.76 -3.15
N GLY E 82 -50.54 -21.38 -3.36
CA GLY E 82 -51.43 -21.03 -2.28
C GLY E 82 -51.23 -19.54 -2.01
N ILE E 83 -50.64 -19.20 -0.86
CA ILE E 83 -50.56 -17.81 -0.43
C ILE E 83 -49.22 -17.48 0.20
N TRP E 84 -48.43 -18.52 0.44
CA TRP E 84 -47.85 -18.75 1.75
C TRP E 84 -47.27 -17.55 2.50
N PRO E 85 -47.52 -17.55 3.82
CA PRO E 85 -46.97 -16.59 4.78
C PRO E 85 -45.50 -16.89 5.05
N ALA E 86 -44.69 -15.87 4.90
CA ALA E 86 -43.26 -16.01 5.08
C ALA E 86 -42.93 -15.73 6.56
N ALA E 87 -43.82 -15.01 7.23
CA ALA E 87 -43.61 -14.56 8.59
C ALA E 87 -44.91 -14.07 9.23
N GLY E 88 -44.94 -14.03 10.54
CA GLY E 88 -46.14 -13.57 11.21
C GLY E 88 -46.04 -13.47 12.71
N ILE E 89 -47.05 -12.86 13.29
CA ILE E 89 -47.18 -12.73 14.72
C ILE E 89 -48.53 -13.29 15.10
N ASN E 90 -48.59 -14.22 16.04
CA ASN E 90 -49.88 -14.76 16.46
C ASN E 90 -50.48 -14.01 17.66
N SER E 91 -51.67 -14.44 18.07
CA SER E 91 -52.45 -13.72 19.08
C SER E 91 -51.85 -13.89 20.47
N SER E 92 -50.89 -14.79 20.60
CA SER E 92 -50.12 -14.95 21.84
C SER E 92 -48.85 -14.11 21.81
N ASN E 93 -48.76 -13.20 20.83
CA ASN E 93 -47.57 -12.39 20.63
C ASN E 93 -46.32 -13.28 20.41
N VAL E 94 -46.47 -14.33 19.62
CA VAL E 94 -45.31 -15.07 19.14
C VAL E 94 -45.02 -14.69 17.69
N ALA E 95 -43.78 -14.28 17.42
CA ALA E 95 -43.38 -13.95 16.07
C ALA E 95 -42.52 -15.09 15.49
N MET E 96 -42.66 -15.31 14.20
CA MET E 96 -41.91 -16.33 13.50
C MET E 96 -41.55 -15.80 12.11
N SER E 97 -40.37 -16.15 11.62
CA SER E 97 -39.96 -15.80 10.27
C SER E 97 -39.18 -16.96 9.68
N ALA E 98 -39.57 -17.38 8.48
CA ALA E 98 -38.98 -18.56 7.84
C ALA E 98 -38.63 -18.37 6.38
N THR E 99 -37.76 -17.41 6.06
CA THR E 99 -37.35 -17.20 4.67
C THR E 99 -35.85 -17.22 4.52
N GLU E 100 -35.17 -17.93 5.41
CA GLU E 100 -33.71 -17.92 5.45
C GLU E 100 -33.13 -19.29 5.14
N THR E 101 -32.89 -19.56 3.86
CA THR E 101 -32.21 -20.76 3.41
C THR E 101 -30.76 -20.75 3.88
N ILE E 102 -30.31 -21.89 4.42
CA ILE E 102 -28.93 -21.99 4.89
C ILE E 102 -28.17 -23.00 4.05
N THR E 103 -27.11 -23.58 4.61
CA THR E 103 -26.27 -24.52 3.87
C THR E 103 -26.16 -25.85 4.56
N THR E 104 -25.43 -26.77 3.93
CA THR E 104 -25.24 -28.11 4.48
C THR E 104 -23.88 -28.69 4.03
N ASN E 105 -23.70 -30.00 4.17
CA ASN E 105 -22.53 -30.61 3.56
C ASN E 105 -22.85 -32.08 3.19
N SER E 106 -21.99 -32.71 2.40
CA SER E 106 -22.31 -34.04 1.86
C SER E 106 -22.17 -35.18 2.86
N ARG E 107 -21.42 -34.97 3.94
CA ARG E 107 -21.22 -36.02 4.93
C ARG E 107 -22.51 -36.26 5.73
N VAL E 108 -23.17 -35.17 6.17
CA VAL E 108 -24.45 -35.27 6.89
C VAL E 108 -25.59 -35.66 5.96
N GLN E 109 -25.55 -35.16 4.73
CA GLN E 109 -26.58 -35.49 3.76
C GLN E 109 -26.49 -36.98 3.42
N GLY E 110 -25.29 -37.53 3.48
CA GLY E 110 -25.10 -38.94 3.20
C GLY E 110 -25.74 -39.88 4.22
N LEU E 111 -26.13 -39.34 5.38
CA LEU E 111 -26.75 -40.11 6.45
C LEU E 111 -28.25 -39.85 6.59
N ASP E 112 -28.63 -38.57 6.51
CA ASP E 112 -30.04 -38.13 6.64
C ASP E 112 -30.34 -37.18 5.49
N PRO E 113 -30.55 -37.73 4.28
CA PRO E 113 -30.73 -36.92 3.06
C PRO E 113 -32.00 -36.08 3.12
N PHE E 114 -32.00 -34.96 2.41
CA PHE E 114 -33.23 -34.22 2.11
C PHE E 114 -34.35 -35.18 1.66
N VAL E 115 -35.58 -34.92 2.10
CA VAL E 115 -36.77 -35.68 1.70
C VAL E 115 -37.57 -34.93 0.63
N GLU E 116 -37.65 -35.48 -0.58
CA GLU E 116 -38.30 -34.80 -1.71
C GLU E 116 -39.74 -34.44 -1.44
N ASN E 117 -40.42 -35.27 -0.66
CA ASN E 117 -41.80 -35.01 -0.29
C ASN E 117 -41.95 -34.43 1.11
N GLY E 118 -40.90 -33.73 1.55
CA GLY E 118 -40.92 -33.12 2.87
C GLY E 118 -41.48 -31.71 2.85
N LEU E 119 -41.46 -31.07 4.02
CA LEU E 119 -41.90 -29.69 4.10
C LEU E 119 -40.84 -28.78 3.49
N GLY E 120 -41.26 -27.59 3.07
CA GLY E 120 -40.34 -26.60 2.59
C GLY E 120 -40.58 -25.37 3.43
N GLU E 121 -39.81 -24.33 3.21
CA GLU E 121 -39.94 -23.15 4.04
C GLU E 121 -41.31 -22.53 3.84
N GLU E 122 -41.90 -22.79 2.68
CA GLU E 122 -43.20 -22.25 2.35
C GLU E 122 -44.31 -22.75 3.26
N ASP E 123 -44.09 -23.90 3.89
CA ASP E 123 -45.09 -24.52 4.76
C ASP E 123 -44.91 -24.18 6.24
N LEU E 124 -43.72 -23.72 6.60
CA LEU E 124 -43.32 -23.72 8.01
C LEU E 124 -44.15 -22.78 8.88
N VAL E 125 -44.33 -21.53 8.46
CA VAL E 125 -45.10 -20.61 9.27
C VAL E 125 -46.52 -21.12 9.48
N THR E 126 -47.14 -21.56 8.39
CA THR E 126 -48.52 -22.04 8.40
C THR E 126 -48.75 -23.17 9.38
N VAL E 127 -47.86 -24.16 9.40
CA VAL E 127 -48.04 -25.34 10.24
C VAL E 127 -47.47 -25.19 11.65
N VAL E 128 -46.82 -24.07 11.94
CA VAL E 128 -46.22 -23.90 13.26
C VAL E 128 -46.84 -22.79 14.10
N LEU E 129 -46.87 -21.60 13.51
CA LEU E 129 -47.22 -20.38 14.23
C LEU E 129 -48.58 -20.41 14.95
N PRO E 130 -49.65 -20.96 14.34
CA PRO E 130 -50.95 -20.86 15.02
C PRO E 130 -51.15 -21.74 16.26
N TYR E 131 -50.21 -22.64 16.53
CA TYR E 131 -50.44 -23.66 17.54
C TYR E 131 -49.48 -23.59 18.72
N VAL E 132 -48.80 -22.45 18.90
CA VAL E 132 -47.82 -22.29 19.97
C VAL E 132 -48.00 -20.98 20.70
N LYS E 133 -47.61 -20.96 21.98
CA LYS E 133 -47.81 -19.79 22.82
C LYS E 133 -46.48 -19.21 23.31
N SER E 134 -45.38 -19.72 22.77
CA SER E 134 -44.07 -19.20 23.09
C SER E 134 -43.08 -19.46 21.97
N ALA E 135 -41.98 -18.72 21.99
CA ALA E 135 -40.91 -18.95 21.05
C ALA E 135 -40.37 -20.37 21.18
N ARG E 136 -40.20 -20.82 22.41
CA ARG E 136 -39.63 -22.14 22.66
C ARG E 136 -40.56 -23.26 22.17
N GLU E 137 -41.87 -23.07 22.36
CA GLU E 137 -42.83 -24.04 21.84
C GLU E 137 -42.76 -24.11 20.33
N GLY E 138 -42.54 -22.95 19.70
CA GLY E 138 -42.39 -22.86 18.27
C GLY E 138 -41.25 -23.73 17.80
N VAL E 139 -40.13 -23.65 18.51
CA VAL E 139 -38.98 -24.50 18.23
C VAL E 139 -39.33 -25.98 18.37
N LYS E 140 -39.94 -26.35 19.50
CA LYS E 140 -40.21 -27.75 19.79
C LYS E 140 -41.20 -28.32 18.78
N ARG E 141 -42.21 -27.54 18.40
CA ARG E 141 -43.19 -28.03 17.43
C ARG E 141 -42.58 -28.21 16.04
N LEU E 142 -41.86 -27.19 15.59
CA LEU E 142 -41.15 -27.27 14.32
C LEU E 142 -40.19 -28.46 14.35
N GLY E 143 -39.50 -28.64 15.48
CA GLY E 143 -38.61 -29.77 15.63
C GLY E 143 -39.35 -31.08 15.39
N SER E 144 -40.54 -31.20 15.98
CA SER E 144 -41.36 -32.40 15.85
C SER E 144 -41.88 -32.68 14.43
N LEU E 145 -42.24 -31.62 13.71
CA LEU E 145 -42.78 -31.74 12.36
C LEU E 145 -41.72 -32.10 11.32
N LEU E 146 -40.49 -31.63 11.53
CA LEU E 146 -39.38 -32.02 10.68
C LEU E 146 -39.08 -33.51 10.89
N GLU E 147 -39.17 -33.95 12.14
CA GLU E 147 -38.96 -35.36 12.44
C GLU E 147 -40.00 -36.22 11.73
N GLU E 148 -41.24 -35.74 11.71
CA GLU E 148 -42.33 -36.53 11.16
C GLU E 148 -42.46 -36.47 9.63
N TYR E 149 -42.39 -35.29 9.05
CA TYR E 149 -42.62 -35.16 7.62
C TYR E 149 -41.32 -34.94 6.86
N GLY E 150 -40.26 -34.58 7.58
CA GLY E 150 -39.00 -34.26 6.93
C GLY E 150 -39.02 -32.95 6.16
N THR E 151 -37.91 -32.65 5.49
CA THR E 151 -37.81 -31.45 4.66
C THR E 151 -36.90 -31.70 3.47
N TYR E 152 -37.11 -30.97 2.38
CA TYR E 152 -36.28 -31.12 1.20
C TYR E 152 -35.24 -29.99 1.08
N GLU E 153 -35.21 -29.11 2.09
CA GLU E 153 -34.40 -27.87 2.12
C GLU E 153 -33.55 -27.68 3.38
N PRO E 154 -32.48 -26.87 3.29
CA PRO E 154 -31.82 -26.41 4.51
C PRO E 154 -32.33 -25.02 4.95
N ASN E 155 -33.00 -24.91 6.08
CA ASN E 155 -33.60 -23.63 6.48
C ASN E 155 -33.13 -23.13 7.85
N GLY E 156 -33.17 -21.81 8.01
CA GLY E 156 -33.01 -21.17 9.31
C GLY E 156 -34.28 -20.38 9.59
N ILE E 157 -34.79 -20.55 10.80
CA ILE E 157 -36.09 -20.02 11.21
C ILE E 157 -35.96 -19.28 12.54
N SER E 158 -36.55 -18.10 12.66
CA SER E 158 -36.50 -17.36 13.91
C SER E 158 -37.81 -17.39 14.68
N PHE E 159 -37.72 -17.49 15.99
CA PHE E 159 -38.90 -17.38 16.86
C PHE E 159 -38.64 -16.31 17.89
N ALA E 160 -39.69 -15.57 18.24
CA ALA E 160 -39.59 -14.62 19.32
C ALA E 160 -40.92 -14.47 20.04
N ASP E 161 -40.82 -14.23 21.34
CA ASP E 161 -41.92 -13.73 22.15
C ASP E 161 -41.32 -12.57 22.95
N ASN E 162 -42.04 -12.06 23.94
CA ASN E 162 -41.59 -10.88 24.70
C ASN E 162 -40.41 -11.18 25.62
N GLU E 163 -40.08 -12.47 25.81
CA GLU E 163 -38.98 -12.87 26.67
C GLU E 163 -37.76 -13.37 25.89
N GLU E 164 -38.01 -14.18 24.87
CA GLU E 164 -36.93 -14.94 24.25
C GLU E 164 -36.90 -14.82 22.72
N VAL E 165 -35.72 -15.02 22.18
CA VAL E 165 -35.53 -15.06 20.75
C VAL E 165 -34.81 -16.36 20.49
N TRP E 166 -35.31 -17.16 19.54
CA TRP E 166 -34.65 -18.42 19.21
C TRP E 166 -34.29 -18.48 17.73
N TRP E 167 -33.17 -19.13 17.43
CA TRP E 167 -32.77 -19.39 16.05
C TRP E 167 -32.72 -20.90 15.84
N LEU E 168 -33.53 -21.41 14.91
CA LEU E 168 -33.55 -22.84 14.60
C LEU E 168 -32.93 -23.11 13.26
N GLU E 169 -32.12 -24.16 13.17
CA GLU E 169 -31.59 -24.55 11.88
C GLU E 169 -31.91 -26.01 11.62
N THR E 170 -32.48 -26.29 10.45
CA THR E 170 -32.79 -27.66 10.06
C THR E 170 -31.53 -28.31 9.51
N ILE E 171 -31.39 -29.61 9.78
CA ILE E 171 -30.16 -30.36 9.58
C ILE E 171 -30.51 -31.67 8.88
N GLY E 172 -30.06 -31.81 7.63
CA GLY E 172 -30.45 -32.95 6.82
C GLY E 172 -31.96 -33.01 6.59
N GLY E 173 -32.47 -34.20 6.29
CA GLY E 173 -33.88 -34.39 6.04
C GLY E 173 -34.78 -34.29 7.27
N HIS E 174 -34.26 -34.60 8.45
CA HIS E 174 -35.14 -34.65 9.63
C HIS E 174 -34.58 -34.03 10.89
N HIS E 175 -33.28 -33.72 10.91
CA HIS E 175 -32.66 -33.26 12.15
C HIS E 175 -32.66 -31.74 12.30
N TRP E 176 -32.35 -31.28 13.53
CA TRP E 176 -32.39 -29.84 13.82
C TRP E 176 -31.68 -29.47 15.13
N ALA E 177 -31.39 -28.18 15.27
CA ALA E 177 -30.78 -27.66 16.47
C ALA E 177 -31.18 -26.22 16.60
N ALA E 178 -31.31 -25.72 17.83
CA ALA E 178 -31.74 -24.36 18.01
C ALA E 178 -31.04 -23.73 19.19
N VAL E 179 -30.90 -22.41 19.14
CA VAL E 179 -30.18 -21.69 20.17
C VAL E 179 -31.00 -20.50 20.65
N ARG E 180 -31.12 -20.32 21.96
CA ARG E 180 -31.73 -19.10 22.47
C ARG E 180 -30.72 -17.94 22.46
N ILE E 181 -31.05 -16.88 21.75
CA ILE E 181 -30.19 -15.71 21.71
C ILE E 181 -30.23 -15.07 23.11
N PRO E 182 -29.04 -14.91 23.73
CA PRO E 182 -28.99 -14.30 25.08
C PRO E 182 -29.60 -12.91 25.07
N ASP E 183 -30.17 -12.50 26.19
CA ASP E 183 -30.90 -11.25 26.29
C ASP E 183 -30.14 -10.03 25.79
N ASP E 184 -28.84 -10.02 26.00
CA ASP E 184 -28.00 -8.85 25.71
C ASP E 184 -27.31 -8.98 24.36
N ALA E 185 -27.71 -9.96 23.55
CA ALA E 185 -26.97 -10.24 22.33
C ALA E 185 -27.79 -9.92 21.10
N TYR E 186 -27.13 -10.01 19.94
CA TYR E 186 -27.76 -9.93 18.64
C TYR E 186 -27.08 -10.91 17.72
N VAL E 187 -27.74 -11.19 16.60
CA VAL E 187 -27.20 -12.07 15.59
C VAL E 187 -27.42 -11.44 14.23
N VAL E 188 -26.41 -11.53 13.35
CA VAL E 188 -26.59 -11.25 11.94
C VAL E 188 -26.42 -12.55 11.19
N ALA E 189 -27.46 -13.01 10.50
CA ALA E 189 -27.42 -14.35 9.88
C ALA E 189 -27.78 -14.34 8.38
N PRO E 190 -26.79 -14.66 7.52
CA PRO E 190 -27.03 -14.72 6.07
C PRO E 190 -27.45 -16.11 5.65
N ASN E 191 -27.40 -16.41 4.35
CA ASN E 191 -27.86 -17.70 3.82
C ASN E 191 -26.84 -18.80 4.02
N ARG E 192 -26.39 -18.94 5.25
CA ARG E 192 -25.34 -19.88 5.59
C ARG E 192 -25.66 -20.45 6.96
N MET E 193 -25.40 -21.73 7.16
CA MET E 193 -25.63 -22.29 8.49
C MET E 193 -24.82 -21.48 9.54
N ASN E 194 -25.48 -21.05 10.62
CA ASN E 194 -24.90 -20.05 11.52
C ASN E 194 -24.44 -20.56 12.89
N ILE E 195 -25.19 -21.52 13.45
CA ILE E 195 -24.92 -21.95 14.82
C ILE E 195 -23.49 -22.51 14.97
N ASP E 196 -22.71 -21.93 15.85
CA ASP E 196 -21.33 -22.39 16.02
C ASP E 196 -21.21 -23.24 17.27
N GLN E 197 -20.42 -22.81 18.25
CA GLN E 197 -20.18 -23.57 19.48
C GLN E 197 -21.51 -23.95 20.15
N PHE E 198 -21.66 -25.23 20.47
CA PHE E 198 -22.96 -25.78 20.90
C PHE E 198 -22.83 -26.67 22.15
N ASP E 199 -23.57 -26.28 23.18
CA ASP E 199 -23.63 -27.00 24.44
C ASP E 199 -24.97 -27.78 24.55
N PHE E 200 -24.90 -29.10 24.43
CA PHE E 200 -26.13 -29.91 24.52
C PHE E 200 -26.79 -29.78 25.91
N ASP E 201 -25.99 -29.67 26.95
CA ASP E 201 -26.54 -29.64 28.30
C ASP E 201 -27.46 -28.43 28.56
N SER E 202 -27.20 -27.32 27.86
CA SER E 202 -27.79 -26.03 28.19
C SER E 202 -29.29 -25.85 27.92
N ASP E 203 -29.91 -24.99 28.74
CA ASP E 203 -31.28 -24.50 28.53
C ASP E 203 -31.36 -23.61 27.34
N ASP E 204 -30.23 -23.03 26.96
CA ASP E 204 -30.27 -22.13 25.83
C ASP E 204 -30.21 -22.91 24.52
N THR E 205 -30.20 -24.25 24.59
CA THR E 205 -30.19 -25.05 23.36
C THR E 205 -31.24 -26.15 23.37
N LEU E 206 -31.69 -26.50 22.17
CA LEU E 206 -32.62 -27.59 21.92
C LEU E 206 -32.21 -28.24 20.61
N CYS E 207 -32.43 -29.55 20.47
CA CYS E 207 -32.08 -30.27 19.27
C CYS E 207 -32.70 -31.67 19.21
N SER E 208 -32.62 -32.27 18.03
CA SER E 208 -32.90 -33.70 17.85
C SER E 208 -32.33 -34.48 19.02
N SER E 209 -33.10 -35.42 19.56
CA SER E 209 -32.66 -36.15 20.74
C SER E 209 -31.43 -37.00 20.42
N ASP E 210 -31.28 -37.38 19.15
CA ASP E 210 -30.16 -38.20 18.72
C ASP E 210 -29.01 -37.43 18.06
N LEU E 211 -29.04 -36.11 18.12
CA LEU E 211 -28.08 -35.29 17.38
C LEU E 211 -26.62 -35.55 17.82
N LYS E 212 -26.38 -35.53 19.13
CA LYS E 212 -25.04 -35.78 19.65
C LYS E 212 -24.56 -37.18 19.25
N ASP E 213 -25.41 -38.18 19.45
CA ASP E 213 -25.06 -39.55 19.06
C ASP E 213 -24.87 -39.69 17.55
N LEU E 214 -25.72 -39.02 16.77
CA LEU E 214 -25.54 -39.00 15.30
C LEU E 214 -24.14 -38.51 14.93
N ILE E 215 -23.68 -37.48 15.64
CA ILE E 215 -22.36 -36.89 15.43
C ILE E 215 -21.26 -37.81 15.93
N ASP E 216 -21.34 -38.17 17.21
CA ASP E 216 -20.30 -38.97 17.85
C ASP E 216 -20.07 -40.31 17.15
N ASN E 217 -21.15 -40.95 16.70
CA ASN E 217 -21.04 -42.30 16.09
C ASN E 217 -20.76 -42.37 14.59
N ASN E 218 -20.73 -41.24 13.89
CA ASN E 218 -20.55 -41.30 12.44
C ASN E 218 -19.39 -40.47 11.96
N ASN E 219 -18.48 -40.16 12.88
CA ASN E 219 -17.31 -39.35 12.53
C ASN E 219 -17.68 -38.05 11.82
N LEU E 220 -18.68 -37.36 12.33
CA LEU E 220 -19.10 -36.11 11.72
C LEU E 220 -18.29 -34.90 12.20
N ASN E 221 -17.65 -35.04 13.35
CA ASN E 221 -17.00 -33.92 14.00
C ASN E 221 -15.58 -33.75 13.51
N PRO E 222 -15.29 -32.61 12.87
CA PRO E 222 -13.96 -32.31 12.33
C PRO E 222 -13.03 -31.71 13.41
N ASP E 223 -13.58 -31.33 14.56
CA ASP E 223 -12.79 -30.61 15.56
C ASP E 223 -12.24 -31.53 16.64
N PHE E 224 -11.05 -31.21 17.13
CA PHE E 224 -10.43 -31.98 18.20
C PHE E 224 -11.23 -31.90 19.49
N GLU E 225 -11.80 -30.74 19.80
CA GLU E 225 -12.63 -30.59 20.99
C GLU E 225 -13.99 -29.95 20.72
N ASN E 226 -14.97 -30.33 21.52
CA ASN E 226 -16.27 -29.68 21.56
C ASN E 226 -17.06 -29.77 20.26
N TYR E 227 -18.16 -29.03 20.19
CA TYR E 227 -19.07 -29.13 19.05
C TYR E 227 -19.39 -27.76 18.48
N ASN E 228 -19.04 -27.57 17.21
CA ASN E 228 -19.42 -26.41 16.44
C ASN E 228 -20.32 -26.92 15.31
N LEU E 229 -21.61 -26.64 15.39
CA LEU E 229 -22.59 -27.33 14.54
C LEU E 229 -22.40 -26.98 13.06
N ARG E 230 -22.01 -25.74 12.77
CA ARG E 230 -21.83 -25.39 11.37
C ARG E 230 -20.49 -25.93 10.83
N HIS E 231 -19.52 -26.17 11.71
CA HIS E 231 -18.37 -27.00 11.33
C HIS E 231 -18.81 -28.43 10.95
N ILE E 232 -19.73 -28.94 11.76
CA ILE E 232 -20.20 -30.32 11.64
C ILE E 232 -21.22 -30.49 10.52
N PHE E 233 -22.23 -29.62 10.48
CA PHE E 233 -23.38 -29.79 9.60
C PHE E 233 -23.41 -28.73 8.48
N GLY E 234 -22.56 -27.73 8.57
CA GLY E 234 -22.67 -26.61 7.65
C GLY E 234 -21.56 -26.58 6.64
N SER E 235 -21.33 -25.39 6.11
CA SER E 235 -20.33 -25.19 5.06
C SER E 235 -19.36 -24.05 5.37
N ALA E 236 -18.17 -24.19 4.81
CA ALA E 236 -17.21 -23.12 4.71
C ALA E 236 -16.70 -23.14 3.28
N SER E 237 -17.56 -22.73 2.35
CA SER E 237 -17.29 -22.79 0.91
C SER E 237 -16.76 -21.48 0.32
N ILE E 238 -16.37 -21.57 -0.96
CA ILE E 238 -15.96 -20.40 -1.72
C ILE E 238 -17.10 -19.41 -1.86
N LYS E 239 -18.30 -19.92 -2.12
CA LYS E 239 -19.45 -19.04 -2.23
C LYS E 239 -19.76 -18.35 -0.89
N ASP E 240 -19.53 -19.02 0.23
CA ASP E 240 -19.76 -18.38 1.52
C ASP E 240 -18.93 -17.10 1.68
N THR E 241 -17.66 -17.18 1.30
CA THR E 241 -16.72 -16.08 1.53
C THR E 241 -17.14 -14.84 0.75
N VAL E 242 -17.91 -15.04 -0.31
CA VAL E 242 -18.29 -13.90 -1.12
C VAL E 242 -19.76 -13.56 -0.97
N TYR E 243 -20.59 -14.56 -0.70
CA TYR E 243 -22.02 -14.34 -0.77
C TYR E 243 -22.62 -14.15 0.61
N ASN E 244 -21.96 -14.75 1.60
CA ASN E 244 -22.51 -14.85 2.93
C ASN E 244 -21.74 -14.10 4.00
N ASN E 245 -20.49 -14.49 4.21
CA ASN E 245 -19.63 -13.92 5.23
C ASN E 245 -19.52 -12.37 5.21
N PRO E 246 -19.45 -11.73 4.01
CA PRO E 246 -19.35 -10.26 4.04
C PRO E 246 -20.59 -9.58 4.64
N ARG E 247 -21.75 -10.18 4.46
CA ARG E 247 -22.97 -9.62 5.03
C ARG E 247 -22.95 -9.74 6.54
N THR E 248 -22.48 -10.87 7.05
CA THR E 248 -22.33 -11.02 8.48
C THR E 248 -21.34 -10.00 9.03
N TRP E 249 -20.20 -9.90 8.34
CA TRP E 249 -19.11 -9.03 8.75
C TRP E 249 -19.56 -7.59 8.87
N TYR E 250 -20.30 -7.16 7.84
CA TYR E 250 -20.82 -5.80 7.76
C TYR E 250 -21.71 -5.42 8.94
N GLY E 251 -22.70 -6.27 9.22
CA GLY E 251 -23.57 -6.10 10.36
C GLY E 251 -22.77 -6.06 11.66
N GLN E 252 -21.76 -6.93 11.75
CA GLN E 252 -20.97 -6.99 12.97
C GLN E 252 -20.05 -5.78 13.08
N LYS E 253 -19.60 -5.24 11.94
CA LYS E 253 -18.81 -4.01 11.96
C LYS E 253 -19.63 -2.84 12.48
N PHE E 254 -20.91 -2.80 12.11
CA PHE E 254 -21.81 -1.72 12.51
C PHE E 254 -22.17 -1.76 14.01
N PHE E 255 -22.44 -2.95 14.54
CA PHE E 255 -22.89 -3.06 15.94
C PHE E 255 -21.75 -3.30 16.91
N SER E 256 -20.71 -3.97 16.44
CA SER E 256 -19.55 -4.30 17.28
C SER E 256 -18.21 -3.89 16.62
N PRO E 257 -18.00 -2.58 16.40
CA PRO E 257 -16.80 -2.17 15.65
C PRO E 257 -15.46 -2.57 16.29
N ASP E 258 -15.38 -2.59 17.62
CA ASP E 258 -14.13 -2.90 18.29
C ASP E 258 -13.85 -4.41 18.56
N ASP E 259 -14.78 -5.30 18.19
CA ASP E 259 -14.59 -6.74 18.29
C ASP E 259 -14.52 -7.44 16.95
N THR E 260 -14.53 -6.66 15.88
CA THR E 260 -14.61 -7.27 14.57
C THR E 260 -13.43 -6.80 13.75
N ALA E 261 -12.68 -7.76 13.22
CA ALA E 261 -11.52 -7.49 12.40
C ALA E 261 -11.97 -6.99 11.03
N ASP E 262 -11.09 -7.02 10.03
CA ASP E 262 -11.35 -6.34 8.77
C ASP E 262 -11.39 -7.27 7.57
N ASP E 263 -11.61 -8.54 7.84
CA ASP E 263 -11.72 -9.51 6.79
C ASP E 263 -13.15 -9.98 6.68
N PRO E 264 -13.90 -9.48 5.68
CA PRO E 264 -15.29 -9.88 5.45
C PRO E 264 -15.40 -11.32 4.99
N MET E 265 -14.28 -11.96 4.68
CA MET E 265 -14.37 -13.29 4.10
C MET E 265 -14.36 -14.37 5.16
N GLU E 266 -13.94 -13.97 6.36
CA GLU E 266 -13.80 -14.84 7.53
C GLU E 266 -14.91 -15.88 7.68
N GLN E 267 -14.54 -17.16 7.71
CA GLN E 267 -15.51 -18.24 7.78
C GLN E 267 -15.99 -18.48 9.22
N ASP E 268 -15.24 -18.00 10.19
CA ASP E 268 -15.59 -18.27 11.58
C ASP E 268 -15.90 -17.02 12.39
N LEU E 269 -16.58 -16.06 11.76
CA LEU E 269 -17.16 -14.93 12.47
C LEU E 269 -18.10 -15.53 13.48
N PRO E 270 -18.15 -14.97 14.69
CA PRO E 270 -19.01 -15.56 15.73
C PRO E 270 -20.50 -15.49 15.36
N PHE E 271 -21.30 -16.39 15.91
CA PHE E 271 -22.75 -16.30 15.73
C PHE E 271 -23.35 -15.25 16.71
N ILE E 272 -23.26 -15.52 18.02
CA ILE E 272 -23.74 -14.60 19.05
C ILE E 272 -22.82 -13.39 19.20
N CYS E 273 -23.37 -12.18 19.25
CA CYS E 273 -22.53 -11.00 19.39
C CYS E 273 -23.07 -10.04 20.44
N HIS E 274 -22.22 -9.13 20.89
CA HIS E 274 -22.60 -8.10 21.85
C HIS E 274 -22.22 -6.73 21.32
N ALA E 275 -23.25 -5.91 21.10
CA ALA E 275 -23.09 -4.59 20.50
C ALA E 275 -22.48 -3.62 21.50
N ASN E 276 -21.96 -2.49 21.02
CA ASN E 276 -21.36 -1.53 21.94
C ASN E 276 -22.38 -0.52 22.44
N ARG E 277 -23.65 -0.78 22.12
CA ARG E 277 -24.78 0.10 22.41
C ARG E 277 -26.07 -0.69 22.21
N LYS E 278 -27.18 -0.14 22.67
CA LYS E 278 -28.47 -0.78 22.46
C LYS E 278 -28.92 -0.52 21.03
N ILE E 279 -29.69 -1.47 20.50
CA ILE E 279 -30.08 -1.47 19.11
C ILE E 279 -31.49 -0.94 18.90
N SER E 280 -31.65 -0.02 17.95
CA SER E 280 -32.96 0.55 17.68
C SER E 280 -33.53 -0.11 16.44
N VAL E 281 -34.83 0.10 16.20
CA VAL E 281 -35.46 -0.38 14.97
C VAL E 281 -34.79 0.29 13.79
N GLU E 282 -34.49 1.58 13.91
CA GLU E 282 -33.80 2.31 12.85
C GLU E 282 -32.42 1.69 12.49
N ASP E 283 -31.68 1.22 13.49
CA ASP E 283 -30.38 0.57 13.22
C ASP E 283 -30.62 -0.66 12.38
N VAL E 284 -31.59 -1.47 12.82
CA VAL E 284 -31.87 -2.72 12.16
C VAL E 284 -32.28 -2.50 10.72
N LYS E 285 -33.21 -1.56 10.51
CA LYS E 285 -33.63 -1.15 9.18
C LYS E 285 -32.41 -0.74 8.34
N PHE E 286 -31.51 0.08 8.90
CA PHE E 286 -30.34 0.52 8.14
C PHE E 286 -29.46 -0.64 7.62
N VAL E 287 -29.04 -1.54 8.52
CA VAL E 287 -28.16 -2.65 8.17
C VAL E 287 -28.76 -3.56 7.12
N LEU E 288 -30.06 -3.81 7.24
CA LEU E 288 -30.78 -4.67 6.29
C LEU E 288 -31.03 -3.97 4.95
N SER E 289 -30.80 -2.66 4.91
CA SER E 289 -30.99 -1.90 3.70
C SER E 289 -29.66 -1.53 3.07
N SER E 290 -28.57 -1.56 3.83
CA SER E 290 -27.37 -0.85 3.41
C SER E 290 -26.28 -1.76 2.90
N HIS E 291 -25.94 -1.51 1.64
CA HIS E 291 -25.21 -2.41 0.77
C HIS E 291 -23.69 -2.26 0.91
N PHE E 292 -23.23 -2.26 2.17
CA PHE E 292 -21.83 -2.04 2.58
C PHE E 292 -21.36 -0.58 2.56
N GLU E 293 -22.05 0.35 3.22
CA GLU E 293 -21.80 1.76 2.87
C GLU E 293 -20.99 2.68 3.80
N ASN E 294 -19.71 2.80 3.45
CA ASN E 294 -18.88 4.02 3.47
C ASN E 294 -17.84 3.80 2.36
N THR E 295 -16.66 4.42 2.40
CA THR E 295 -15.74 4.42 1.23
C THR E 295 -15.42 2.97 0.89
N LYS E 296 -15.52 2.15 1.93
CA LYS E 296 -15.30 0.71 2.03
C LYS E 296 -15.56 -0.13 0.73
N TYR E 297 -16.70 -0.80 0.63
CA TYR E 297 -17.03 -1.75 -0.43
C TYR E 297 -18.45 -1.57 -1.02
N ASP E 298 -18.73 -0.66 -1.94
CA ASP E 298 -20.14 -0.25 -2.02
C ASP E 298 -20.95 -0.61 -3.30
N VAL E 299 -22.21 -0.18 -3.34
CA VAL E 299 -23.07 -0.56 -4.46
C VAL E 299 -23.90 0.64 -5.04
N TYR E 300 -23.19 1.44 -5.83
CA TYR E 300 -21.72 1.47 -5.74
C TYR E 300 -21.16 2.89 -5.91
N GLY E 301 -19.93 3.08 -5.46
CA GLY E 301 -19.38 4.41 -5.23
C GLY E 301 -17.94 4.67 -5.65
N SER E 302 -17.31 5.59 -4.90
CA SER E 302 -16.03 6.24 -5.22
C SER E 302 -15.00 5.34 -5.93
N GLY E 303 -14.49 4.27 -5.30
CA GLY E 303 -13.63 3.34 -6.05
C GLY E 303 -12.14 3.14 -5.82
N SER E 304 -11.59 1.92 -5.90
CA SER E 304 -12.19 0.59 -6.17
C SER E 304 -13.11 0.33 -7.39
N GLN E 305 -12.99 -0.90 -7.90
CA GLN E 305 -14.07 -1.71 -8.53
C GLN E 305 -13.53 -2.95 -9.19
N SER E 306 -12.68 -3.63 -8.45
CA SER E 306 -12.64 -5.05 -8.51
C SER E 306 -11.91 -5.58 -7.28
N ASP E 307 -12.01 -4.87 -6.15
CA ASP E 307 -12.05 -5.57 -4.88
C ASP E 307 -13.55 -5.67 -4.54
N LYS E 308 -14.39 -4.88 -5.21
CA LYS E 308 -15.83 -5.13 -5.08
C LYS E 308 -16.44 -5.41 -6.45
N THR E 309 -16.43 -6.72 -6.62
CA THR E 309 -16.79 -7.54 -7.75
C THR E 309 -17.91 -8.54 -7.44
N LEU E 310 -17.71 -9.23 -6.31
CA LEU E 310 -18.20 -10.58 -6.16
C LEU E 310 -18.65 -10.90 -4.73
N PHE E 311 -18.83 -9.88 -3.89
CA PHE E 311 -19.39 -10.14 -2.55
C PHE E 311 -20.80 -9.57 -2.66
N ARG E 312 -21.68 -9.85 -1.71
CA ARG E 312 -23.10 -9.56 -1.94
C ARG E 312 -23.74 -8.45 -1.09
N PRO E 313 -24.23 -7.40 -1.77
CA PRO E 313 -24.98 -6.27 -1.22
C PRO E 313 -26.13 -6.72 -0.32
N ILE E 314 -26.27 -6.10 0.84
CA ILE E 314 -27.46 -6.31 1.66
C ILE E 314 -27.95 -4.95 2.21
N GLY E 315 -29.12 -4.50 1.77
CA GLY E 315 -30.02 -5.29 0.94
C GLY E 315 -30.31 -4.74 -0.44
N ILE E 316 -29.30 -4.44 -1.27
CA ILE E 316 -29.62 -3.91 -2.60
C ILE E 316 -28.73 -4.46 -3.78
N ASN E 317 -29.30 -5.43 -4.48
CA ASN E 317 -29.27 -5.58 -5.94
C ASN E 317 -30.77 -5.93 -6.18
N ARG E 318 -31.11 -7.21 -6.02
CA ARG E 318 -32.12 -7.53 -4.99
C ARG E 318 -33.61 -7.21 -5.28
N ASN E 319 -34.46 -7.46 -4.28
CA ASN E 319 -35.81 -6.91 -4.20
C ASN E 319 -35.73 -6.17 -2.86
N HIS E 320 -36.31 -4.98 -2.71
CA HIS E 320 -35.96 -4.21 -1.52
C HIS E 320 -37.11 -4.13 -0.53
N ASN E 321 -37.24 -5.19 0.26
CA ASN E 321 -38.24 -5.28 1.31
C ASN E 321 -37.63 -5.61 2.66
N VAL E 322 -37.69 -4.68 3.60
CA VAL E 322 -37.27 -4.96 4.96
C VAL E 322 -38.49 -5.26 5.82
N HIS E 323 -38.41 -6.33 6.61
CA HIS E 323 -39.49 -6.72 7.50
C HIS E 323 -38.97 -6.94 8.93
N ILE E 324 -39.55 -6.23 9.89
CA ILE E 324 -39.14 -6.35 11.30
C ILE E 324 -40.32 -6.71 12.23
N LEU E 325 -40.18 -7.83 12.94
CA LEU E 325 -41.18 -8.30 13.90
C LEU E 325 -40.69 -7.94 15.28
N GLN E 326 -41.45 -7.09 15.96
CA GLN E 326 -41.08 -6.60 17.29
C GLN E 326 -42.10 -7.03 18.34
N ILE E 327 -41.65 -7.64 19.44
CA ILE E 327 -42.55 -7.87 20.57
C ILE E 327 -42.11 -7.00 21.74
N ARG E 328 -42.91 -6.01 22.06
CA ARG E 328 -42.46 -4.98 22.98
C ARG E 328 -42.68 -5.38 24.45
N ASN E 329 -42.04 -4.66 25.36
CA ASN E 329 -42.32 -4.87 26.77
C ASN E 329 -42.72 -3.57 27.44
N ASN E 330 -43.23 -3.69 28.68
CA ASN E 330 -43.67 -2.53 29.45
C ASN E 330 -44.72 -1.69 28.70
N VAL E 331 -45.52 -2.37 27.88
CA VAL E 331 -46.73 -1.79 27.32
C VAL E 331 -47.74 -2.91 27.50
N PRO E 332 -49.04 -2.59 27.57
CA PRO E 332 -50.00 -3.68 27.72
C PRO E 332 -49.84 -4.73 26.62
N THR E 333 -50.03 -5.99 26.99
CA THR E 333 -49.89 -7.10 26.06
C THR E 333 -50.70 -6.93 24.78
N GLU E 334 -51.81 -6.20 24.85
CA GLU E 334 -52.70 -6.07 23.69
C GLU E 334 -52.09 -5.22 22.58
N ILE E 335 -51.06 -4.44 22.90
CA ILE E 335 -50.39 -3.63 21.89
C ILE E 335 -48.89 -3.91 21.79
N ALA E 336 -48.46 -5.08 22.25
CA ALA E 336 -47.02 -5.37 22.30
C ALA E 336 -46.45 -5.78 20.95
N GLY E 337 -47.24 -6.52 20.19
CA GLY E 337 -46.81 -7.03 18.90
C GLY E 337 -46.92 -5.96 17.84
N ILE E 338 -45.80 -5.66 17.19
CA ILE E 338 -45.78 -4.69 16.10
C ILE E 338 -45.19 -5.34 14.85
N HIS E 339 -45.91 -5.21 13.74
CA HIS E 339 -45.41 -5.61 12.42
C HIS E 339 -44.81 -4.46 11.63
N TRP E 340 -43.49 -4.29 11.66
CA TRP E 340 -42.86 -3.24 10.85
C TRP E 340 -42.76 -3.65 9.38
N LEU E 341 -43.67 -3.11 8.58
CA LEU E 341 -43.84 -3.55 7.20
C LEU E 341 -43.22 -2.60 6.19
N ALA E 342 -42.64 -3.17 5.13
CA ALA E 342 -41.91 -2.40 4.13
C ALA E 342 -42.84 -1.56 3.26
N TYR E 343 -42.34 -0.37 2.91
CA TYR E 343 -43.01 0.57 2.02
C TYR E 343 -42.06 1.73 1.74
N GLY E 344 -41.30 1.68 0.64
CA GLY E 344 -41.40 0.67 -0.39
C GLY E 344 -41.71 1.51 -1.60
N ALA E 345 -40.93 1.43 -2.69
CA ALA E 345 -39.78 0.54 -2.82
C ALA E 345 -38.59 1.31 -3.42
N ASN E 346 -37.84 0.61 -4.28
CA ASN E 346 -36.57 1.11 -4.82
C ASN E 346 -35.70 1.52 -3.64
N THR E 347 -35.19 2.74 -3.66
CA THR E 347 -34.39 3.24 -2.55
C THR E 347 -35.18 4.15 -1.61
N PHE E 348 -36.49 4.22 -1.82
CA PHE E 348 -37.34 5.04 -0.97
C PHE E 348 -38.17 4.17 -0.03
N ASN E 349 -37.56 3.13 0.52
CA ASN E 349 -38.32 2.20 1.36
C ASN E 349 -38.26 2.58 2.84
N THR E 350 -39.42 2.44 3.48
CA THR E 350 -39.58 2.67 4.90
C THR E 350 -40.19 1.44 5.54
N VAL E 351 -40.22 1.38 6.87
CA VAL E 351 -41.02 0.38 7.55
C VAL E 351 -42.08 1.08 8.36
N VAL E 352 -43.30 0.57 8.26
CA VAL E 352 -44.45 1.16 8.93
C VAL E 352 -44.83 0.28 10.10
N PRO E 353 -44.94 0.86 11.30
CA PRO E 353 -45.20 0.02 12.49
C PRO E 353 -46.67 -0.33 12.69
N PHE E 354 -47.19 -1.30 11.94
CA PHE E 354 -48.57 -1.73 12.14
C PHE E 354 -48.69 -2.58 13.39
N TYR E 355 -49.77 -2.35 14.14
CA TYR E 355 -50.13 -3.21 15.27
C TYR E 355 -50.57 -4.58 14.77
N ALA E 356 -50.06 -5.65 15.36
CA ALA E 356 -50.39 -6.99 14.87
C ALA E 356 -51.75 -7.42 15.39
N ASN E 357 -52.18 -6.84 16.51
CA ASN E 357 -53.40 -7.27 17.19
C ASN E 357 -54.70 -6.70 16.61
N VAL E 358 -55.07 -7.12 15.42
CA VAL E 358 -56.26 -6.64 14.73
C VAL E 358 -56.92 -7.80 13.97
N ASN E 359 -58.21 -7.79 13.66
CA ASN E 359 -58.68 -8.94 12.88
C ASN E 359 -58.94 -8.46 11.45
N ASP E 360 -58.72 -7.18 11.18
CA ASP E 360 -58.91 -6.63 9.84
C ASP E 360 -57.75 -5.71 9.46
N THR E 361 -57.60 -5.49 8.16
CA THR E 361 -56.49 -4.72 7.60
C THR E 361 -57.04 -3.46 6.91
N PRO E 362 -56.26 -2.35 6.90
CA PRO E 362 -56.61 -1.13 6.14
C PRO E 362 -57.08 -1.41 4.70
N VAL E 363 -58.07 -0.66 4.22
CA VAL E 363 -58.70 -0.95 2.91
C VAL E 363 -57.71 -1.03 1.76
N GLN E 364 -56.67 -0.20 1.79
CA GLN E 364 -55.60 -0.24 0.79
C GLN E 364 -55.05 -1.65 0.59
N TYR E 365 -55.06 -2.45 1.65
CA TYR E 365 -54.36 -3.71 1.61
C TYR E 365 -55.29 -4.89 1.35
N LYS E 366 -56.43 -4.62 0.73
CA LYS E 366 -57.35 -5.67 0.30
C LYS E 366 -57.74 -5.50 -1.19
N ASN E 367 -57.41 -4.33 -1.73
CA ASN E 367 -57.81 -3.94 -3.09
C ASN E 367 -56.89 -4.37 -4.24
N ALA E 368 -57.16 -3.76 -5.40
CA ALA E 368 -56.22 -3.71 -6.52
C ALA E 368 -55.88 -2.21 -6.65
N THR E 369 -54.64 -1.78 -6.98
CA THR E 369 -53.44 -2.45 -7.53
C THR E 369 -53.85 -3.14 -8.82
N GLY E 370 -54.72 -2.44 -9.55
CA GLY E 370 -55.03 -2.81 -10.90
C GLY E 370 -54.15 -1.88 -11.73
N LYS E 371 -54.75 -1.12 -12.64
CA LYS E 371 -53.92 -0.25 -13.45
C LYS E 371 -53.62 1.08 -12.77
N PHE E 372 -52.58 1.74 -13.28
CA PHE E 372 -52.03 2.98 -12.74
C PHE E 372 -53.06 3.99 -12.24
N ASP E 373 -52.89 4.39 -10.98
CA ASP E 373 -53.74 5.38 -10.33
C ASP E 373 -52.94 5.98 -9.16
N LEU E 374 -52.76 7.29 -9.15
CA LEU E 374 -51.90 7.89 -8.14
C LEU E 374 -52.55 7.99 -6.77
N ASN E 375 -53.81 7.60 -6.66
CA ASN E 375 -54.47 7.52 -5.37
C ASN E 375 -54.19 6.19 -4.71
N ASN E 376 -53.52 5.32 -5.46
CA ASN E 376 -53.17 3.99 -5.01
C ASN E 376 -51.72 3.94 -4.52
N MET E 377 -51.48 3.42 -3.31
CA MET E 377 -50.17 3.45 -2.64
C MET E 377 -49.09 2.83 -3.46
N TYR E 378 -49.48 1.77 -4.10
CA TYR E 378 -48.56 1.05 -4.89
C TYR E 378 -48.01 1.86 -6.08
N TRP E 379 -48.89 2.51 -6.85
CA TRP E 379 -48.47 3.28 -8.00
C TRP E 379 -47.74 4.57 -7.64
N LEU E 380 -48.18 5.22 -6.56
CA LEU E 380 -47.47 6.40 -6.08
C LEU E 380 -46.01 6.04 -5.80
N SER E 381 -45.79 4.90 -5.12
CA SER E 381 -44.45 4.37 -4.84
C SER E 381 -43.66 4.10 -6.10
N CYS E 382 -44.27 3.43 -7.08
CA CYS E 382 -43.60 3.19 -8.36
C CYS E 382 -43.17 4.49 -9.01
N THR E 383 -43.99 5.53 -8.88
CA THR E 383 -43.70 6.81 -9.53
C THR E 383 -42.49 7.48 -8.88
N THR E 384 -42.54 7.58 -7.55
CA THR E 384 -41.43 8.10 -6.76
C THR E 384 -40.14 7.29 -7.01
N ALA E 385 -40.27 5.97 -7.06
CA ALA E 385 -39.13 5.10 -7.32
C ALA E 385 -38.49 5.38 -8.68
N LEU E 386 -39.30 5.40 -9.74
CA LEU E 386 -38.80 5.63 -11.10
C LEU E 386 -38.17 7.00 -11.22
N LEU E 387 -38.79 7.97 -10.58
CA LEU E 387 -38.30 9.32 -10.65
C LEU E 387 -36.95 9.38 -9.95
N GLY E 388 -36.69 8.39 -9.09
CA GLY E 388 -35.48 8.35 -8.29
C GLY E 388 -34.17 8.15 -9.01
N ASP E 389 -34.17 7.35 -10.08
CA ASP E 389 -32.93 7.06 -10.81
C ASP E 389 -32.68 7.97 -12.03
N THR E 390 -33.26 9.16 -12.03
CA THR E 390 -33.05 10.15 -13.10
C THR E 390 -31.66 10.76 -13.02
N ASP E 391 -31.36 11.23 -11.82
CA ASP E 391 -30.21 12.05 -11.49
C ASP E 391 -30.02 11.67 -10.02
N TYR E 392 -29.64 10.41 -9.75
CA TYR E 392 -30.02 9.85 -8.46
C TYR E 392 -29.45 10.49 -7.17
N ASP E 393 -28.27 11.10 -7.13
CA ASP E 393 -28.06 11.88 -5.88
C ASP E 393 -27.95 13.36 -6.20
N PHE E 394 -29.07 13.77 -6.79
CA PHE E 394 -29.62 15.08 -6.67
C PHE E 394 -30.84 14.85 -5.74
N TYR E 395 -31.20 13.57 -5.59
CA TYR E 395 -32.36 13.19 -4.77
C TYR E 395 -32.12 12.45 -3.45
N VAL E 396 -30.86 12.25 -3.04
CA VAL E 396 -30.61 11.46 -1.85
C VAL E 396 -30.60 12.25 -0.54
N ASP E 397 -30.34 13.55 -0.62
CA ASP E 397 -30.25 14.30 0.62
C ASP E 397 -31.70 14.55 1.05
N MET E 398 -32.61 14.57 0.09
CA MET E 398 -34.03 14.64 0.41
C MET E 398 -34.60 13.23 0.55
N ARG E 399 -33.81 12.24 0.20
CA ARG E 399 -34.26 10.87 0.36
C ARG E 399 -34.08 10.46 1.82
N ASN E 400 -33.01 10.96 2.42
CA ASN E 400 -32.70 10.60 3.79
C ASN E 400 -33.62 11.37 4.73
N ASP E 401 -34.00 12.56 4.29
CA ASP E 401 -34.93 13.37 5.04
C ASP E 401 -36.33 12.83 4.95
N TYR E 402 -36.66 12.22 3.81
CA TYR E 402 -37.96 11.60 3.62
C TYR E 402 -38.16 10.50 4.66
N GLU E 403 -37.20 9.60 4.74
CA GLU E 403 -37.29 8.45 5.64
C GLU E 403 -37.29 8.89 7.11
N LEU E 404 -36.41 9.83 7.44
CA LEU E 404 -36.36 10.37 8.81
C LEU E 404 -37.69 10.97 9.21
N ASP E 405 -38.23 11.81 8.35
CA ASP E 405 -39.47 12.50 8.62
C ASP E 405 -40.68 11.56 8.64
N ALA E 406 -40.69 10.55 7.78
CA ALA E 406 -41.80 9.57 7.76
C ALA E 406 -41.75 8.68 9.01
N MET E 407 -40.57 8.17 9.34
CA MET E 407 -40.41 7.40 10.56
C MET E 407 -40.92 8.21 11.77
N SER E 408 -40.56 9.50 11.81
CA SER E 408 -40.95 10.37 12.90
C SER E 408 -42.45 10.43 13.05
N ALA E 409 -43.14 10.54 11.91
CA ALA E 409 -44.59 10.63 11.89
C ALA E 409 -45.21 9.30 12.31
N TYR E 410 -44.57 8.20 11.90
CA TYR E 410 -45.02 6.88 12.33
C TYR E 410 -44.88 6.73 13.84
N ARG E 411 -43.73 7.12 14.35
CA ARG E 411 -43.47 6.93 15.77
C ARG E 411 -44.41 7.82 16.56
N LYS E 412 -44.73 8.98 16.00
CA LYS E 412 -45.68 9.87 16.65
C LYS E 412 -47.04 9.18 16.83
N ILE E 413 -47.52 8.53 15.77
CA ILE E 413 -48.80 7.82 15.84
C ILE E 413 -48.68 6.67 16.83
N GLN E 414 -47.58 5.91 16.76
CA GLN E 414 -47.38 4.81 17.70
C GLN E 414 -47.39 5.31 19.15
N ASN E 415 -46.63 6.36 19.45
CA ASN E 415 -46.58 6.93 20.81
C ASN E 415 -47.93 7.49 21.32
N ASP E 416 -48.67 8.21 20.48
CA ASP E 416 -49.98 8.69 20.90
C ASP E 416 -50.95 7.54 21.13
N THR E 417 -50.88 6.53 20.27
CA THR E 417 -51.76 5.38 20.37
C THR E 417 -51.42 4.58 21.64
N ASP E 418 -50.13 4.33 21.84
CA ASP E 418 -49.64 3.68 23.06
C ASP E 418 -50.03 4.44 24.32
N ALA E 419 -49.92 5.76 24.29
CA ALA E 419 -50.09 6.54 25.52
C ALA E 419 -51.56 6.61 25.95
N ASP E 420 -52.47 6.24 25.04
CA ASP E 420 -53.90 6.37 25.28
C ASP E 420 -54.64 5.02 25.27
N ILE E 421 -53.91 3.95 25.51
CA ILE E 421 -54.48 2.60 25.45
C ILE E 421 -55.28 2.34 26.72
N SER E 422 -54.91 3.04 27.79
CA SER E 422 -55.30 2.68 29.15
C SER E 422 -56.79 2.60 29.44
N GLY E 423 -57.60 3.46 28.86
CA GLY E 423 -59.02 3.42 29.17
C GLY E 423 -59.93 2.91 28.06
N GLN E 424 -59.38 2.11 27.15
CA GLN E 424 -60.09 1.75 25.92
C GLN E 424 -60.96 0.51 25.99
N LYS E 425 -62.17 0.62 25.44
CA LYS E 425 -63.16 -0.44 25.56
C LYS E 425 -63.21 -1.38 24.35
N ASP E 426 -62.73 -0.94 23.20
CA ASP E 426 -62.69 -1.83 22.06
C ASP E 426 -61.31 -1.76 21.44
N ILE E 427 -60.37 -2.46 22.06
CA ILE E 427 -58.95 -2.34 21.71
C ILE E 427 -58.73 -2.65 20.25
N GLU E 428 -59.48 -3.61 19.75
CA GLU E 428 -59.30 -4.02 18.38
C GLU E 428 -59.69 -2.92 17.35
N LYS E 429 -60.81 -2.23 17.58
CA LYS E 429 -61.20 -1.14 16.69
C LYS E 429 -60.25 0.04 16.84
N TYR E 430 -59.77 0.23 18.06
CA TYR E 430 -58.77 1.24 18.39
C TYR E 430 -57.51 1.04 17.54
N LEU E 431 -57.01 -0.20 17.50
CA LEU E 431 -55.79 -0.49 16.79
C LEU E 431 -55.94 -0.44 15.26
N GLU E 432 -57.10 -0.86 14.77
CA GLU E 432 -57.43 -0.76 13.35
C GLU E 432 -57.40 0.70 12.87
N ASN E 433 -57.85 1.59 13.73
CA ASN E 433 -57.86 3.02 13.46
C ASN E 433 -56.47 3.60 13.43
N ALA E 434 -55.63 3.13 14.37
CA ALA E 434 -54.26 3.57 14.45
C ALA E 434 -53.53 3.12 13.20
N ASN E 435 -53.80 1.88 12.79
CA ASN E 435 -53.20 1.29 11.58
C ASN E 435 -53.60 2.01 10.30
N LYS E 436 -54.83 2.55 10.27
CA LYS E 436 -55.31 3.31 9.11
C LYS E 436 -54.70 4.75 9.11
N LYS E 437 -54.46 5.32 10.29
CA LYS E 437 -53.67 6.55 10.36
C LYS E 437 -52.29 6.33 9.76
N LEU E 438 -51.70 5.18 10.07
CA LEU E 438 -50.34 4.89 9.66
C LEU E 438 -50.28 4.71 8.15
N ALA E 439 -51.22 3.96 7.61
CA ALA E 439 -51.32 3.77 6.17
C ALA E 439 -51.52 5.12 5.48
N ASP E 440 -52.35 5.98 6.08
CA ASP E 440 -52.59 7.30 5.52
C ASP E 440 -51.34 8.21 5.50
N VAL E 441 -50.64 8.29 6.63
CA VAL E 441 -49.52 9.22 6.71
C VAL E 441 -48.35 8.70 5.89
N ALA E 442 -48.28 7.38 5.73
CA ALA E 442 -47.28 6.78 4.85
C ALA E 442 -47.53 7.22 3.41
N PHE E 443 -48.81 7.20 3.04
CA PHE E 443 -49.24 7.64 1.72
C PHE E 443 -49.00 9.13 1.55
N GLU E 444 -49.48 9.92 2.52
CA GLU E 444 -49.33 11.38 2.47
C GLU E 444 -47.85 11.77 2.35
N LYS E 445 -46.98 11.04 3.06
CA LYS E 445 -45.56 11.28 3.04
C LYS E 445 -44.97 10.99 1.67
N GLN E 446 -45.49 9.95 1.02
CA GLN E 446 -45.00 9.55 -0.29
C GLN E 446 -45.48 10.56 -1.32
N ASN E 447 -46.63 11.16 -1.05
CA ASN E 447 -47.16 12.18 -1.94
C ASN E 447 -46.39 13.49 -1.88
N LYS E 448 -46.03 13.90 -0.67
CA LYS E 448 -45.23 15.10 -0.46
C LYS E 448 -43.85 14.95 -1.09
N LEU E 449 -43.32 13.73 -1.06
CA LEU E 449 -42.02 13.42 -1.63
C LEU E 449 -42.07 13.61 -3.13
N LEU E 450 -43.15 13.13 -3.74
CA LEU E 450 -43.35 13.30 -5.18
C LEU E 450 -43.33 14.78 -5.53
N GLY E 451 -44.10 15.56 -4.78
CA GLY E 451 -44.18 16.99 -5.00
C GLY E 451 -42.84 17.67 -4.87
N ASP E 452 -42.06 17.27 -3.87
CA ASP E 452 -40.77 17.89 -3.60
C ASP E 452 -39.76 17.46 -4.66
N MET E 453 -39.83 16.20 -5.08
CA MET E 453 -38.96 15.69 -6.14
C MET E 453 -39.21 16.39 -7.47
N VAL E 454 -40.47 16.55 -7.85
CA VAL E 454 -40.79 17.21 -9.11
C VAL E 454 -40.50 18.71 -8.99
N THR E 455 -40.89 19.32 -7.87
CA THR E 455 -40.65 20.75 -7.66
C THR E 455 -39.15 21.08 -7.71
N THR E 456 -38.36 20.30 -7.00
CA THR E 456 -36.91 20.53 -6.95
C THR E 456 -36.29 20.04 -8.27
N GLY E 457 -36.89 18.99 -8.83
CA GLY E 457 -36.43 18.43 -10.08
C GLY E 457 -36.65 19.34 -11.29
N SER E 458 -37.85 19.91 -11.38
CA SER E 458 -38.20 20.76 -12.50
C SER E 458 -37.35 22.03 -12.50
N ASN E 459 -36.69 22.30 -11.38
CA ASN E 459 -35.94 23.53 -11.22
C ASN E 459 -34.44 23.34 -11.32
N ASN E 460 -34.00 22.08 -11.34
CA ASN E 460 -32.59 21.77 -11.50
C ASN E 460 -32.22 21.44 -12.94
N MET E 461 -33.07 20.64 -13.57
CA MET E 461 -32.93 20.31 -15.00
C MET E 461 -33.13 21.58 -15.83
N LYS E 462 -33.65 22.61 -15.21
CA LYS E 462 -33.67 23.93 -15.81
C LYS E 462 -32.37 24.57 -15.92
N LEU E 463 -31.44 24.05 -15.13
CA LEU E 463 -30.04 24.40 -15.24
C LEU E 463 -29.39 23.29 -16.03
N ARG E 464 -30.08 22.90 -17.08
CA ARG E 464 -29.43 22.25 -18.19
C ARG E 464 -28.99 23.39 -19.11
N TYR E 465 -29.95 24.24 -19.48
CA TYR E 465 -29.75 25.69 -19.47
C TYR E 465 -28.54 26.24 -20.27
N ASN E 466 -27.48 26.64 -19.55
CA ASN E 466 -26.31 27.40 -20.04
C ASN E 466 -26.63 28.91 -20.25
N LEU E 467 -25.95 29.79 -19.50
CA LEU E 467 -26.00 31.31 -19.57
C LEU E 467 -27.00 31.98 -18.61
N ASN E 468 -26.69 33.21 -18.19
CA ASN E 468 -27.22 33.77 -16.92
C ASN E 468 -27.93 35.14 -16.92
N ASP E 469 -28.51 35.44 -15.74
CA ASP E 469 -29.02 36.76 -15.34
C ASP E 469 -29.37 37.74 -16.46
CO CO F . 47.66 40.33 6.20
CO CO G . 19.43 31.87 32.90
C1 EDO H . 42.24 17.55 1.15
O1 EDO H . 42.13 16.41 2.01
C2 EDO H . 41.46 17.33 -0.13
O2 EDO H . 42.27 16.73 -1.15
C1 EDO I . 26.11 18.79 20.48
O1 EDO I . 25.04 18.52 21.41
C2 EDO I . 26.33 20.28 20.34
O2 EDO I . 25.12 20.94 19.94
C1 EDO J . 46.40 20.87 6.91
O1 EDO J . 47.36 21.94 6.99
C2 EDO J . 47.00 19.45 6.76
O2 EDO J . 47.74 19.34 5.53
CO CO K . -9.75 22.09 30.07
C ACT L . -15.29 4.05 18.06
O ACT L . -15.70 2.88 18.08
OXT ACT L . -15.79 4.79 18.93
CH3 ACT L . -14.27 4.52 17.05
CO CO M . 22.13 3.66 7.69
CO CO N . 33.38 -15.29 10.83
C1 EDO O . 34.00 -30.28 -5.96
O1 EDO O . 34.69 -31.44 -6.45
C2 EDO O . 32.62 -30.66 -5.41
O2 EDO O . 31.76 -29.51 -5.33
C1 EDO P . 22.88 -15.62 8.51
O1 EDO P . 23.41 -16.90 8.89
C2 EDO P . 22.53 -15.50 7.02
O2 EDO P . 21.12 -15.71 6.72
CO CO Q . 13.74 -18.71 5.13
CO CO R . -34.92 -14.79 30.28
#